data_6FMJ
#
_entry.id   6FMJ
#
_cell.length_a   93.518
_cell.length_b   93.518
_cell.length_c   364.314
_cell.angle_alpha   90.00
_cell.angle_beta   90.00
_cell.angle_gamma   90.00
#
_symmetry.space_group_name_H-M   'P 41 2 2'
#
loop_
_entity.id
_entity.type
_entity.pdbx_description
1 polymer Elongin-B
2 polymer Elongin-C
3 polymer 'von Hippel-Lindau disease tumor suppressor'
4 non-polymer (2~{S},4~{R})-1-[(2~{S})-2-acetamidopropanethioyl]-~{N}-[[4-(4-methyl-1,3-thiazol-5-yl)phenyl]methyl]-4-oxidanyl-pyrrolidine-2-carboxamide
5 water water
#
loop_
_entity_poly.entity_id
_entity_poly.type
_entity_poly.pdbx_seq_one_letter_code
_entity_poly.pdbx_strand_id
1 'polypeptide(L)'
;MDVFLMIRRHKTTIFTDAKESSTVFELKRIVEGILKRPPDEQRLYKDDQLLDDGKTLGE(CAS)GFTSQTARPQAPATVG
LAFRADDTFEAL(CAS)IEPFSSPPELPDVMK
;
A,D,G,J
2 'polypeptide(L)'
;MMYVKLISSDGHEFIVKREHALTSGTIKAMLSGPGQFAENETNEVNFREIPSHVLSKVCMYFTYKVRYTNSSTEIPEFPI
APEIALELLMAANFLDC
;
B,E,H,K
3 'polypeptide(L)'
;GSMEAGRPRPVLRSVNSREPSQVIF(CAS)NRSPRVVLPVWLNFDGEPQPYPTLPPGTGRRIHSYRGHLWLFRDAGTHDG
LLVNQTELFVPSLNVDGQPIFANITLPVYTLKERCLQVVRSLVKPENYRRLDIVRSLYEDLEDHPNVQKDLERLTQE
;
C,F,I,L
#
loop_
_chem_comp.id
_chem_comp.type
_chem_comp.name
_chem_comp.formula
DV5 non-polymer (2~{S},4~{R})-1-[(2~{S})-2-acetamidopropanethioyl]-~{N}-[[4-(4-methyl-1,3-thiazol-5-yl)phenyl]methyl]-4-oxidanyl-pyrrolidine-2-carboxamide 'C21 H26 N4 O3 S2'
#
# COMPACT_ATOMS: atom_id res chain seq x y z
N MET A 1 35.05 7.83 -22.12
CA MET A 1 33.85 6.98 -21.93
C MET A 1 33.43 6.31 -23.24
N ASP A 2 33.19 5.00 -23.19
CA ASP A 2 32.73 4.25 -24.35
C ASP A 2 31.25 4.50 -24.61
N VAL A 3 30.89 4.64 -25.89
CA VAL A 3 29.49 4.68 -26.32
C VAL A 3 29.31 3.52 -27.29
N PHE A 4 28.12 2.91 -27.26
CA PHE A 4 27.86 1.68 -27.98
C PHE A 4 26.77 1.95 -29.01
N LEU A 5 27.06 1.63 -30.26
CA LEU A 5 26.29 2.11 -31.39
C LEU A 5 25.82 0.97 -32.29
N MET A 6 24.71 1.23 -32.98
CA MET A 6 24.30 0.50 -34.18
C MET A 6 24.38 1.49 -35.34
N ILE A 7 25.29 1.27 -36.29
CA ILE A 7 25.39 2.11 -37.48
C ILE A 7 24.59 1.40 -38.57
N ARG A 8 23.56 2.06 -39.08
CA ARG A 8 22.54 1.39 -39.90
C ARG A 8 22.26 2.05 -41.25
N ARG A 9 22.25 1.23 -42.29
CA ARG A 9 21.84 1.63 -43.63
C ARG A 9 21.10 0.48 -44.29
N HIS A 10 19.91 0.75 -44.82
CA HIS A 10 19.12 -0.25 -45.58
C HIS A 10 18.93 -1.50 -44.71
N LYS A 11 19.49 -2.65 -45.09
CA LYS A 11 19.42 -3.88 -44.28
C LYS A 11 20.80 -4.23 -43.67
N THR A 12 21.60 -3.21 -43.39
CA THR A 12 22.94 -3.36 -42.86
C THR A 12 22.98 -2.71 -41.49
N THR A 13 23.62 -3.36 -40.52
CA THR A 13 23.73 -2.87 -39.16
C THR A 13 25.11 -3.26 -38.62
N ILE A 14 25.91 -2.26 -38.26
CA ILE A 14 27.21 -2.48 -37.65
C ILE A 14 27.06 -2.24 -36.15
N PHE A 15 27.41 -3.26 -35.35
CA PHE A 15 27.58 -3.07 -33.91
C PHE A 15 29.04 -2.71 -33.66
N THR A 16 29.26 -1.57 -33.01
CA THR A 16 30.61 -1.16 -32.58
C THR A 16 30.53 -0.17 -31.42
N ASP A 17 31.70 0.15 -30.87
CA ASP A 17 31.84 1.17 -29.85
C ASP A 17 32.80 2.25 -30.31
N ALA A 18 32.75 3.40 -29.64
CA ALA A 18 33.69 4.50 -29.89
C ALA A 18 33.79 5.34 -28.62
N LYS A 19 34.78 6.22 -28.58
CA LYS A 19 34.89 7.17 -27.47
C LYS A 19 33.86 8.27 -27.61
N GLU A 20 33.38 8.78 -26.49
CA GLU A 20 32.46 9.90 -26.46
C GLU A 20 33.14 11.14 -27.06
N SER A 21 34.45 11.25 -26.81
CA SER A 21 35.28 12.35 -27.32
C SER A 21 35.71 12.20 -28.78
N SER A 22 35.42 11.05 -29.41
CA SER A 22 35.77 10.84 -30.82
C SER A 22 34.81 11.57 -31.75
N THR A 23 35.27 11.83 -32.96
CA THR A 23 34.55 12.64 -33.92
C THR A 23 33.67 11.81 -34.86
N VAL A 24 32.73 12.48 -35.51
CA VAL A 24 31.91 11.91 -36.56
C VAL A 24 32.79 11.39 -37.71
N PHE A 25 33.80 12.17 -38.09
CA PHE A 25 34.72 11.75 -39.14
C PHE A 25 35.43 10.44 -38.80
N GLU A 26 35.91 10.34 -37.56
CA GLU A 26 36.58 9.12 -37.09
C GLU A 26 35.65 7.90 -37.13
N LEU A 27 34.36 8.09 -36.87
CA LEU A 27 33.37 7.03 -37.05
C LEU A 27 33.22 6.60 -38.51
N LYS A 28 33.31 7.54 -39.45
CA LYS A 28 33.33 7.22 -40.88
C LYS A 28 34.54 6.37 -41.27
N ARG A 29 35.67 6.60 -40.63
CA ARG A 29 36.88 5.78 -40.83
C ARG A 29 36.67 4.36 -40.33
N ILE A 30 35.89 4.19 -39.26
CA ILE A 30 35.52 2.86 -38.78
C ILE A 30 34.61 2.20 -39.80
N VAL A 31 33.63 2.93 -40.31
CA VAL A 31 32.74 2.42 -41.37
C VAL A 31 33.53 2.09 -42.63
N GLU A 32 34.53 2.91 -42.97
CA GLU A 32 35.37 2.66 -44.14
C GLU A 32 36.07 1.30 -44.08
N GLY A 33 36.67 0.99 -42.94
CA GLY A 33 37.35 -0.28 -42.73
C GLY A 33 36.43 -1.49 -42.86
N ILE A 34 35.18 -1.35 -42.43
CA ILE A 34 34.20 -2.42 -42.43
C ILE A 34 33.51 -2.58 -43.80
N LEU A 35 33.04 -1.47 -44.37
CA LEU A 35 32.26 -1.51 -45.62
C LEU A 35 32.97 -1.01 -46.88
N LYS A 36 34.24 -0.63 -46.77
CA LYS A 36 35.09 -0.27 -47.92
C LYS A 36 34.56 0.90 -48.76
N ARG A 37 34.07 1.92 -48.07
CA ARG A 37 33.62 3.17 -48.69
C ARG A 37 34.22 4.32 -47.89
N PRO A 38 34.89 5.27 -48.57
CA PRO A 38 35.59 6.31 -47.82
C PRO A 38 34.65 7.35 -47.21
N PRO A 39 35.14 8.13 -46.23
CA PRO A 39 34.33 9.15 -45.54
C PRO A 39 33.57 10.12 -46.45
N ASP A 40 34.21 10.60 -47.51
CA ASP A 40 33.56 11.52 -48.45
C ASP A 40 32.32 10.95 -49.14
N GLU A 41 32.21 9.62 -49.24
CA GLU A 41 31.03 8.96 -49.77
C GLU A 41 30.03 8.54 -48.69
N GLN A 42 30.14 9.10 -47.48
CA GLN A 42 29.29 8.73 -46.35
C GLN A 42 28.61 9.95 -45.73
N ARG A 43 27.34 9.81 -45.37
CA ARG A 43 26.65 10.77 -44.49
C ARG A 43 26.16 10.04 -43.25
N LEU A 44 26.51 10.56 -42.06
CA LEU A 44 26.03 10.00 -40.79
C LEU A 44 24.98 10.88 -40.14
N TYR A 45 24.00 10.24 -39.52
CA TYR A 45 22.81 10.91 -38.98
C TYR A 45 22.47 10.48 -37.54
N LYS A 46 21.94 11.42 -36.77
CA LYS A 46 21.19 11.12 -35.56
C LYS A 46 19.75 11.46 -35.93
N ASP A 47 18.91 10.43 -36.03
CA ASP A 47 17.54 10.56 -36.53
C ASP A 47 17.59 11.21 -37.92
N ASP A 48 16.94 12.36 -38.14
CA ASP A 48 16.98 13.04 -39.44
C ASP A 48 18.13 14.02 -39.59
N GLN A 49 18.85 14.31 -38.52
CA GLN A 49 19.90 15.33 -38.52
C GLN A 49 21.21 14.81 -39.10
N LEU A 50 21.71 15.51 -40.12
CA LEU A 50 23.03 15.21 -40.69
C LEU A 50 24.13 15.66 -39.73
N LEU A 51 25.09 14.78 -39.48
CA LEU A 51 26.18 15.06 -38.54
C LEU A 51 27.43 15.64 -39.22
N ASP A 52 27.99 16.69 -38.61
CA ASP A 52 29.20 17.36 -39.08
C ASP A 52 30.46 16.61 -38.64
N ASP A 53 31.40 16.45 -39.55
CA ASP A 53 32.62 15.66 -39.35
C ASP A 53 33.44 16.03 -38.11
N GLY A 54 33.58 17.32 -37.84
CA GLY A 54 34.40 17.80 -36.73
C GLY A 54 33.84 17.59 -35.33
N LYS A 55 32.54 17.34 -35.22
CA LYS A 55 31.87 17.28 -33.93
C LYS A 55 32.09 15.94 -33.23
N THR A 56 32.18 15.97 -31.90
CA THR A 56 32.33 14.75 -31.11
C THR A 56 30.99 14.03 -31.05
N LEU A 57 31.04 12.73 -30.80
CA LEU A 57 29.83 11.92 -30.65
C LEU A 57 29.03 12.39 -29.43
N GLY A 58 29.74 12.84 -28.40
CA GLY A 58 29.13 13.47 -27.23
C GLY A 58 28.39 14.76 -27.53
N GLU A 59 28.99 15.61 -28.36
CA GLU A 59 28.33 16.84 -28.84
C GLU A 59 27.05 16.52 -29.61
N CAS A 60 27.08 15.45 -30.41
CA CAS A 60 25.91 15.00 -31.17
CB CAS A 60 26.39 14.26 -32.44
C CAS A 60 24.97 14.11 -30.39
O CAS A 60 24.13 13.44 -30.99
SG CAS A 60 27.31 15.30 -33.51
AS CAS A 60 25.90 17.01 -33.92
CE1 CAS A 60 26.73 18.61 -33.08
CE2 CAS A 60 25.55 17.46 -35.83
N GLY A 61 25.08 14.08 -29.07
CA GLY A 61 24.12 13.41 -28.21
C GLY A 61 24.32 11.92 -27.93
N PHE A 62 25.44 11.36 -28.38
CA PHE A 62 25.80 9.97 -28.07
C PHE A 62 26.68 9.98 -26.83
N THR A 63 26.05 9.70 -25.69
CA THR A 63 26.72 9.67 -24.39
C THR A 63 26.66 8.26 -23.83
N SER A 64 27.61 7.97 -22.94
CA SER A 64 27.78 6.61 -22.41
C SER A 64 26.55 6.08 -21.67
N GLN A 65 25.76 6.97 -21.08
CA GLN A 65 24.55 6.57 -20.36
C GLN A 65 23.30 6.43 -21.22
N THR A 66 23.30 6.94 -22.45
CA THR A 66 22.23 6.69 -23.41
C THR A 66 22.58 5.60 -24.42
N ALA A 67 23.84 5.54 -24.84
CA ALA A 67 24.30 4.54 -25.81
C ALA A 67 24.98 3.39 -25.06
N ARG A 68 24.18 2.48 -24.55
CA ARG A 68 24.61 1.41 -23.64
C ARG A 68 24.83 0.10 -24.39
N PRO A 69 25.63 -0.83 -23.84
CA PRO A 69 25.87 -2.14 -24.47
C PRO A 69 24.59 -2.94 -24.77
N GLN A 70 23.70 -3.02 -23.78
CA GLN A 70 22.43 -3.73 -23.93
C GLN A 70 21.36 -3.03 -24.75
N ALA A 71 21.59 -1.76 -25.09
CA ALA A 71 20.62 -0.90 -25.77
C ALA A 71 21.36 0.24 -26.47
N PRO A 72 22.09 -0.08 -27.54
CA PRO A 72 22.94 0.88 -28.22
C PRO A 72 22.16 1.93 -29.02
N ALA A 73 22.74 3.10 -29.18
CA ALA A 73 22.13 4.20 -29.94
C ALA A 73 22.32 3.99 -31.43
N THR A 74 21.36 4.45 -32.23
CA THR A 74 21.38 4.26 -33.68
C THR A 74 21.99 5.46 -34.39
N VAL A 75 22.91 5.18 -35.31
CA VAL A 75 23.49 6.17 -36.20
C VAL A 75 23.13 5.77 -37.63
N GLY A 76 22.47 6.67 -38.34
CA GLY A 76 22.07 6.44 -39.73
C GLY A 76 23.26 6.64 -40.67
N LEU A 77 23.29 5.89 -41.76
CA LEU A 77 24.35 5.95 -42.75
C LEU A 77 23.72 6.00 -44.13
N ALA A 78 24.28 6.87 -44.98
CA ALA A 78 23.84 6.98 -46.37
C ALA A 78 25.08 7.08 -47.26
N PHE A 79 25.09 6.37 -48.38
CA PHE A 79 26.17 6.42 -49.36
C PHE A 79 25.89 7.31 -50.56
N ARG A 80 26.96 7.76 -51.20
CA ARG A 80 26.91 8.47 -52.47
C ARG A 80 27.17 7.48 -53.61
N ALA A 81 26.15 7.24 -54.42
CA ALA A 81 26.28 6.43 -55.62
C ALA A 81 26.80 7.31 -56.76
N ASP A 82 28.12 7.43 -56.85
CA ASP A 82 28.80 8.19 -57.90
C ASP A 82 28.57 9.71 -57.82
N ASP A 83 27.43 10.18 -58.35
CA ASP A 83 27.16 11.62 -58.44
C ASP A 83 26.62 12.21 -57.13
N THR A 84 25.45 11.71 -56.70
CA THR A 84 24.71 12.30 -55.58
C THR A 84 24.46 11.31 -54.43
N PHE A 85 24.13 11.85 -53.26
CA PHE A 85 23.82 11.04 -52.09
C PHE A 85 22.40 10.49 -52.15
N GLU A 86 22.26 9.20 -51.82
CA GLU A 86 20.95 8.58 -51.66
C GLU A 86 20.27 9.17 -50.42
N ALA A 87 18.96 8.99 -50.34
CA ALA A 87 18.20 9.38 -49.14
C ALA A 87 18.47 8.39 -48.01
N LEU A 88 18.46 8.88 -46.78
CA LEU A 88 18.59 8.04 -45.61
C LEU A 88 17.45 7.02 -45.61
N CAS A 89 17.81 5.74 -45.56
CA CAS A 89 16.84 4.64 -45.54
CB CAS A 89 16.70 4.09 -46.96
C CAS A 89 17.35 3.60 -44.58
O CAS A 89 18.43 3.06 -44.79
SG CAS A 89 15.80 2.57 -47.00
AS CAS A 89 13.76 3.34 -46.55
CE1 CAS A 89 12.52 2.81 -48.02
CE2 CAS A 89 13.11 2.57 -44.84
N ILE A 90 16.58 3.35 -43.52
CA ILE A 90 16.86 2.29 -42.55
C ILE A 90 15.66 1.34 -42.56
N GLU A 91 15.86 0.13 -43.07
CA GLU A 91 14.81 -0.88 -43.06
C GLU A 91 14.52 -1.29 -41.63
N PRO A 92 13.23 -1.31 -41.23
CA PRO A 92 12.93 -1.72 -39.86
C PRO A 92 13.15 -3.22 -39.67
N PHE A 93 13.42 -3.64 -38.44
CA PHE A 93 13.48 -5.07 -38.14
C PHE A 93 12.09 -5.69 -38.27
N SER A 94 12.07 -7.02 -38.29
CA SER A 94 10.82 -7.77 -38.38
C SER A 94 9.93 -7.51 -37.16
N SER A 95 8.63 -7.72 -37.33
CA SER A 95 7.68 -7.52 -36.24
C SER A 95 7.55 -8.81 -35.43
N PRO A 96 7.51 -8.69 -34.10
CA PRO A 96 7.24 -9.88 -33.29
C PRO A 96 5.82 -10.40 -33.51
N PRO A 97 5.58 -11.70 -33.31
CA PRO A 97 4.23 -12.21 -33.42
C PRO A 97 3.39 -11.75 -32.22
N GLU A 98 2.10 -12.07 -32.24
CA GLU A 98 1.25 -11.86 -31.07
C GLU A 98 1.77 -12.71 -29.92
N LEU A 99 1.67 -12.19 -28.70
CA LEU A 99 1.88 -12.99 -27.51
C LEU A 99 0.91 -14.16 -27.52
N PRO A 100 1.39 -15.40 -27.35
CA PRO A 100 0.46 -16.52 -27.18
C PRO A 100 -0.45 -16.32 -25.97
N ASP A 101 -1.57 -17.03 -25.93
CA ASP A 101 -2.54 -16.92 -24.83
C ASP A 101 -1.90 -17.12 -23.46
N VAL A 102 -0.98 -18.08 -23.38
CA VAL A 102 -0.30 -18.42 -22.12
C VAL A 102 0.55 -17.27 -21.57
N MET A 103 1.18 -16.48 -22.44
CA MET A 103 1.95 -15.30 -22.05
C MET A 103 1.09 -14.05 -21.93
N LYS A 104 -0.02 -14.00 -22.67
CA LYS A 104 -0.93 -12.87 -22.69
C LYS A 104 -1.75 -12.81 -21.39
N MET B 1 39.40 -3.81 -36.19
CA MET B 1 39.28 -5.22 -35.72
C MET B 1 38.78 -6.14 -36.84
N MET B 2 38.80 -7.44 -36.57
CA MET B 2 38.23 -8.44 -37.46
C MET B 2 36.73 -8.49 -37.17
N TYR B 3 35.92 -8.42 -38.21
CA TYR B 3 34.46 -8.49 -38.10
C TYR B 3 33.91 -9.72 -38.82
N VAL B 4 32.69 -10.10 -38.46
CA VAL B 4 31.95 -11.18 -39.12
C VAL B 4 30.53 -10.70 -39.37
N LYS B 5 29.87 -11.31 -40.36
CA LYS B 5 28.51 -10.97 -40.73
C LYS B 5 27.53 -12.07 -40.33
N LEU B 6 26.54 -11.71 -39.52
CA LEU B 6 25.46 -12.59 -39.11
C LEU B 6 24.18 -12.14 -39.83
N ILE B 7 23.60 -13.05 -40.62
CA ILE B 7 22.46 -12.72 -41.49
C ILE B 7 21.19 -13.39 -40.98
N SER B 8 20.16 -12.58 -40.75
CA SER B 8 18.88 -13.06 -40.22
C SER B 8 18.05 -13.71 -41.32
N SER B 9 16.97 -14.38 -40.92
CA SER B 9 16.08 -15.07 -41.86
C SER B 9 15.43 -14.13 -42.88
N ASP B 10 15.15 -12.90 -42.43
CA ASP B 10 14.56 -11.85 -43.28
C ASP B 10 15.58 -10.93 -43.99
N GLY B 11 16.86 -11.31 -44.01
CA GLY B 11 17.86 -10.63 -44.82
C GLY B 11 18.66 -9.49 -44.20
N HIS B 12 18.37 -9.12 -42.95
CA HIS B 12 19.19 -8.12 -42.25
C HIS B 12 20.59 -8.68 -41.97
N GLU B 13 21.60 -7.89 -42.32
CA GLU B 13 22.99 -8.28 -42.18
C GLU B 13 23.55 -7.52 -40.99
N PHE B 14 23.86 -8.27 -39.92
CA PHE B 14 24.42 -7.71 -38.70
C PHE B 14 25.91 -7.95 -38.70
N ILE B 15 26.69 -6.87 -38.57
CA ILE B 15 28.14 -6.94 -38.61
C ILE B 15 28.66 -6.68 -37.20
N VAL B 16 29.30 -7.69 -36.61
CA VAL B 16 29.84 -7.62 -35.25
C VAL B 16 31.30 -8.07 -35.20
N LYS B 17 32.01 -7.69 -34.16
CA LYS B 17 33.37 -8.19 -33.92
C LYS B 17 33.40 -9.71 -33.89
N ARG B 18 34.47 -10.30 -34.41
CA ARG B 18 34.61 -11.76 -34.44
C ARG B 18 34.60 -12.34 -33.03
N GLU B 19 35.41 -11.75 -32.15
CA GLU B 19 35.43 -12.09 -30.71
C GLU B 19 34.03 -12.17 -30.09
N HIS B 20 33.19 -11.19 -30.40
CA HIS B 20 31.83 -11.14 -29.85
C HIS B 20 30.96 -12.30 -30.33
N ALA B 21 31.04 -12.61 -31.62
CA ALA B 21 30.27 -13.70 -32.21
C ALA B 21 30.79 -15.07 -31.76
N LEU B 22 32.10 -15.19 -31.60
CA LEU B 22 32.73 -16.42 -31.11
C LEU B 22 32.35 -16.82 -29.69
N THR B 23 31.71 -15.93 -28.94
CA THR B 23 31.02 -16.27 -27.69
C THR B 23 30.03 -17.44 -27.85
N SER B 24 29.41 -17.55 -29.02
CA SER B 24 28.54 -18.68 -29.36
C SER B 24 29.33 -19.81 -29.99
N GLY B 25 29.29 -20.99 -29.36
CA GLY B 25 29.93 -22.19 -29.89
C GLY B 25 29.36 -22.63 -31.22
N THR B 26 28.05 -22.46 -31.39
CA THR B 26 27.38 -22.76 -32.65
C THR B 26 27.93 -21.91 -33.80
N ILE B 27 28.08 -20.61 -33.56
CA ILE B 27 28.58 -19.69 -34.57
C ILE B 27 30.05 -19.99 -34.89
N LYS B 28 30.83 -20.37 -33.88
CA LYS B 28 32.23 -20.75 -34.09
C LYS B 28 32.33 -21.95 -35.04
N ALA B 29 31.47 -22.95 -34.81
CA ALA B 29 31.38 -24.12 -35.69
C ALA B 29 30.95 -23.76 -37.11
N MET B 30 29.92 -22.92 -37.23
CA MET B 30 29.45 -22.44 -38.52
C MET B 30 30.48 -21.60 -39.31
N LEU B 31 31.39 -20.93 -38.61
CA LEU B 31 32.47 -20.17 -39.25
C LEU B 31 33.67 -21.05 -39.64
N SER B 32 34.05 -21.98 -38.76
CA SER B 32 35.07 -22.98 -39.07
C SER B 32 34.51 -24.06 -39.98
N ASN B 43 33.44 -16.19 -43.03
CA ASN B 43 33.20 -14.84 -42.53
C ASN B 43 31.75 -14.36 -42.62
N GLU B 44 30.85 -15.16 -43.19
CA GLU B 44 29.40 -14.91 -43.11
C GLU B 44 28.70 -16.16 -42.58
N VAL B 45 27.59 -15.95 -41.87
CA VAL B 45 26.71 -17.02 -41.41
C VAL B 45 25.26 -16.61 -41.67
N ASN B 46 24.51 -17.47 -42.36
CA ASN B 46 23.07 -17.29 -42.57
C ASN B 46 22.25 -18.09 -41.56
N PHE B 47 21.30 -17.40 -40.91
CA PHE B 47 20.38 -18.01 -39.96
C PHE B 47 18.98 -18.06 -40.57
N ARG B 48 18.56 -19.26 -40.96
CA ARG B 48 17.26 -19.44 -41.60
C ARG B 48 16.06 -19.32 -40.66
N GLU B 49 16.27 -19.47 -39.36
CA GLU B 49 15.17 -19.46 -38.38
C GLU B 49 15.13 -18.27 -37.43
N ILE B 50 16.13 -17.40 -37.44
CA ILE B 50 16.22 -16.30 -36.49
C ILE B 50 15.88 -15.00 -37.21
N PRO B 51 14.72 -14.39 -36.91
CA PRO B 51 14.38 -13.12 -37.54
C PRO B 51 15.21 -11.96 -36.97
N SER B 52 15.19 -10.83 -37.65
CA SER B 52 16.04 -9.69 -37.31
C SER B 52 15.75 -9.13 -35.92
N HIS B 53 14.48 -9.08 -35.54
CA HIS B 53 14.09 -8.61 -34.20
C HIS B 53 14.58 -9.49 -33.04
N VAL B 54 14.98 -10.71 -33.34
CA VAL B 54 15.64 -11.60 -32.38
C VAL B 54 17.16 -11.49 -32.49
N LEU B 55 17.68 -11.53 -33.72
CA LEU B 55 19.14 -11.53 -33.92
C LEU B 55 19.81 -10.21 -33.54
N SER B 56 19.10 -9.10 -33.67
CA SER B 56 19.59 -7.81 -33.16
C SER B 56 19.81 -7.87 -31.65
N LYS B 57 18.84 -8.43 -30.93
CA LYS B 57 18.96 -8.62 -29.49
C LYS B 57 20.09 -9.58 -29.10
N VAL B 58 20.28 -10.64 -29.89
CA VAL B 58 21.43 -11.53 -29.72
C VAL B 58 22.75 -10.76 -29.82
N CYS B 59 22.88 -9.92 -30.84
CA CYS B 59 24.08 -9.09 -31.01
C CYS B 59 24.30 -8.13 -29.84
N MET B 60 23.22 -7.54 -29.34
CA MET B 60 23.29 -6.65 -28.18
C MET B 60 23.73 -7.39 -26.92
N TYR B 61 23.32 -8.66 -26.79
CA TYR B 61 23.79 -9.51 -25.70
C TYR B 61 25.30 -9.73 -25.75
N PHE B 62 25.87 -9.95 -26.93
CA PHE B 62 27.33 -10.10 -27.04
C PHE B 62 28.05 -8.89 -26.45
N THR B 63 27.61 -7.70 -26.84
CA THR B 63 28.21 -6.45 -26.34
C THR B 63 28.09 -6.35 -24.82
N TYR B 64 26.89 -6.66 -24.32
CA TYR B 64 26.59 -6.66 -22.89
C TYR B 64 27.50 -7.62 -22.13
N LYS B 65 27.62 -8.85 -22.61
CA LYS B 65 28.42 -9.87 -21.93
C LYS B 65 29.90 -9.50 -21.90
N VAL B 66 30.42 -8.99 -23.01
CA VAL B 66 31.84 -8.64 -23.12
C VAL B 66 32.17 -7.40 -22.28
N ARG B 67 31.23 -6.46 -22.20
CA ARG B 67 31.41 -5.26 -21.39
C ARG B 67 31.36 -5.57 -19.89
N TYR B 68 30.49 -6.49 -19.48
CA TYR B 68 30.18 -6.70 -18.06
C TYR B 68 30.74 -7.98 -17.43
N THR B 69 31.33 -8.88 -18.22
CA THR B 69 32.01 -10.05 -17.68
C THR B 69 33.36 -9.62 -17.10
N ASN B 70 33.60 -10.00 -15.85
CA ASN B 70 34.74 -9.53 -15.06
C ASN B 70 34.79 -8.01 -14.97
N SER B 71 33.89 -7.46 -14.17
CA SER B 71 33.81 -6.01 -13.96
C SER B 71 33.26 -5.70 -12.56
N SER B 72 33.87 -4.72 -11.90
CA SER B 72 33.44 -4.28 -10.57
C SER B 72 32.21 -3.40 -10.63
N THR B 73 32.14 -2.54 -11.66
CA THR B 73 31.00 -1.64 -11.88
C THR B 73 29.67 -2.41 -11.89
N GLU B 74 28.64 -1.81 -11.29
CA GLU B 74 27.36 -2.48 -11.08
C GLU B 74 26.76 -2.92 -12.40
N ILE B 75 26.25 -4.14 -12.45
CA ILE B 75 25.74 -4.76 -13.67
C ILE B 75 24.25 -4.46 -13.80
N PRO B 76 23.82 -3.92 -14.95
CA PRO B 76 22.38 -3.72 -15.15
C PRO B 76 21.72 -4.98 -15.69
N GLU B 77 20.40 -5.05 -15.51
CA GLU B 77 19.59 -6.12 -16.06
C GLU B 77 19.61 -6.07 -17.59
N PHE B 78 19.82 -7.23 -18.23
CA PHE B 78 19.69 -7.34 -19.67
C PHE B 78 18.21 -7.41 -20.03
N PRO B 79 17.69 -6.41 -20.76
CA PRO B 79 16.25 -6.31 -20.95
C PRO B 79 15.75 -7.17 -22.11
N ILE B 80 14.61 -7.82 -21.91
CA ILE B 80 13.98 -8.64 -22.95
C ILE B 80 12.48 -8.37 -22.90
N ALA B 81 11.93 -7.82 -23.98
CA ALA B 81 10.50 -7.59 -24.09
C ALA B 81 9.74 -8.91 -24.11
N PRO B 82 8.52 -8.94 -23.51
CA PRO B 82 7.69 -10.15 -23.56
C PRO B 82 7.41 -10.70 -24.96
N GLU B 83 7.32 -9.82 -25.95
CA GLU B 83 6.97 -10.21 -27.31
C GLU B 83 8.05 -11.05 -28.00
N ILE B 84 9.31 -10.83 -27.66
CA ILE B 84 10.44 -11.53 -28.28
C ILE B 84 11.07 -12.64 -27.41
N ALA B 85 10.58 -12.82 -26.19
CA ALA B 85 11.24 -13.69 -25.22
C ALA B 85 11.25 -15.15 -25.64
N LEU B 86 10.12 -15.63 -26.16
CA LEU B 86 10.02 -17.02 -26.59
C LEU B 86 10.96 -17.33 -27.76
N GLU B 87 10.94 -16.49 -28.78
CA GLU B 87 11.83 -16.67 -29.92
C GLU B 87 13.31 -16.51 -29.55
N LEU B 88 13.60 -15.56 -28.67
CA LEU B 88 14.97 -15.34 -28.20
C LEU B 88 15.48 -16.55 -27.40
N LEU B 89 14.60 -17.15 -26.59
CA LEU B 89 14.91 -18.39 -25.87
C LEU B 89 15.34 -19.48 -26.84
N MET B 90 14.54 -19.69 -27.88
CA MET B 90 14.82 -20.73 -28.87
C MET B 90 16.17 -20.50 -29.56
N ALA B 91 16.46 -19.24 -29.89
CA ALA B 91 17.73 -18.87 -30.50
C ALA B 91 18.91 -19.08 -29.55
N ALA B 92 18.76 -18.65 -28.31
CA ALA B 92 19.78 -18.87 -27.27
C ALA B 92 20.08 -20.36 -27.03
N ASN B 93 19.04 -21.19 -27.09
CA ASN B 93 19.22 -22.64 -26.97
C ASN B 93 19.99 -23.23 -28.15
N PHE B 94 19.66 -22.78 -29.36
CA PHE B 94 20.37 -23.20 -30.57
C PHE B 94 21.82 -22.73 -30.57
N LEU B 95 22.02 -21.46 -30.26
CA LEU B 95 23.34 -20.83 -30.25
C LEU B 95 24.19 -21.14 -29.02
N ASP B 96 23.58 -21.69 -27.97
CA ASP B 96 24.27 -22.03 -26.72
C ASP B 96 25.02 -20.86 -26.10
N CYS B 97 24.26 -19.82 -25.74
CA CYS B 97 24.83 -18.62 -25.12
C CYS B 97 23.89 -18.02 -24.06
N VAL C 11 27.96 -31.08 4.66
CA VAL C 11 29.30 -30.58 4.23
C VAL C 11 29.36 -29.06 4.31
N LEU C 12 28.58 -28.38 3.47
CA LEU C 12 28.49 -26.92 3.54
C LEU C 12 27.62 -26.50 4.72
N ARG C 13 28.27 -26.01 5.77
CA ARG C 13 27.61 -25.50 6.95
C ARG C 13 28.43 -24.38 7.61
N SER C 14 27.77 -23.59 8.44
CA SER C 14 28.46 -22.56 9.20
C SER C 14 29.29 -23.21 10.30
N VAL C 15 30.44 -22.63 10.58
CA VAL C 15 31.31 -23.05 11.67
C VAL C 15 30.83 -22.35 12.95
N ASN C 16 30.54 -23.11 13.99
CA ASN C 16 30.06 -22.55 15.25
C ASN C 16 31.23 -21.93 16.04
N SER C 17 31.63 -20.73 15.61
CA SER C 17 32.81 -20.05 16.15
C SER C 17 32.49 -19.17 17.36
N ARG C 18 31.29 -18.61 17.38
CA ARG C 18 30.84 -17.66 18.42
C ARG C 18 31.72 -16.41 18.50
N GLU C 19 32.32 -16.01 17.38
CA GLU C 19 33.15 -14.80 17.30
C GLU C 19 32.40 -13.79 16.42
N PRO C 20 31.83 -12.74 17.03
CA PRO C 20 31.03 -11.78 16.27
C PRO C 20 31.72 -11.18 15.05
N SER C 21 30.94 -10.95 14.00
CA SER C 21 31.38 -10.25 12.82
C SER C 21 30.24 -9.39 12.32
N GLN C 22 30.47 -8.08 12.30
CA GLN C 22 29.47 -7.11 11.82
C GLN C 22 29.60 -7.02 10.31
N VAL C 23 28.46 -7.01 9.62
CA VAL C 23 28.40 -7.05 8.16
C VAL C 23 27.36 -6.08 7.64
N ILE C 24 27.65 -5.48 6.49
CA ILE C 24 26.70 -4.68 5.71
C ILE C 24 26.28 -5.49 4.49
N PHE C 25 25.00 -5.87 4.43
CA PHE C 25 24.41 -6.45 3.23
C PHE C 25 23.98 -5.29 2.34
N CAS C 26 24.66 -5.12 1.21
CA CAS C 26 24.39 -4.03 0.27
CB CAS C 26 25.69 -3.27 0.05
C CAS C 26 23.84 -4.60 -1.01
O CAS C 26 24.57 -5.26 -1.76
SG CAS C 26 25.50 -1.93 -1.08
AS CAS C 26 24.28 -0.52 0.13
CE1 CAS C 26 22.64 -0.15 -0.93
CE2 CAS C 26 25.24 1.21 0.38
N ASN C 27 22.56 -4.34 -1.26
CA ASN C 27 21.90 -4.84 -2.46
C ASN C 27 22.10 -3.87 -3.63
N ARG C 28 23.12 -4.13 -4.45
CA ARG C 28 23.33 -3.36 -5.67
C ARG C 28 22.77 -4.12 -6.88
N SER C 29 21.53 -4.56 -6.77
CA SER C 29 20.85 -5.27 -7.84
C SER C 29 19.43 -4.72 -8.00
N PRO C 30 18.77 -4.99 -9.14
CA PRO C 30 17.38 -4.56 -9.31
C PRO C 30 16.35 -5.53 -8.69
N ARG C 31 16.80 -6.58 -8.02
CA ARG C 31 15.91 -7.59 -7.45
C ARG C 31 15.67 -7.36 -5.95
N VAL C 32 14.57 -7.91 -5.46
CA VAL C 32 14.35 -8.04 -4.02
C VAL C 32 15.21 -9.22 -3.57
N VAL C 33 16.08 -9.01 -2.60
CA VAL C 33 17.08 -10.02 -2.20
C VAL C 33 16.64 -10.82 -0.98
N LEU C 34 16.80 -12.14 -1.06
CA LEU C 34 16.58 -13.05 0.07
C LEU C 34 17.96 -13.52 0.55
N PRO C 35 18.41 -13.04 1.72
CA PRO C 35 19.61 -13.63 2.32
C PRO C 35 19.30 -14.99 2.93
N VAL C 36 20.18 -15.97 2.66
CA VAL C 36 20.03 -17.34 3.16
C VAL C 36 21.27 -17.72 3.97
N TRP C 37 21.06 -18.04 5.25
CA TRP C 37 22.11 -18.49 6.14
C TRP C 37 22.10 -20.02 6.20
N LEU C 38 23.26 -20.64 5.98
CA LEU C 38 23.40 -22.08 6.12
C LEU C 38 23.73 -22.37 7.57
N ASN C 39 22.79 -22.95 8.30
CA ASN C 39 22.96 -23.18 9.73
C ASN C 39 23.94 -24.31 10.05
N PHE C 40 24.08 -24.65 11.33
CA PHE C 40 25.12 -25.58 11.77
C PHE C 40 24.91 -27.02 11.30
N ASP C 41 23.69 -27.37 10.91
CA ASP C 41 23.38 -28.66 10.30
C ASP C 41 23.25 -28.60 8.78
N GLY C 42 23.64 -27.47 8.18
CA GLY C 42 23.57 -27.28 6.73
C GLY C 42 22.21 -26.96 6.14
N GLU C 43 21.21 -26.66 6.98
CA GLU C 43 19.88 -26.31 6.51
C GLU C 43 19.81 -24.82 6.19
N PRO C 44 19.24 -24.46 5.03
CA PRO C 44 19.12 -23.05 4.68
C PRO C 44 18.03 -22.36 5.49
N GLN C 45 18.40 -21.25 6.15
CA GLN C 45 17.46 -20.41 6.89
C GLN C 45 17.26 -19.09 6.15
N PRO C 46 16.01 -18.79 5.74
CA PRO C 46 15.73 -17.52 5.08
C PRO C 46 15.72 -16.38 6.09
N TYR C 47 16.22 -15.22 5.66
CA TYR C 47 16.25 -13.99 6.47
C TYR C 47 15.39 -12.92 5.80
N PRO C 48 15.11 -11.80 6.51
CA PRO C 48 14.26 -10.78 5.89
C PRO C 48 14.83 -10.22 4.58
N THR C 49 13.95 -9.79 3.69
CA THR C 49 14.34 -9.36 2.35
C THR C 49 14.94 -7.95 2.33
N LEU C 50 15.77 -7.68 1.33
CA LEU C 50 16.27 -6.33 1.04
C LEU C 50 15.70 -5.83 -0.29
N PRO C 51 14.96 -4.71 -0.27
CA PRO C 51 14.53 -4.12 -1.55
C PRO C 51 15.69 -3.64 -2.43
N PRO C 52 15.45 -3.47 -3.74
CA PRO C 52 16.51 -3.05 -4.66
C PRO C 52 17.23 -1.77 -4.20
N GLY C 53 18.55 -1.78 -4.26
CA GLY C 53 19.36 -0.61 -3.90
C GLY C 53 19.45 -0.27 -2.42
N THR C 54 19.02 -1.17 -1.54
CA THR C 54 18.98 -0.90 -0.10
C THR C 54 20.06 -1.66 0.67
N GLY C 55 20.26 -1.25 1.91
CA GLY C 55 21.31 -1.81 2.78
C GLY C 55 20.81 -2.11 4.17
N ARG C 56 21.45 -3.09 4.81
CA ARG C 56 21.14 -3.48 6.18
C ARG C 56 22.46 -3.77 6.89
N ARG C 57 22.65 -3.18 8.07
CA ARG C 57 23.77 -3.53 8.93
C ARG C 57 23.30 -4.66 9.84
N ILE C 58 23.97 -5.80 9.76
CA ILE C 58 23.54 -7.00 10.47
C ILE C 58 24.67 -7.62 11.27
N HIS C 59 24.28 -8.41 12.26
CA HIS C 59 25.21 -9.11 13.13
C HIS C 59 25.26 -10.56 12.65
N SER C 60 26.47 -11.03 12.32
CA SER C 60 26.72 -12.43 11.98
C SER C 60 27.93 -12.92 12.77
N TYR C 61 28.60 -13.97 12.31
CA TYR C 61 29.77 -14.52 13.01
C TYR C 61 30.82 -15.01 12.04
N ARG C 62 32.07 -15.08 12.51
CA ARG C 62 33.17 -15.56 11.68
C ARG C 62 32.95 -17.03 11.33
N GLY C 63 33.18 -17.36 10.06
CA GLY C 63 32.99 -18.71 9.56
C GLY C 63 31.57 -19.07 9.13
N HIS C 64 30.61 -18.18 9.33
CA HIS C 64 29.22 -18.45 8.93
C HIS C 64 29.07 -18.31 7.42
N LEU C 65 28.18 -19.11 6.84
CA LEU C 65 28.01 -19.13 5.39
C LEU C 65 26.70 -18.46 5.01
N TRP C 66 26.75 -17.62 4.00
CA TRP C 66 25.59 -16.91 3.48
C TRP C 66 25.57 -17.02 1.96
N LEU C 67 24.37 -17.03 1.40
CA LEU C 67 24.20 -16.84 -0.04
C LEU C 67 22.94 -16.02 -0.29
N PHE C 68 22.73 -15.58 -1.53
CA PHE C 68 21.74 -14.56 -1.83
C PHE C 68 20.98 -14.87 -3.12
N ARG C 69 19.66 -14.73 -3.05
CA ARG C 69 18.75 -15.12 -4.12
C ARG C 69 17.74 -14.01 -4.38
N ASP C 70 17.10 -14.07 -5.54
CA ASP C 70 15.91 -13.26 -5.82
C ASP C 70 14.77 -13.83 -4.98
N ALA C 71 14.17 -13.01 -4.11
CA ALA C 71 13.14 -13.49 -3.18
C ALA C 71 11.90 -14.09 -3.87
N GLY C 72 11.55 -13.57 -5.04
CA GLY C 72 10.39 -14.03 -5.80
C GLY C 72 10.62 -15.29 -6.61
N THR C 73 11.78 -15.38 -7.26
CA THR C 73 12.06 -16.44 -8.24
C THR C 73 13.16 -17.42 -7.85
N HIS C 74 13.94 -17.07 -6.82
CA HIS C 74 15.14 -17.81 -6.38
C HIS C 74 16.29 -17.85 -7.40
N ASP C 75 16.29 -16.93 -8.36
CA ASP C 75 17.42 -16.74 -9.26
C ASP C 75 18.66 -16.45 -8.42
N GLY C 76 19.79 -17.04 -8.82
CA GLY C 76 21.04 -16.86 -8.11
C GLY C 76 21.58 -15.45 -8.25
N LEU C 77 22.19 -14.96 -7.17
CA LEU C 77 22.87 -13.67 -7.16
C LEU C 77 24.28 -13.88 -6.68
N LEU C 78 25.15 -12.92 -7.00
CA LEU C 78 26.54 -12.96 -6.53
C LEU C 78 26.69 -12.02 -5.36
N VAL C 79 27.64 -12.36 -4.49
CA VAL C 79 28.02 -11.52 -3.35
C VAL C 79 29.55 -11.44 -3.41
N ASN C 80 30.07 -10.22 -3.48
CA ASN C 80 31.48 -9.97 -3.77
C ASN C 80 32.04 -10.87 -4.90
N GLN C 81 31.34 -10.85 -6.03
CA GLN C 81 31.73 -11.52 -7.27
C GLN C 81 31.71 -13.05 -7.22
N THR C 82 31.05 -13.63 -6.22
CA THR C 82 31.11 -15.09 -6.03
C THR C 82 29.83 -15.61 -5.36
N GLU C 83 29.76 -16.93 -5.21
CA GLU C 83 28.55 -17.60 -4.74
C GLU C 83 28.29 -17.41 -3.26
N LEU C 84 29.30 -17.72 -2.45
CA LEU C 84 29.17 -17.76 -0.99
C LEU C 84 29.89 -16.58 -0.36
N PHE C 85 29.30 -16.07 0.72
CA PHE C 85 29.91 -15.02 1.52
C PHE C 85 30.16 -15.56 2.94
N VAL C 86 31.38 -15.34 3.44
CA VAL C 86 31.79 -15.79 4.78
C VAL C 86 32.36 -14.60 5.55
N PRO C 87 31.65 -14.12 6.60
CA PRO C 87 32.19 -12.99 7.36
C PRO C 87 33.59 -13.24 7.91
N SER C 88 34.47 -12.28 7.71
CA SER C 88 35.87 -12.37 8.15
C SER C 88 36.07 -11.55 9.44
N LEU C 89 37.31 -11.45 9.90
CA LEU C 89 37.66 -10.62 11.05
C LEU C 89 37.46 -9.14 10.73
N ASN C 90 36.78 -8.43 11.64
CA ASN C 90 36.64 -6.98 11.52
C ASN C 90 37.94 -6.26 11.92
N VAL C 91 38.60 -5.65 10.95
CA VAL C 91 39.81 -4.87 11.18
C VAL C 91 39.47 -3.41 11.50
N ASP C 92 40.10 -2.89 12.54
CA ASP C 92 39.86 -1.52 13.03
C ASP C 92 38.42 -1.27 13.52
N GLY C 93 37.74 -2.33 13.95
CA GLY C 93 36.34 -2.25 14.38
C GLY C 93 35.28 -2.03 13.30
N GLN C 94 35.68 -2.01 12.03
CA GLN C 94 34.78 -1.64 10.93
C GLN C 94 34.09 -2.86 10.31
N PRO C 95 32.92 -2.67 9.70
CA PRO C 95 32.15 -3.80 9.19
C PRO C 95 32.67 -4.34 7.85
N ILE C 96 32.41 -5.63 7.59
CA ILE C 96 32.75 -6.26 6.32
C ILE C 96 31.60 -5.99 5.36
N PHE C 97 31.95 -5.63 4.13
CA PHE C 97 30.96 -5.26 3.12
C PHE C 97 30.61 -6.49 2.26
N ALA C 98 29.31 -6.79 2.17
CA ALA C 98 28.79 -7.86 1.31
C ALA C 98 28.04 -7.27 0.12
N ASN C 99 28.76 -7.03 -0.97
CA ASN C 99 28.20 -6.44 -2.18
C ASN C 99 27.41 -7.44 -3.02
N ILE C 100 26.08 -7.35 -2.94
CA ILE C 100 25.19 -8.27 -3.65
C ILE C 100 24.87 -7.67 -5.01
N THR C 101 25.15 -8.42 -6.09
CA THR C 101 24.95 -7.95 -7.47
C THR C 101 24.28 -9.00 -8.36
N LEU C 102 23.82 -8.56 -9.53
CA LEU C 102 23.41 -9.50 -10.58
C LEU C 102 24.65 -10.15 -11.16
N PRO C 103 24.57 -11.46 -11.47
CA PRO C 103 25.59 -12.01 -12.35
C PRO C 103 25.32 -11.63 -13.80
N VAL C 104 26.28 -11.89 -14.68
CA VAL C 104 26.03 -11.87 -16.11
C VAL C 104 25.40 -13.22 -16.44
N TYR C 105 24.08 -13.27 -16.40
CA TYR C 105 23.35 -14.49 -16.78
C TYR C 105 23.60 -14.79 -18.25
N THR C 106 23.59 -16.09 -18.58
CA THR C 106 23.55 -16.50 -19.98
C THR C 106 22.27 -15.94 -20.59
N LEU C 107 22.27 -15.73 -21.90
CA LEU C 107 21.06 -15.33 -22.60
C LEU C 107 19.94 -16.37 -22.43
N LYS C 108 20.28 -17.65 -22.50
CA LYS C 108 19.32 -18.73 -22.27
C LYS C 108 18.63 -18.64 -20.90
N GLU C 109 19.41 -18.49 -19.84
CA GLU C 109 18.83 -18.43 -18.49
C GLU C 109 18.04 -17.15 -18.28
N ARG C 110 18.52 -16.05 -18.84
CA ARG C 110 17.78 -14.78 -18.79
C ARG C 110 16.45 -14.91 -19.53
N CYS C 111 16.46 -15.52 -20.71
CA CYS C 111 15.22 -15.81 -21.43
C CYS C 111 14.26 -16.67 -20.63
N LEU C 112 14.79 -17.71 -19.99
CA LEU C 112 14.00 -18.57 -19.11
C LEU C 112 13.34 -17.80 -17.96
N GLN C 113 14.10 -16.89 -17.33
CA GLN C 113 13.56 -16.02 -16.27
C GLN C 113 12.34 -15.24 -16.75
N VAL C 114 12.46 -14.59 -17.91
CA VAL C 114 11.37 -13.78 -18.46
C VAL C 114 10.16 -14.63 -18.84
N VAL C 115 10.40 -15.80 -19.43
CA VAL C 115 9.31 -16.72 -19.78
C VAL C 115 8.62 -17.26 -18.53
N ARG C 116 9.38 -17.57 -17.48
CA ARG C 116 8.79 -17.95 -16.19
C ARG C 116 7.95 -16.85 -15.55
N SER C 117 8.40 -15.60 -15.68
CA SER C 117 7.66 -14.44 -15.13
C SER C 117 6.35 -14.13 -15.85
N LEU C 118 6.16 -14.65 -17.07
CA LEU C 118 4.96 -14.41 -17.87
C LEU C 118 4.01 -15.60 -17.94
N VAL C 119 4.55 -16.81 -18.03
CA VAL C 119 3.76 -18.04 -18.15
C VAL C 119 3.66 -18.72 -16.80
N LYS C 120 2.45 -19.08 -16.38
CA LYS C 120 2.25 -19.82 -15.14
C LYS C 120 2.71 -21.26 -15.32
N PRO C 121 3.21 -21.91 -14.24
CA PRO C 121 3.76 -23.26 -14.36
C PRO C 121 2.91 -24.33 -15.05
N GLU C 122 1.59 -24.20 -15.00
CA GLU C 122 0.67 -25.15 -15.63
C GLU C 122 0.77 -25.15 -17.17
N ASN C 123 1.11 -23.99 -17.74
CA ASN C 123 1.09 -23.79 -19.19
C ASN C 123 2.43 -23.88 -19.92
N TYR C 124 3.49 -24.30 -19.23
CA TYR C 124 4.79 -24.51 -19.88
C TYR C 124 4.72 -25.56 -21.00
N ARG C 125 3.90 -26.59 -20.77
CA ARG C 125 3.64 -27.64 -21.77
C ARG C 125 2.94 -27.10 -23.02
N ARG C 126 2.04 -26.13 -22.85
CA ARG C 126 1.32 -25.53 -23.97
C ARG C 126 2.18 -24.67 -24.89
N LEU C 127 3.33 -24.21 -24.41
CA LEU C 127 4.28 -23.43 -25.22
C LEU C 127 4.85 -24.29 -26.36
N ASP C 128 4.93 -23.69 -27.55
CA ASP C 128 5.37 -24.41 -28.75
C ASP C 128 6.90 -24.37 -28.85
N ILE C 129 7.54 -25.28 -28.12
CA ILE C 129 8.99 -25.38 -28.02
C ILE C 129 9.41 -26.84 -27.87
N VAL C 130 10.68 -27.11 -28.10
CA VAL C 130 11.25 -28.45 -27.88
C VAL C 130 11.12 -28.86 -26.41
N ARG C 131 10.89 -30.16 -26.17
CA ARG C 131 10.59 -30.67 -24.84
C ARG C 131 11.68 -30.37 -23.80
N SER C 132 12.93 -30.31 -24.22
CA SER C 132 14.05 -30.02 -23.32
C SER C 132 13.98 -28.61 -22.72
N LEU C 133 13.43 -27.65 -23.47
CA LEU C 133 13.18 -26.30 -22.96
C LEU C 133 12.02 -26.28 -21.96
N TYR C 134 11.01 -27.11 -22.20
CA TYR C 134 9.93 -27.32 -21.23
C TYR C 134 10.47 -27.81 -19.88
N GLU C 135 11.46 -28.70 -19.92
CA GLU C 135 12.16 -29.16 -18.73
C GLU C 135 13.08 -28.09 -18.14
N ASP C 136 13.74 -27.30 -18.98
CA ASP C 136 14.55 -26.17 -18.52
C ASP C 136 13.71 -25.13 -17.79
N LEU C 137 12.49 -24.86 -18.28
CA LEU C 137 11.53 -24.00 -17.57
C LEU C 137 11.09 -24.57 -16.22
N GLU C 138 10.67 -25.84 -16.20
CA GLU C 138 10.25 -26.50 -14.96
C GLU C 138 11.40 -26.67 -13.96
N ASP C 139 12.61 -26.90 -14.45
CA ASP C 139 13.80 -26.97 -13.59
C ASP C 139 14.20 -25.56 -13.17
N HIS C 140 13.37 -24.96 -12.31
CA HIS C 140 13.53 -23.55 -11.94
C HIS C 140 14.57 -23.44 -10.84
N PRO C 141 15.18 -22.25 -10.68
CA PRO C 141 16.23 -22.11 -9.67
C PRO C 141 15.77 -22.52 -8.27
N ASN C 142 16.65 -23.21 -7.56
CA ASN C 142 16.32 -23.88 -6.30
C ASN C 142 17.57 -24.01 -5.43
N VAL C 143 17.49 -23.54 -4.19
CA VAL C 143 18.64 -23.48 -3.28
C VAL C 143 19.17 -24.87 -2.93
N GLN C 144 18.27 -25.83 -2.74
CA GLN C 144 18.68 -27.21 -2.43
C GLN C 144 19.51 -27.85 -3.55
N LYS C 145 19.18 -27.54 -4.80
CA LYS C 145 19.93 -28.06 -5.95
C LYS C 145 21.35 -27.50 -6.02
N ASP C 146 21.48 -26.19 -5.80
CA ASP C 146 22.78 -25.52 -5.82
C ASP C 146 23.67 -25.87 -4.62
N LEU C 147 23.06 -26.24 -3.49
CA LEU C 147 23.83 -26.78 -2.36
C LEU C 147 24.43 -28.14 -2.67
N GLU C 148 23.73 -28.96 -3.46
CA GLU C 148 24.29 -30.22 -3.97
C GLU C 148 25.37 -29.97 -5.02
N ARG C 149 25.16 -28.97 -5.87
CA ARG C 149 26.14 -28.55 -6.87
C ARG C 149 27.42 -28.01 -6.23
N LEU C 150 27.27 -27.09 -5.28
CA LEU C 150 28.40 -26.51 -4.55
C LEU C 150 29.15 -27.52 -3.67
N THR C 151 28.48 -28.62 -3.30
CA THR C 151 29.10 -29.74 -2.60
C THR C 151 29.56 -30.80 -3.61
N MET D 1 -12.45 1.53 -18.68
CA MET D 1 -13.34 0.35 -18.44
C MET D 1 -13.90 -0.17 -19.75
N ASP D 2 -14.15 -1.49 -19.80
CA ASP D 2 -14.54 -2.17 -21.03
C ASP D 2 -16.01 -1.92 -21.39
N VAL D 3 -16.28 -1.76 -22.68
CA VAL D 3 -17.63 -1.82 -23.23
C VAL D 3 -17.70 -3.03 -24.15
N PHE D 4 -18.85 -3.69 -24.15
CA PHE D 4 -19.06 -4.91 -24.93
C PHE D 4 -20.12 -4.63 -25.98
N LEU D 5 -19.80 -4.92 -27.24
CA LEU D 5 -20.54 -4.42 -28.39
C LEU D 5 -20.96 -5.51 -29.36
N MET D 6 -22.08 -5.28 -30.06
CA MET D 6 -22.45 -5.97 -31.30
C MET D 6 -22.37 -4.94 -32.43
N ILE D 7 -21.48 -5.17 -33.39
CA ILE D 7 -21.39 -4.32 -34.56
C ILE D 7 -22.15 -5.01 -35.69
N ARG D 8 -23.31 -4.45 -36.04
CA ARG D 8 -24.29 -5.12 -36.88
C ARG D 8 -24.50 -4.44 -38.24
N ARG D 9 -24.55 -5.26 -39.29
CA ARG D 9 -24.82 -4.81 -40.66
C ARG D 9 -25.47 -5.97 -41.42
N HIS D 10 -26.65 -5.71 -41.99
CA HIS D 10 -27.44 -6.72 -42.70
C HIS D 10 -27.63 -7.97 -41.84
N LYS D 11 -26.93 -9.07 -42.16
CA LYS D 11 -27.00 -10.31 -41.40
C LYS D 11 -25.63 -10.66 -40.79
N THR D 12 -24.73 -9.68 -40.71
CA THR D 12 -23.45 -9.82 -40.03
C THR D 12 -23.52 -9.14 -38.65
N THR D 13 -23.10 -9.86 -37.62
CA THR D 13 -22.98 -9.34 -36.26
C THR D 13 -21.61 -9.74 -35.70
N ILE D 14 -20.85 -8.75 -35.21
CA ILE D 14 -19.51 -8.96 -34.67
C ILE D 14 -19.54 -8.72 -33.17
N PHE D 15 -19.22 -9.75 -32.39
CA PHE D 15 -19.03 -9.60 -30.95
C PHE D 15 -17.58 -9.21 -30.68
N THR D 16 -17.39 -8.09 -30.01
CA THR D 16 -16.06 -7.62 -29.61
C THR D 16 -16.22 -6.65 -28.44
N ASP D 17 -15.09 -6.21 -27.90
CA ASP D 17 -15.08 -5.24 -26.82
C ASP D 17 -14.04 -4.15 -27.07
N ALA D 18 -14.20 -3.05 -26.34
CA ALA D 18 -13.30 -1.91 -26.43
C ALA D 18 -13.34 -1.12 -25.14
N LYS D 19 -12.31 -0.30 -24.91
CA LYS D 19 -12.27 0.58 -23.75
C LYS D 19 -13.25 1.74 -23.95
N GLU D 20 -13.75 2.29 -22.85
CA GLU D 20 -14.68 3.42 -22.89
C GLU D 20 -14.04 4.69 -23.44
N SER D 21 -12.72 4.82 -23.23
CA SER D 21 -11.91 5.92 -23.76
C SER D 21 -11.33 5.65 -25.15
N SER D 22 -11.75 4.56 -25.79
CA SER D 22 -11.37 4.24 -27.18
C SER D 22 -12.14 5.13 -28.14
N THR D 23 -11.56 5.41 -29.30
CA THR D 23 -12.17 6.28 -30.30
C THR D 23 -12.99 5.49 -31.32
N VAL D 24 -13.85 6.20 -32.04
CA VAL D 24 -14.66 5.64 -33.10
C VAL D 24 -13.78 5.10 -34.23
N PHE D 25 -12.72 5.84 -34.57
CA PHE D 25 -11.76 5.41 -35.58
C PHE D 25 -11.08 4.11 -35.20
N GLU D 26 -10.60 4.02 -33.96
CA GLU D 26 -10.00 2.79 -33.43
C GLU D 26 -10.93 1.58 -33.54
N LEU D 27 -12.24 1.79 -33.41
CA LEU D 27 -13.23 0.73 -33.61
C LEU D 27 -13.34 0.29 -35.08
N LYS D 28 -13.24 1.24 -36.00
CA LYS D 28 -13.19 0.93 -37.44
C LYS D 28 -11.96 0.10 -37.82
N ARG D 29 -10.83 0.35 -37.18
CA ARG D 29 -9.62 -0.47 -37.35
C ARG D 29 -9.79 -1.93 -36.87
N ILE D 30 -10.56 -2.14 -35.79
CA ILE D 30 -10.90 -3.49 -35.34
C ILE D 30 -11.84 -4.19 -36.32
N VAL D 31 -12.79 -3.45 -36.87
CA VAL D 31 -13.68 -3.95 -37.92
C VAL D 31 -12.89 -4.30 -39.18
N GLU D 32 -11.88 -3.48 -39.52
CA GLU D 32 -11.03 -3.71 -40.68
C GLU D 32 -10.34 -5.06 -40.65
N GLY D 33 -9.75 -5.38 -39.49
CA GLY D 33 -9.12 -6.69 -39.28
C GLY D 33 -10.04 -7.87 -39.53
N ILE D 34 -11.30 -7.72 -39.12
CA ILE D 34 -12.31 -8.77 -39.27
C ILE D 34 -12.85 -8.84 -40.70
N LEU D 35 -13.53 -7.80 -41.17
CA LEU D 35 -14.23 -7.83 -42.46
C LEU D 35 -13.46 -7.27 -43.67
N LYS D 36 -12.17 -7.00 -43.50
CA LYS D 36 -11.27 -6.62 -44.61
C LYS D 36 -11.70 -5.35 -45.36
N ARG D 37 -12.20 -4.37 -44.63
CA ARG D 37 -12.67 -3.11 -45.20
C ARG D 37 -12.04 -1.93 -44.47
N PRO D 38 -11.43 -0.98 -45.20
CA PRO D 38 -10.72 0.12 -44.53
C PRO D 38 -11.65 1.12 -43.82
N PRO D 39 -11.11 1.89 -42.84
CA PRO D 39 -11.89 2.89 -42.12
C PRO D 39 -12.65 3.91 -42.99
N ASP D 40 -12.04 4.37 -44.08
CA ASP D 40 -12.69 5.34 -44.96
C ASP D 40 -13.89 4.78 -45.74
N GLU D 41 -13.99 3.45 -45.86
CA GLU D 41 -15.17 2.79 -46.42
C GLU D 41 -16.23 2.40 -45.38
N GLN D 42 -16.07 2.85 -44.13
CA GLN D 42 -16.98 2.50 -43.03
C GLN D 42 -17.66 3.71 -42.44
N ARG D 43 -18.94 3.56 -42.09
CA ARG D 43 -19.65 4.50 -41.22
C ARG D 43 -20.25 3.72 -40.05
N LEU D 44 -19.93 4.16 -38.84
CA LEU D 44 -20.47 3.56 -37.62
C LEU D 44 -21.58 4.40 -37.02
N TYR D 45 -22.61 3.74 -36.50
CA TYR D 45 -23.82 4.42 -36.03
C TYR D 45 -24.17 4.03 -34.60
N LYS D 46 -24.82 4.96 -33.90
CA LYS D 46 -25.47 4.68 -32.62
C LYS D 46 -26.95 5.00 -32.85
N ASP D 47 -27.74 3.95 -33.06
CA ASP D 47 -29.09 4.06 -33.61
C ASP D 47 -29.05 4.71 -35.01
N ASP D 48 -29.63 5.89 -35.19
CA ASP D 48 -29.58 6.60 -36.48
C ASP D 48 -28.48 7.65 -36.55
N GLN D 49 -27.79 7.92 -35.44
CA GLN D 49 -26.78 8.97 -35.37
C GLN D 49 -25.44 8.48 -35.90
N LEU D 50 -24.81 9.25 -36.78
CA LEU D 50 -23.48 8.95 -37.29
C LEU D 50 -22.44 9.31 -36.23
N LEU D 51 -21.36 8.52 -36.17
CA LEU D 51 -20.32 8.67 -35.16
C LEU D 51 -19.04 9.22 -35.78
N ASP D 52 -18.57 10.35 -35.28
CA ASP D 52 -17.33 10.97 -35.76
C ASP D 52 -16.11 10.20 -35.27
N ASP D 53 -15.14 10.02 -36.17
CA ASP D 53 -13.91 9.26 -35.90
C ASP D 53 -13.19 9.66 -34.61
N GLY D 54 -13.09 10.95 -34.36
CA GLY D 54 -12.36 11.47 -33.20
C GLY D 54 -13.02 11.29 -31.84
N LYS D 55 -14.33 11.06 -31.83
CA LYS D 55 -15.08 11.00 -30.57
C LYS D 55 -14.85 9.65 -29.87
N THR D 56 -14.82 9.66 -28.54
CA THR D 56 -14.67 8.42 -27.78
C THR D 56 -16.00 7.67 -27.74
N LEU D 57 -15.92 6.38 -27.47
CA LEU D 57 -17.11 5.54 -27.32
C LEU D 57 -17.95 5.99 -26.13
N GLY D 58 -17.29 6.40 -25.06
CA GLY D 58 -17.95 6.93 -23.86
C GLY D 58 -18.66 8.27 -24.03
N GLU D 59 -18.15 9.09 -24.95
CA GLU D 59 -18.82 10.32 -25.37
C GLU D 59 -20.12 10.03 -26.12
N CAS D 60 -20.10 9.01 -26.97
CA CAS D 60 -21.28 8.60 -27.75
CB CAS D 60 -20.82 7.90 -29.03
C CAS D 60 -22.26 7.73 -27.00
O CAS D 60 -23.19 7.21 -27.60
SG CAS D 60 -19.82 8.95 -30.04
AS CAS D 60 -21.21 10.66 -30.41
CE1 CAS D 60 -20.40 12.27 -29.56
CE2 CAS D 60 -21.43 11.04 -32.35
N GLY D 61 -22.08 7.57 -25.69
CA GLY D 61 -23.05 6.88 -24.84
C GLY D 61 -22.86 5.38 -24.70
N PHE D 62 -21.70 4.86 -25.12
CA PHE D 62 -21.33 3.47 -24.88
C PHE D 62 -20.55 3.43 -23.58
N THR D 63 -21.22 3.02 -22.51
CA THR D 63 -20.64 2.93 -21.18
C THR D 63 -20.65 1.48 -20.69
N SER D 64 -19.68 1.15 -19.84
CA SER D 64 -19.52 -0.21 -19.32
C SER D 64 -20.80 -0.76 -18.68
N GLN D 65 -21.55 0.11 -18.01
CA GLN D 65 -22.78 -0.29 -17.34
C GLN D 65 -24.00 -0.46 -18.27
N THR D 66 -23.92 -0.03 -19.52
CA THR D 66 -24.98 -0.28 -20.51
C THR D 66 -24.55 -1.28 -21.59
N ALA D 67 -23.31 -1.15 -22.06
CA ALA D 67 -22.72 -2.10 -22.99
C ALA D 67 -22.11 -3.27 -22.20
N ARG D 68 -22.97 -4.16 -21.71
CA ARG D 68 -22.59 -5.23 -20.79
C ARG D 68 -22.20 -6.53 -21.51
N PRO D 69 -21.42 -7.41 -20.86
CA PRO D 69 -21.04 -8.69 -21.46
C PRO D 69 -22.24 -9.54 -21.91
N GLN D 70 -23.24 -9.61 -21.04
CA GLN D 70 -24.45 -10.41 -21.25
C GLN D 70 -25.58 -9.69 -21.99
N ALA D 71 -25.39 -8.41 -22.28
CA ALA D 71 -26.38 -7.57 -22.97
C ALA D 71 -25.64 -6.42 -23.63
N PRO D 72 -24.88 -6.72 -24.70
CA PRO D 72 -24.02 -5.72 -25.33
C PRO D 72 -24.80 -4.66 -26.11
N ALA D 73 -24.21 -3.47 -26.23
CA ALA D 73 -24.81 -2.35 -26.96
C ALA D 73 -24.56 -2.53 -28.45
N THR D 74 -25.52 -2.12 -29.27
CA THR D 74 -25.45 -2.30 -30.72
C THR D 74 -24.81 -1.09 -31.41
N VAL D 75 -23.93 -1.37 -32.37
CA VAL D 75 -23.32 -0.37 -33.22
C VAL D 75 -23.69 -0.70 -34.67
N GLY D 76 -24.23 0.27 -35.38
CA GLY D 76 -24.57 0.10 -36.79
C GLY D 76 -23.34 0.21 -37.68
N LEU D 77 -23.36 -0.52 -38.80
CA LEU D 77 -22.28 -0.45 -39.78
C LEU D 77 -22.90 -0.37 -41.18
N ALA D 78 -22.36 0.55 -41.99
CA ALA D 78 -22.68 0.64 -43.42
C ALA D 78 -21.38 0.78 -44.19
N PHE D 79 -21.26 0.06 -45.30
CA PHE D 79 -20.08 0.14 -46.17
C PHE D 79 -20.31 1.07 -47.36
N ARG D 80 -19.21 1.39 -48.03
CA ARG D 80 -19.21 2.22 -49.26
C ARG D 80 -18.96 1.35 -50.48
N ALA D 81 -20.05 0.99 -51.18
CA ALA D 81 -19.96 0.31 -52.46
C ALA D 81 -19.83 1.36 -53.57
N ASP D 82 -18.83 1.18 -54.43
CA ASP D 82 -18.61 2.04 -55.60
C ASP D 82 -18.11 3.45 -55.24
N ASP D 83 -18.97 4.27 -54.64
CA ASP D 83 -18.62 5.66 -54.31
C ASP D 83 -19.52 6.33 -53.26
N THR D 84 -20.82 6.07 -53.30
CA THR D 84 -21.75 6.52 -52.26
C THR D 84 -22.03 5.38 -51.27
N PHE D 85 -22.21 5.72 -50.00
CA PHE D 85 -22.54 4.74 -48.97
C PHE D 85 -23.97 4.21 -49.14
N GLU D 86 -24.21 3.04 -48.56
CA GLU D 86 -25.56 2.47 -48.50
C GLU D 86 -26.30 2.99 -47.28
N ALA D 87 -27.63 2.86 -47.31
CA ALA D 87 -28.47 3.17 -46.15
C ALA D 87 -28.21 2.15 -45.04
N LEU D 88 -28.24 2.60 -43.80
CA LEU D 88 -28.06 1.71 -42.65
C LEU D 88 -29.19 0.69 -42.65
N CAS D 89 -28.82 -0.58 -42.50
CA CAS D 89 -29.76 -1.69 -42.56
CB CAS D 89 -29.88 -2.12 -44.02
C CAS D 89 -29.26 -2.78 -41.66
O CAS D 89 -28.20 -3.36 -41.92
SG CAS D 89 -30.82 -3.61 -44.23
AS CAS D 89 -32.88 -2.85 -43.81
CE1 CAS D 89 -33.79 -2.36 -45.52
CE2 CAS D 89 -33.89 -4.30 -42.89
N ILE D 90 -30.01 -3.06 -40.59
CA ILE D 90 -29.73 -4.15 -39.67
C ILE D 90 -30.96 -5.06 -39.68
N GLU D 91 -30.78 -6.27 -40.22
CA GLU D 91 -31.86 -7.26 -40.27
C GLU D 91 -32.16 -7.72 -38.85
N PRO D 92 -33.45 -7.82 -38.49
CA PRO D 92 -33.77 -8.31 -37.14
C PRO D 92 -33.47 -9.80 -37.00
N PHE D 93 -33.25 -10.25 -35.78
CA PHE D 93 -33.17 -11.68 -35.50
C PHE D 93 -34.58 -12.27 -35.61
N SER D 94 -34.67 -13.60 -35.64
CA SER D 94 -35.95 -14.27 -35.77
C SER D 94 -36.82 -14.10 -34.53
N SER D 95 -38.11 -14.42 -34.66
CA SER D 95 -39.07 -14.26 -33.59
C SER D 95 -39.15 -15.53 -32.75
N PRO D 96 -39.18 -15.40 -31.42
CA PRO D 96 -39.51 -16.55 -30.58
C PRO D 96 -40.92 -17.08 -30.84
N PRO D 97 -41.15 -18.38 -30.63
CA PRO D 97 -42.46 -18.97 -30.88
C PRO D 97 -43.50 -18.61 -29.81
N GLU D 98 -44.73 -19.08 -30.01
CA GLU D 98 -45.79 -18.94 -29.01
C GLU D 98 -45.37 -19.65 -27.72
N LEU D 99 -45.61 -18.99 -26.59
CA LEU D 99 -45.19 -19.50 -25.28
C LEU D 99 -46.07 -20.70 -24.91
N PRO D 100 -45.47 -21.90 -24.71
CA PRO D 100 -46.26 -23.11 -24.47
C PRO D 100 -47.26 -23.07 -23.30
N ASP D 101 -48.25 -23.95 -23.37
CA ASP D 101 -49.33 -24.03 -22.37
C ASP D 101 -48.78 -24.38 -20.99
N VAL D 102 -47.82 -25.30 -20.94
CA VAL D 102 -47.16 -25.69 -19.69
C VAL D 102 -46.35 -24.55 -19.06
N MET D 103 -45.75 -23.70 -19.91
CA MET D 103 -45.06 -22.49 -19.45
C MET D 103 -46.05 -21.35 -19.31
N MET E 1 -5.90 -11.01 -33.36
CA MET E 1 -6.81 -11.97 -32.67
C MET E 1 -7.46 -12.90 -33.71
N MET E 2 -7.62 -14.16 -33.34
CA MET E 2 -8.23 -15.16 -34.22
C MET E 2 -9.73 -15.18 -33.99
N TYR E 3 -10.50 -15.02 -35.07
CA TYR E 3 -11.97 -15.02 -35.02
C TYR E 3 -12.55 -16.21 -35.78
N VAL E 4 -13.77 -16.62 -35.41
CA VAL E 4 -14.53 -17.64 -36.14
C VAL E 4 -15.95 -17.13 -36.40
N LYS E 5 -16.64 -17.80 -37.32
CA LYS E 5 -17.98 -17.41 -37.74
C LYS E 5 -18.98 -18.51 -37.39
N LEU E 6 -20.07 -18.12 -36.74
CA LEU E 6 -21.16 -19.03 -36.39
C LEU E 6 -22.42 -18.57 -37.10
N ILE E 7 -22.93 -19.41 -38.00
CA ILE E 7 -24.05 -19.05 -38.88
C ILE E 7 -25.31 -19.77 -38.42
N SER E 8 -26.34 -19.00 -38.08
CA SER E 8 -27.63 -19.54 -37.62
C SER E 8 -28.42 -20.21 -38.73
N SER E 9 -29.52 -20.86 -38.38
CA SER E 9 -30.40 -21.52 -39.35
C SER E 9 -31.05 -20.54 -40.33
N ASP E 10 -31.41 -19.35 -39.84
CA ASP E 10 -32.00 -18.29 -40.67
C ASP E 10 -30.99 -17.35 -41.36
N GLY E 11 -29.70 -17.69 -41.34
CA GLY E 11 -28.69 -16.99 -42.15
C GLY E 11 -27.85 -15.89 -41.49
N HIS E 12 -28.07 -15.61 -40.21
CA HIS E 12 -27.27 -14.60 -39.50
C HIS E 12 -25.88 -15.11 -39.18
N GLU E 13 -24.86 -14.36 -39.58
CA GLU E 13 -23.46 -14.72 -39.40
C GLU E 13 -22.87 -13.97 -38.19
N PHE E 14 -22.75 -14.69 -37.07
CA PHE E 14 -22.17 -14.13 -35.85
C PHE E 14 -20.67 -14.38 -35.85
N ILE E 15 -19.88 -13.31 -35.70
CA ILE E 15 -18.43 -13.40 -35.71
C ILE E 15 -17.94 -13.19 -34.27
N VAL E 16 -17.35 -14.25 -33.71
CA VAL E 16 -16.83 -14.23 -32.33
C VAL E 16 -15.37 -14.66 -32.30
N LYS E 17 -14.69 -14.36 -31.20
CA LYS E 17 -13.32 -14.81 -30.96
C LYS E 17 -13.22 -16.35 -30.97
N ARG E 18 -12.07 -16.86 -31.41
CA ARG E 18 -11.83 -18.31 -31.47
C ARG E 18 -11.85 -18.94 -30.07
N GLU E 19 -11.15 -18.31 -29.12
CA GLU E 19 -11.24 -18.68 -27.69
C GLU E 19 -12.68 -18.89 -27.21
N HIS E 20 -13.52 -17.91 -27.48
CA HIS E 20 -14.90 -17.88 -26.98
C HIS E 20 -15.76 -19.01 -27.55
N ALA E 21 -15.61 -19.28 -28.84
CA ALA E 21 -16.31 -20.38 -29.50
C ALA E 21 -15.86 -21.76 -29.03
N LEU E 22 -14.58 -21.88 -28.67
CA LEU E 22 -14.02 -23.14 -28.18
C LEU E 22 -14.39 -23.47 -26.72
N THR E 23 -15.11 -22.57 -26.05
CA THR E 23 -15.89 -22.91 -24.85
C THR E 23 -16.69 -24.19 -25.10
N SER E 24 -17.36 -24.25 -26.25
CA SER E 24 -18.13 -25.42 -26.67
C SER E 24 -17.22 -26.46 -27.33
N GLY E 25 -17.18 -27.65 -26.73
CA GLY E 25 -16.50 -28.80 -27.32
C GLY E 25 -17.13 -29.30 -28.62
N THR E 26 -18.44 -29.15 -28.76
CA THR E 26 -19.12 -29.47 -30.02
C THR E 26 -18.64 -28.57 -31.17
N ILE E 27 -18.52 -27.27 -30.90
CA ILE E 27 -18.02 -26.31 -31.90
C ILE E 27 -16.57 -26.62 -32.27
N LYS E 28 -15.75 -26.96 -31.29
CA LYS E 28 -14.36 -27.37 -31.53
C LYS E 28 -14.26 -28.55 -32.49
N ALA E 29 -15.17 -29.52 -32.37
CA ALA E 29 -15.22 -30.67 -33.25
C ALA E 29 -15.72 -30.31 -34.66
N MET E 30 -16.63 -29.36 -34.73
CA MET E 30 -17.13 -28.86 -36.01
C MET E 30 -16.13 -28.00 -36.80
N LEU E 31 -15.11 -27.46 -36.11
CA LEU E 31 -14.00 -26.76 -36.77
C LEU E 31 -12.94 -27.71 -37.34
N SER E 32 -12.69 -28.83 -36.65
CA SER E 32 -11.79 -29.88 -37.13
C SER E 32 -12.54 -31.20 -37.31
N GLY E 33 -13.09 -31.40 -38.50
CA GLY E 33 -13.81 -32.62 -38.84
C GLY E 33 -12.88 -33.79 -39.10
N ASN E 40 -19.95 -26.55 -44.51
CA ASN E 40 -19.27 -25.48 -43.78
C ASN E 40 -17.88 -25.20 -44.36
N GLU E 41 -17.57 -23.92 -44.57
CA GLU E 41 -16.25 -23.48 -45.02
C GLU E 41 -15.26 -23.46 -43.86
N THR E 42 -14.01 -23.06 -44.11
CA THR E 42 -12.98 -23.00 -43.07
C THR E 42 -13.25 -21.84 -42.10
N ASN E 43 -13.07 -22.10 -40.81
CA ASN E 43 -13.44 -21.17 -39.74
C ASN E 43 -14.93 -20.78 -39.69
N GLU E 44 -15.80 -21.59 -40.28
CA GLU E 44 -17.24 -21.36 -40.31
C GLU E 44 -17.97 -22.61 -39.85
N VAL E 45 -19.00 -22.44 -39.03
CA VAL E 45 -19.89 -23.53 -38.65
C VAL E 45 -21.32 -23.08 -38.94
N ASN E 46 -22.09 -23.95 -39.60
CA ASN E 46 -23.52 -23.73 -39.81
C ASN E 46 -24.34 -24.59 -38.85
N PHE E 47 -25.38 -23.99 -38.27
CA PHE E 47 -26.29 -24.66 -37.35
C PHE E 47 -27.69 -24.66 -37.96
N ARG E 48 -28.15 -25.82 -38.42
CA ARG E 48 -29.44 -25.95 -39.11
C ARG E 48 -30.64 -25.84 -38.17
N GLU E 49 -30.42 -26.10 -36.88
CA GLU E 49 -31.48 -26.08 -35.87
C GLU E 49 -31.50 -24.86 -34.98
N ILE E 50 -30.40 -24.11 -34.91
CA ILE E 50 -30.28 -22.97 -34.00
C ILE E 50 -30.59 -21.67 -34.74
N PRO E 51 -31.74 -21.03 -34.46
CA PRO E 51 -32.04 -19.75 -35.09
C PRO E 51 -31.24 -18.59 -34.49
N SER E 52 -31.33 -17.43 -35.12
CA SER E 52 -30.54 -16.25 -34.74
C SER E 52 -30.85 -15.73 -33.34
N HIS E 53 -32.13 -15.72 -32.98
CA HIS E 53 -32.53 -15.28 -31.63
C HIS E 53 -31.99 -16.17 -30.52
N VAL E 54 -31.72 -17.45 -30.82
CA VAL E 54 -31.06 -18.36 -29.89
C VAL E 54 -29.55 -18.22 -29.97
N LEU E 55 -28.99 -18.26 -31.16
CA LEU E 55 -27.53 -18.23 -31.34
C LEU E 55 -26.87 -16.92 -30.90
N SER E 56 -27.58 -15.80 -31.01
CA SER E 56 -27.09 -14.52 -30.50
C SER E 56 -26.92 -14.57 -28.97
N LYS E 57 -27.87 -15.19 -28.28
CA LYS E 57 -27.75 -15.40 -26.83
C LYS E 57 -26.61 -16.32 -26.44
N VAL E 58 -26.34 -17.34 -27.25
CA VAL E 58 -25.20 -18.24 -27.03
C VAL E 58 -23.89 -17.44 -27.11
N CYS E 59 -23.77 -16.61 -28.14
CA CYS E 59 -22.61 -15.73 -28.30
C CYS E 59 -22.44 -14.72 -27.16
N MET E 60 -23.54 -14.23 -26.62
CA MET E 60 -23.50 -13.34 -25.45
C MET E 60 -23.05 -14.09 -24.19
N TYR E 61 -23.50 -15.34 -24.04
CA TYR E 61 -23.04 -16.19 -22.96
C TYR E 61 -21.53 -16.37 -22.97
N PHE E 62 -20.93 -16.58 -24.14
CA PHE E 62 -19.47 -16.73 -24.21
C PHE E 62 -18.77 -15.51 -23.61
N THR E 63 -19.20 -14.32 -24.00
CA THR E 63 -18.66 -13.07 -23.44
C THR E 63 -18.83 -13.01 -21.92
N TYR E 64 -20.04 -13.34 -21.46
CA TYR E 64 -20.38 -13.36 -20.03
C TYR E 64 -19.47 -14.30 -19.22
N LYS E 65 -19.33 -15.53 -19.69
CA LYS E 65 -18.46 -16.53 -19.06
C LYS E 65 -17.01 -16.07 -18.99
N VAL E 66 -16.47 -15.62 -20.11
CA VAL E 66 -15.06 -15.23 -20.21
C VAL E 66 -14.79 -13.98 -19.37
N ARG E 67 -15.77 -13.08 -19.28
CA ARG E 67 -15.62 -11.89 -18.45
C ARG E 67 -15.70 -12.17 -16.95
N TYR E 68 -16.59 -13.06 -16.52
CA TYR E 68 -16.87 -13.25 -15.10
C TYR E 68 -16.31 -14.51 -14.45
N THR E 69 -15.74 -15.44 -15.22
CA THR E 69 -15.16 -16.67 -14.65
C THR E 69 -13.92 -16.34 -13.81
N ASN E 70 -13.97 -16.71 -12.54
CA ASN E 70 -12.96 -16.35 -11.53
C ASN E 70 -12.77 -14.83 -11.45
N SER E 71 -13.79 -14.17 -10.90
CA SER E 71 -13.84 -12.72 -10.80
C SER E 71 -14.07 -12.35 -9.33
N SER E 72 -13.24 -11.45 -8.81
CA SER E 72 -13.44 -10.90 -7.46
C SER E 72 -14.69 -10.02 -7.41
N THR E 73 -15.03 -9.41 -8.54
CA THR E 73 -16.23 -8.57 -8.68
C THR E 73 -17.53 -9.34 -8.40
N GLU E 74 -18.61 -8.59 -8.16
CA GLU E 74 -19.96 -9.14 -8.17
C GLU E 74 -20.32 -9.60 -9.58
N ILE E 75 -21.14 -10.63 -9.66
CA ILE E 75 -21.53 -11.25 -10.92
C ILE E 75 -23.02 -11.01 -11.12
N PRO E 76 -23.40 -10.47 -12.30
CA PRO E 76 -24.83 -10.33 -12.57
C PRO E 76 -25.45 -11.63 -13.07
N GLU E 77 -26.77 -11.73 -12.95
CA GLU E 77 -27.51 -12.86 -13.47
C GLU E 77 -27.44 -12.88 -15.00
N PHE E 78 -27.21 -14.05 -15.59
CA PHE E 78 -27.35 -14.19 -17.03
C PHE E 78 -28.83 -14.22 -17.40
N PRO E 79 -29.30 -13.24 -18.20
CA PRO E 79 -30.72 -13.12 -18.45
C PRO E 79 -31.19 -14.03 -19.58
N ILE E 80 -32.30 -14.73 -19.35
CA ILE E 80 -32.94 -15.54 -20.39
C ILE E 80 -34.44 -15.22 -20.36
N ALA E 81 -34.95 -14.70 -21.47
CA ALA E 81 -36.38 -14.47 -21.61
C ALA E 81 -37.10 -15.82 -21.59
N PRO E 82 -38.28 -15.89 -20.95
CA PRO E 82 -39.10 -17.11 -20.99
C PRO E 82 -39.33 -17.71 -22.37
N GLU E 83 -39.44 -16.86 -23.40
CA GLU E 83 -39.83 -17.27 -24.74
C GLU E 83 -38.72 -18.03 -25.49
N ILE E 84 -37.47 -17.81 -25.12
CA ILE E 84 -36.32 -18.46 -25.76
C ILE E 84 -35.69 -19.59 -24.92
N ALA E 85 -36.28 -19.86 -23.75
CA ALA E 85 -35.64 -20.72 -22.75
C ALA E 85 -35.56 -22.18 -23.20
N LEU E 86 -36.65 -22.72 -23.75
CA LEU E 86 -36.66 -24.11 -24.20
C LEU E 86 -35.67 -24.35 -25.33
N GLU E 87 -35.69 -23.49 -26.33
CA GLU E 87 -34.77 -23.58 -27.46
C GLU E 87 -33.32 -23.41 -27.04
N LEU E 88 -33.06 -22.43 -26.16
CA LEU E 88 -31.70 -22.17 -25.69
C LEU E 88 -31.15 -23.32 -24.84
N LEU E 89 -32.03 -24.00 -24.11
CA LEU E 89 -31.69 -25.22 -23.38
C LEU E 89 -31.23 -26.32 -24.35
N MET E 90 -32.00 -26.52 -25.41
CA MET E 90 -31.69 -27.53 -26.41
C MET E 90 -30.35 -27.26 -27.09
N ALA E 91 -30.10 -26.00 -27.44
CA ALA E 91 -28.81 -25.59 -27.98
C ALA E 91 -27.69 -25.86 -26.99
N ALA E 92 -27.88 -25.43 -25.75
CA ALA E 92 -26.89 -25.63 -24.69
C ALA E 92 -26.57 -27.11 -24.47
N ASN E 93 -27.57 -27.97 -24.62
CA ASN E 93 -27.39 -29.43 -24.52
C ASN E 93 -26.56 -29.97 -25.67
N PHE E 94 -26.88 -29.52 -26.89
CA PHE E 94 -26.15 -29.90 -28.09
C PHE E 94 -24.71 -29.41 -28.10
N LEU E 95 -24.51 -28.18 -27.65
CA LEU E 95 -23.18 -27.53 -27.65
C LEU E 95 -22.35 -27.81 -26.40
N ASP E 96 -22.95 -28.38 -25.36
CA ASP E 96 -22.28 -28.71 -24.09
C ASP E 96 -21.62 -27.50 -23.43
N CYS E 97 -22.38 -26.43 -23.25
CA CYS E 97 -21.88 -25.22 -22.61
C CYS E 97 -22.84 -24.70 -21.53
N VAL F 11 -18.92 -37.79 6.88
CA VAL F 11 -17.57 -37.38 6.40
C VAL F 11 -17.33 -35.89 6.59
N LEU F 12 -17.97 -35.05 5.76
CA LEU F 12 -17.90 -33.60 5.93
C LEU F 12 -18.76 -33.16 7.11
N ARG F 13 -18.10 -32.69 8.17
CA ARG F 13 -18.76 -32.21 9.38
C ARG F 13 -17.99 -31.03 9.97
N SER F 14 -18.64 -30.27 10.84
CA SER F 14 -17.98 -29.17 11.54
C SER F 14 -17.06 -29.71 12.63
N VAL F 15 -15.89 -29.08 12.78
CA VAL F 15 -14.94 -29.46 13.82
C VAL F 15 -15.38 -28.80 15.12
N ASN F 16 -15.53 -29.58 16.18
CA ASN F 16 -15.91 -29.04 17.49
C ASN F 16 -14.72 -28.33 18.15
N SER F 17 -14.40 -27.15 17.64
CA SER F 17 -13.23 -26.39 18.09
C SER F 17 -13.51 -25.61 19.36
N ARG F 18 -14.72 -25.06 19.46
CA ARG F 18 -15.13 -24.19 20.56
C ARG F 18 -14.29 -22.91 20.61
N GLU F 19 -13.83 -22.48 19.44
CA GLU F 19 -12.94 -21.33 19.27
C GLU F 19 -13.69 -20.28 18.43
N PRO F 20 -14.29 -19.26 19.09
CA PRO F 20 -15.12 -18.28 18.38
C PRO F 20 -14.44 -17.59 17.19
N SER F 21 -15.22 -17.33 16.14
CA SER F 21 -14.79 -16.59 14.96
C SER F 21 -15.96 -15.79 14.44
N GLN F 22 -15.80 -14.47 14.37
CA GLN F 22 -16.84 -13.57 13.91
C GLN F 22 -16.82 -13.54 12.38
N VAL F 23 -18.01 -13.56 11.77
CA VAL F 23 -18.14 -13.59 10.31
C VAL F 23 -19.20 -12.59 9.84
N ILE F 24 -18.94 -11.96 8.69
CA ILE F 24 -19.93 -11.18 7.97
C ILE F 24 -20.42 -12.01 6.77
N PHE F 25 -21.69 -12.40 6.80
CA PHE F 25 -22.34 -13.03 5.65
C PHE F 25 -22.85 -11.92 4.73
N CAS F 26 -22.09 -11.62 3.68
CA CAS F 26 -22.42 -10.55 2.75
CB CAS F 26 -21.14 -9.76 2.45
C CAS F 26 -23.00 -11.15 1.50
O CAS F 26 -22.30 -11.85 0.77
SG CAS F 26 -21.42 -8.43 1.32
AS CAS F 26 -22.67 -7.01 2.47
CE1 CAS F 26 -24.35 -6.66 1.45
CE2 CAS F 26 -21.71 -5.29 2.64
N ASN F 27 -24.28 -10.89 1.25
CA ASN F 27 -24.97 -11.40 0.06
C ASN F 27 -24.82 -10.46 -1.14
N ARG F 28 -23.82 -10.73 -1.98
CA ARG F 28 -23.64 -10.00 -3.24
C ARG F 28 -24.22 -10.79 -4.41
N SER F 29 -25.50 -11.15 -4.30
CA SER F 29 -26.20 -11.90 -5.34
C SER F 29 -27.65 -11.41 -5.43
N PRO F 30 -28.31 -11.69 -6.57
CA PRO F 30 -29.72 -11.32 -6.69
C PRO F 30 -30.69 -12.35 -6.09
N ARG F 31 -30.17 -13.42 -5.48
CA ARG F 31 -31.00 -14.47 -4.88
C ARG F 31 -31.21 -14.22 -3.39
N VAL F 32 -32.30 -14.75 -2.86
CA VAL F 32 -32.49 -14.87 -1.42
C VAL F 32 -31.58 -16.01 -0.99
N VAL F 33 -30.67 -15.74 -0.05
CA VAL F 33 -29.66 -16.73 0.37
C VAL F 33 -30.10 -17.53 1.59
N LEU F 34 -29.99 -18.86 1.50
CA LEU F 34 -30.13 -19.78 2.63
C LEU F 34 -28.72 -20.18 3.06
N PRO F 35 -28.28 -19.75 4.26
CA PRO F 35 -27.04 -20.31 4.79
C PRO F 35 -27.31 -21.69 5.39
N VAL F 36 -26.43 -22.65 5.10
CA VAL F 36 -26.54 -24.01 5.61
C VAL F 36 -25.29 -24.41 6.39
N TRP F 37 -25.45 -24.74 7.67
CA TRP F 37 -24.35 -25.17 8.53
C TRP F 37 -24.33 -26.70 8.58
N LEU F 38 -23.19 -27.30 8.28
CA LEU F 38 -23.03 -28.74 8.46
C LEU F 38 -22.68 -28.99 9.92
N ASN F 39 -23.59 -29.63 10.66
CA ASN F 39 -23.41 -29.80 12.11
C ASN F 39 -22.40 -30.90 12.43
N PHE F 40 -22.25 -31.22 13.73
CA PHE F 40 -21.23 -32.15 14.19
C PHE F 40 -21.42 -33.59 13.73
N ASP F 41 -22.65 -33.95 13.37
CA ASP F 41 -22.96 -35.24 12.73
C ASP F 41 -23.06 -35.16 11.20
N GLY F 42 -22.59 -34.06 10.60
CA GLY F 42 -22.69 -33.86 9.15
C GLY F 42 -24.07 -33.57 8.57
N GLU F 43 -25.06 -33.28 9.42
CA GLU F 43 -26.41 -32.97 8.95
C GLU F 43 -26.52 -31.49 8.63
N PRO F 44 -27.05 -31.14 7.45
CA PRO F 44 -27.20 -29.73 7.12
C PRO F 44 -28.28 -29.06 7.96
N GLN F 45 -27.92 -27.97 8.63
CA GLN F 45 -28.85 -27.17 9.42
C GLN F 45 -29.08 -25.84 8.70
N PRO F 46 -30.35 -25.54 8.34
CA PRO F 46 -30.64 -24.26 7.69
C PRO F 46 -30.72 -23.11 8.70
N TYR F 47 -30.14 -21.97 8.32
CA TYR F 47 -30.16 -20.74 9.12
C TYR F 47 -31.05 -19.68 8.46
N PRO F 48 -31.35 -18.56 9.17
CA PRO F 48 -32.24 -17.54 8.60
C PRO F 48 -31.75 -16.96 7.26
N THR F 49 -32.67 -16.58 6.39
CA THR F 49 -32.33 -16.12 5.05
C THR F 49 -31.79 -14.69 5.03
N LEU F 50 -30.99 -14.38 4.01
CA LEU F 50 -30.57 -13.01 3.69
C LEU F 50 -31.19 -12.59 2.37
N PRO F 51 -31.96 -11.48 2.36
CA PRO F 51 -32.40 -10.94 1.08
C PRO F 51 -31.22 -10.44 0.24
N PRO F 52 -31.43 -10.25 -1.08
CA PRO F 52 -30.37 -9.74 -1.96
C PRO F 52 -29.75 -8.43 -1.48
N GLY F 53 -28.42 -8.34 -1.56
CA GLY F 53 -27.69 -7.12 -1.23
C GLY F 53 -27.61 -6.76 0.24
N THR F 54 -27.88 -7.71 1.12
CA THR F 54 -27.86 -7.48 2.56
C THR F 54 -26.73 -8.25 3.25
N GLY F 55 -26.40 -7.80 4.46
CA GLY F 55 -25.31 -8.34 5.26
C GLY F 55 -25.73 -8.55 6.71
N ARG F 56 -25.20 -9.60 7.32
CA ARG F 56 -25.43 -9.92 8.73
C ARG F 56 -24.10 -10.30 9.37
N ARG F 57 -23.79 -9.68 10.51
CA ARG F 57 -22.63 -10.06 11.32
C ARG F 57 -23.07 -11.19 12.25
N ILE F 58 -22.39 -12.33 12.17
CA ILE F 58 -22.81 -13.55 12.88
C ILE F 58 -21.68 -14.18 13.70
N HIS F 59 -22.08 -14.94 14.72
CA HIS F 59 -21.15 -15.66 15.60
C HIS F 59 -21.06 -17.11 15.16
N SER F 60 -19.85 -17.53 14.80
CA SER F 60 -19.56 -18.92 14.42
C SER F 60 -18.28 -19.38 15.13
N TYR F 61 -17.69 -20.48 14.66
CA TYR F 61 -16.48 -21.04 15.28
C TYR F 61 -15.50 -21.51 14.23
N ARG F 62 -14.21 -21.57 14.60
CA ARG F 62 -13.16 -22.04 13.70
C ARG F 62 -13.37 -23.51 13.37
N GLY F 63 -13.14 -23.86 12.11
CA GLY F 63 -13.32 -25.23 11.62
C GLY F 63 -14.75 -25.66 11.29
N HIS F 64 -15.73 -24.77 11.49
CA HIS F 64 -17.12 -25.04 11.17
C HIS F 64 -17.36 -24.84 9.67
N LEU F 65 -18.21 -25.68 9.09
CA LEU F 65 -18.45 -25.69 7.64
C LEU F 65 -19.78 -25.05 7.32
N TRP F 66 -19.78 -24.19 6.29
CA TRP F 66 -20.98 -23.54 5.81
C TRP F 66 -21.03 -23.64 4.30
N LEU F 67 -22.25 -23.77 3.76
CA LEU F 67 -22.49 -23.57 2.33
C LEU F 67 -23.75 -22.71 2.16
N PHE F 68 -23.91 -22.15 0.97
CA PHE F 68 -24.95 -21.15 0.71
C PHE F 68 -25.73 -21.50 -0.55
N ARG F 69 -27.05 -21.40 -0.45
CA ARG F 69 -27.95 -21.77 -1.53
C ARG F 69 -29.01 -20.70 -1.78
N ASP F 70 -29.65 -20.78 -2.94
CA ASP F 70 -30.87 -20.04 -3.20
C ASP F 70 -31.97 -20.69 -2.37
N ALA F 71 -32.61 -19.89 -1.50
CA ALA F 71 -33.62 -20.40 -0.57
C ALA F 71 -34.87 -20.95 -1.24
N GLY F 72 -35.24 -20.40 -2.40
CA GLY F 72 -36.39 -20.86 -3.16
C GLY F 72 -36.16 -22.14 -3.95
N THR F 73 -35.04 -22.19 -4.67
CA THR F 73 -34.77 -23.25 -5.63
C THR F 73 -33.67 -24.23 -5.24
N HIS F 74 -32.89 -23.90 -4.22
CA HIS F 74 -31.69 -24.63 -3.82
C HIS F 74 -30.53 -24.64 -4.82
N ASP F 75 -30.54 -23.71 -5.77
CA ASP F 75 -29.39 -23.50 -6.66
C ASP F 75 -28.15 -23.22 -5.82
N GLY F 76 -27.01 -23.72 -6.29
CA GLY F 76 -25.75 -23.52 -5.59
C GLY F 76 -25.27 -22.08 -5.72
N LEU F 77 -24.65 -21.59 -4.66
CA LEU F 77 -23.99 -20.30 -4.65
C LEU F 77 -22.54 -20.47 -4.21
N LEU F 78 -21.70 -19.48 -4.54
CA LEU F 78 -20.32 -19.46 -4.08
C LEU F 78 -20.18 -18.60 -2.84
N VAL F 79 -19.10 -18.84 -2.12
CA VAL F 79 -18.69 -18.04 -0.96
C VAL F 79 -17.17 -17.91 -1.08
N ASN F 80 -16.67 -16.68 -1.16
CA ASN F 80 -15.27 -16.41 -1.47
C ASN F 80 -14.72 -17.30 -2.59
N GLN F 81 -15.40 -17.27 -3.73
CA GLN F 81 -15.00 -17.97 -4.95
C GLN F 81 -15.14 -19.50 -4.95
N THR F 82 -15.68 -20.08 -3.88
CA THR F 82 -15.74 -21.54 -3.74
C THR F 82 -17.01 -21.99 -3.02
N GLU F 83 -17.18 -23.30 -2.89
CA GLU F 83 -18.42 -23.88 -2.37
C GLU F 83 -18.53 -23.91 -0.85
N LEU F 84 -17.45 -24.31 -0.17
CA LEU F 84 -17.46 -24.40 1.28
C LEU F 84 -16.79 -23.18 1.90
N PHE F 85 -17.38 -22.68 2.99
CA PHE F 85 -16.78 -21.63 3.80
C PHE F 85 -16.44 -22.13 5.19
N VAL F 86 -15.19 -21.94 5.59
CA VAL F 86 -14.71 -22.31 6.92
C VAL F 86 -14.19 -21.04 7.59
N PRO F 87 -14.82 -20.59 8.70
CA PRO F 87 -14.25 -19.44 9.40
C PRO F 87 -12.83 -19.69 9.87
N SER F 88 -11.99 -18.68 9.70
CA SER F 88 -10.58 -18.70 10.08
C SER F 88 -10.35 -17.77 11.29
N LEU F 89 -9.08 -17.63 11.69
CA LEU F 89 -8.70 -16.74 12.78
C LEU F 89 -9.04 -15.28 12.48
N ASN F 90 -9.62 -14.60 13.45
CA ASN F 90 -9.82 -13.15 13.40
C ASN F 90 -8.56 -12.40 13.84
N VAL F 91 -7.85 -11.83 12.88
CA VAL F 91 -6.63 -11.06 13.15
C VAL F 91 -7.04 -9.66 13.65
N ASP F 92 -6.52 -9.27 14.81
CA ASP F 92 -6.82 -7.99 15.47
C ASP F 92 -8.32 -7.78 15.75
N GLY F 93 -9.05 -8.88 15.97
CA GLY F 93 -10.49 -8.83 16.21
C GLY F 93 -11.40 -8.67 15.00
N GLN F 94 -10.83 -8.48 13.82
CA GLN F 94 -11.61 -8.17 12.62
C GLN F 94 -12.37 -9.40 12.12
N PRO F 95 -13.67 -9.24 11.79
CA PRO F 95 -14.47 -10.38 11.34
C PRO F 95 -14.07 -10.87 9.94
N ILE F 96 -14.37 -12.13 9.65
CA ILE F 96 -14.05 -12.70 8.34
C ILE F 96 -15.17 -12.32 7.39
N PHE F 97 -14.80 -11.98 6.16
CA PHE F 97 -15.80 -11.61 5.16
C PHE F 97 -16.15 -12.85 4.34
N ALA F 98 -17.40 -13.31 4.48
CA ALA F 98 -17.96 -14.37 3.64
C ALA F 98 -18.76 -13.74 2.50
N ASN F 99 -18.13 -13.64 1.33
CA ASN F 99 -18.68 -12.94 0.18
C ASN F 99 -19.46 -13.88 -0.71
N ILE F 100 -20.78 -13.83 -0.61
CA ILE F 100 -21.68 -14.78 -1.26
C ILE F 100 -22.09 -14.23 -2.62
N THR F 101 -21.84 -15.01 -3.68
CA THR F 101 -22.11 -14.56 -5.05
C THR F 101 -22.73 -15.67 -5.89
N LEU F 102 -23.27 -15.29 -7.04
CA LEU F 102 -23.64 -16.27 -8.07
C LEU F 102 -22.35 -16.86 -8.62
N PRO F 103 -22.36 -18.16 -8.93
CA PRO F 103 -21.30 -18.67 -9.78
C PRO F 103 -21.61 -18.30 -11.23
N VAL F 104 -20.64 -18.55 -12.11
CA VAL F 104 -20.92 -18.57 -13.53
C VAL F 104 -21.50 -19.96 -13.80
N TYR F 105 -22.82 -20.06 -13.72
CA TYR F 105 -23.52 -21.29 -14.11
C TYR F 105 -23.21 -21.61 -15.56
N THR F 106 -23.29 -22.89 -15.91
CA THR F 106 -23.29 -23.28 -17.32
C THR F 106 -24.56 -22.72 -17.93
N LEU F 107 -24.53 -22.52 -19.25
CA LEU F 107 -25.73 -22.10 -19.98
C LEU F 107 -26.84 -23.15 -19.82
N LYS F 108 -26.48 -24.42 -19.97
CA LYS F 108 -27.43 -25.52 -19.75
C LYS F 108 -28.11 -25.40 -18.38
N GLU F 109 -27.32 -25.30 -17.33
CA GLU F 109 -27.85 -25.24 -15.97
C GLU F 109 -28.69 -23.99 -15.76
N ARG F 110 -28.24 -22.87 -16.32
CA ARG F 110 -28.98 -21.62 -16.26
C ARG F 110 -30.30 -21.73 -17.00
N CYS F 111 -30.30 -22.38 -18.16
CA CYS F 111 -31.55 -22.66 -18.88
C CYS F 111 -32.50 -23.53 -18.06
N LEU F 112 -31.97 -24.53 -17.37
CA LEU F 112 -32.79 -25.41 -16.53
C LEU F 112 -33.43 -24.65 -15.37
N GLN F 113 -32.69 -23.73 -14.76
CA GLN F 113 -33.25 -22.83 -13.74
C GLN F 113 -34.47 -22.05 -14.21
N VAL F 114 -34.38 -21.46 -15.41
CA VAL F 114 -35.47 -20.65 -15.96
C VAL F 114 -36.69 -21.51 -16.32
N VAL F 115 -36.45 -22.68 -16.91
CA VAL F 115 -37.53 -23.61 -17.26
C VAL F 115 -38.19 -24.16 -16.00
N ARG F 116 -37.39 -24.48 -14.98
CA ARG F 116 -37.91 -24.93 -13.68
C ARG F 116 -38.77 -23.88 -12.97
N SER F 117 -38.35 -22.62 -13.03
CA SER F 117 -39.13 -21.52 -12.44
C SER F 117 -40.48 -21.29 -13.14
N LEU F 118 -40.55 -21.55 -14.44
CA LEU F 118 -41.77 -21.34 -15.23
C LEU F 118 -42.70 -22.55 -15.23
N VAL F 119 -42.14 -23.73 -15.50
CA VAL F 119 -42.94 -24.96 -15.62
C VAL F 119 -43.02 -25.68 -14.27
N LYS F 120 -44.22 -26.14 -13.92
CA LYS F 120 -44.42 -26.91 -12.69
C LYS F 120 -43.87 -28.33 -12.87
N PRO F 121 -43.38 -28.96 -11.78
CA PRO F 121 -42.80 -30.30 -11.91
C PRO F 121 -43.69 -31.38 -12.53
N GLU F 122 -45.01 -31.25 -12.38
CA GLU F 122 -45.96 -32.17 -12.99
C GLU F 122 -45.96 -32.08 -14.52
N ASN F 123 -45.70 -30.89 -15.04
CA ASN F 123 -45.75 -30.61 -16.48
C ASN F 123 -44.41 -30.73 -17.22
N TYR F 124 -43.33 -31.10 -16.53
CA TYR F 124 -42.04 -31.33 -17.19
C TYR F 124 -42.17 -32.35 -18.31
N ARG F 125 -42.86 -33.46 -18.02
CA ARG F 125 -43.08 -34.53 -18.98
C ARG F 125 -43.79 -34.09 -20.26
N ARG F 126 -44.64 -33.08 -20.17
CA ARG F 126 -45.36 -32.54 -21.34
C ARG F 126 -44.49 -31.72 -22.31
N LEU F 127 -43.33 -31.24 -21.86
CA LEU F 127 -42.45 -30.43 -22.70
C LEU F 127 -41.86 -31.25 -23.86
N ASP F 128 -41.86 -30.66 -25.06
CA ASP F 128 -41.38 -31.35 -26.26
C ASP F 128 -39.86 -31.27 -26.35
N ILE F 129 -39.20 -32.12 -25.56
CA ILE F 129 -37.74 -32.18 -25.47
C ILE F 129 -37.29 -33.62 -25.23
N VAL F 130 -36.01 -33.89 -25.47
CA VAL F 130 -35.47 -35.25 -25.34
C VAL F 130 -35.48 -35.75 -23.89
N ARG F 131 -35.59 -37.07 -23.72
CA ARG F 131 -35.78 -37.69 -22.41
C ARG F 131 -34.72 -37.34 -21.36
N SER F 132 -33.46 -37.20 -21.79
CA SER F 132 -32.40 -36.82 -20.85
C SER F 132 -32.62 -35.43 -20.24
N LEU F 133 -33.27 -34.53 -20.98
CA LEU F 133 -33.65 -33.22 -20.44
C LEU F 133 -34.79 -33.24 -19.43
N TYR F 134 -35.68 -34.23 -19.49
CA TYR F 134 -36.66 -34.44 -18.42
C TYR F 134 -35.95 -34.75 -17.12
N GLU F 135 -34.99 -35.67 -17.19
CA GLU F 135 -34.19 -36.07 -16.02
C GLU F 135 -33.31 -34.94 -15.49
N ASP F 136 -32.79 -34.10 -16.38
CA ASP F 136 -32.00 -32.94 -15.99
C ASP F 136 -32.87 -31.92 -15.25
N LEU F 137 -34.06 -31.67 -15.77
CA LEU F 137 -35.06 -30.82 -15.09
C LEU F 137 -35.53 -31.42 -13.77
N GLU F 138 -35.84 -32.72 -13.78
CA GLU F 138 -36.32 -33.42 -12.58
C GLU F 138 -35.26 -33.53 -11.49
N ASP F 139 -34.01 -33.75 -11.87
CA ASP F 139 -32.89 -33.80 -10.93
C ASP F 139 -32.48 -32.38 -10.55
N HIS F 140 -33.34 -31.73 -9.76
CA HIS F 140 -33.14 -30.33 -9.40
C HIS F 140 -32.08 -30.25 -8.31
N PRO F 141 -31.41 -29.09 -8.16
CA PRO F 141 -30.35 -28.99 -7.17
C PRO F 141 -30.77 -29.39 -5.76
N ASN F 142 -29.83 -29.96 -5.02
CA ASN F 142 -30.10 -30.55 -3.71
C ASN F 142 -28.82 -30.62 -2.90
N VAL F 143 -28.92 -30.22 -1.63
CA VAL F 143 -27.75 -30.14 -0.75
C VAL F 143 -27.14 -31.53 -0.52
N GLN F 144 -27.99 -32.53 -0.29
CA GLN F 144 -27.51 -33.89 0.01
C GLN F 144 -26.67 -34.49 -1.14
N LYS F 145 -27.09 -34.25 -2.38
CA LYS F 145 -26.35 -34.71 -3.56
C LYS F 145 -24.97 -34.08 -3.65
N ASP F 146 -24.89 -32.76 -3.45
CA ASP F 146 -23.61 -32.05 -3.46
C ASP F 146 -22.69 -32.45 -2.30
N LEU F 147 -23.26 -32.85 -1.16
CA LEU F 147 -22.46 -33.37 -0.05
C LEU F 147 -21.88 -34.75 -0.35
N GLU F 148 -22.63 -35.60 -1.04
CA GLU F 148 -22.11 -36.89 -1.52
C GLU F 148 -21.04 -36.71 -2.60
N ARG F 149 -21.19 -35.67 -3.43
CA ARG F 149 -20.21 -35.34 -4.47
C ARG F 149 -18.94 -34.70 -3.90
N LEU F 150 -19.11 -33.76 -2.97
CA LEU F 150 -17.99 -33.12 -2.28
C LEU F 150 -17.19 -34.10 -1.42
N THR F 151 -17.88 -35.08 -0.83
CA THR F 151 -17.23 -36.15 -0.07
C THR F 151 -16.39 -37.03 -0.98
N GLN F 152 -17.01 -37.57 -2.03
CA GLN F 152 -16.30 -38.36 -3.04
C GLN F 152 -15.49 -37.46 -3.97
N GLU F 153 -14.39 -36.92 -3.44
CA GLU F 153 -13.58 -35.92 -4.12
C GLU F 153 -12.26 -35.67 -3.39
N MET G 1 -12.32 26.03 19.35
CA MET G 1 -13.68 25.44 19.53
C MET G 1 -14.12 24.73 18.25
N ASP G 2 -14.37 23.43 18.35
CA ASP G 2 -14.75 22.63 17.19
C ASP G 2 -16.25 22.77 16.92
N VAL G 3 -16.63 22.69 15.64
CA VAL G 3 -18.04 22.62 15.25
C VAL G 3 -18.23 21.44 14.29
N PHE G 4 -19.39 20.82 14.36
CA PHE G 4 -19.65 19.57 13.64
C PHE G 4 -20.85 19.76 12.74
N LEU G 5 -20.67 19.44 11.46
CA LEU G 5 -21.55 19.90 10.39
C LEU G 5 -22.05 18.78 9.49
N MET G 6 -23.27 18.93 8.97
CA MET G 6 -23.73 18.23 7.78
C MET G 6 -23.77 19.24 6.64
N ILE G 7 -23.01 18.97 5.58
CA ILE G 7 -23.10 19.78 4.35
C ILE G 7 -23.98 19.00 3.39
N ARG G 8 -25.12 19.59 3.01
CA ARG G 8 -26.20 18.85 2.35
C ARG G 8 -26.65 19.46 1.03
N ARG G 9 -26.62 18.64 -0.03
CA ARG G 9 -27.14 18.96 -1.35
C ARG G 9 -27.90 17.77 -1.91
N HIS G 10 -29.16 17.97 -2.29
CA HIS G 10 -30.02 16.95 -2.89
C HIS G 10 -30.05 15.67 -2.03
N LYS G 11 -29.40 14.59 -2.46
CA LYS G 11 -29.30 13.35 -1.68
C LYS G 11 -27.87 13.05 -1.23
N THR G 12 -27.07 14.11 -1.08
CA THR G 12 -25.69 14.04 -0.63
C THR G 12 -25.61 14.79 0.71
N THR G 13 -25.10 14.10 1.73
CA THR G 13 -24.84 14.69 3.04
C THR G 13 -23.37 14.41 3.38
N ILE G 14 -22.58 15.45 3.60
CA ILE G 14 -21.19 15.28 4.06
C ILE G 14 -21.11 15.59 5.55
N PHE G 15 -20.66 14.62 6.32
CA PHE G 15 -20.29 14.84 7.72
C PHE G 15 -18.83 15.26 7.81
N THR G 16 -18.59 16.46 8.33
CA THR G 16 -17.23 16.91 8.64
C THR G 16 -17.26 17.91 9.79
N ASP G 17 -16.08 18.37 10.19
CA ASP G 17 -15.94 19.37 11.24
C ASP G 17 -14.89 20.42 10.90
N ALA G 18 -14.96 21.52 11.63
CA ALA G 18 -14.04 22.64 11.49
C ALA G 18 -13.97 23.39 12.81
N LYS G 19 -13.16 24.43 12.87
CA LYS G 19 -13.07 25.31 14.04
C LYS G 19 -14.06 26.47 13.89
N GLU G 20 -14.47 27.05 15.01
CA GLU G 20 -15.25 28.29 15.01
C GLU G 20 -14.54 29.40 14.23
N SER G 21 -13.22 29.48 14.39
CA SER G 21 -12.40 30.52 13.76
C SER G 21 -12.27 30.40 12.24
N SER G 22 -12.48 29.20 11.69
CA SER G 22 -12.29 28.96 10.25
C SER G 22 -13.35 29.61 9.37
N THR G 23 -12.96 29.95 8.14
CA THR G 23 -13.81 30.68 7.20
C THR G 23 -14.67 29.77 6.32
N VAL G 24 -15.61 30.40 5.61
CA VAL G 24 -16.50 29.71 4.69
C VAL G 24 -15.74 29.17 3.46
N PHE G 25 -14.72 29.92 3.01
CA PHE G 25 -13.86 29.49 1.90
C PHE G 25 -13.07 28.23 2.22
N GLU G 26 -12.54 28.15 3.44
CA GLU G 26 -11.83 26.97 3.92
C GLU G 26 -12.74 25.73 3.97
N LEU G 27 -14.02 25.96 4.25
CA LEU G 27 -15.04 24.91 4.21
C LEU G 27 -15.37 24.49 2.77
N LYS G 28 -15.37 25.44 1.83
CA LYS G 28 -15.51 25.14 0.41
C LYS G 28 -14.37 24.30 -0.17
N ARG G 29 -13.16 24.45 0.38
CA ARG G 29 -12.02 23.60 0.02
C ARG G 29 -12.19 22.14 0.45
N ILE G 30 -12.87 21.92 1.57
CA ILE G 30 -13.19 20.58 2.05
C ILE G 30 -14.19 19.90 1.11
N VAL G 31 -15.15 20.67 0.58
CA VAL G 31 -16.13 20.17 -0.39
C VAL G 31 -15.43 19.80 -1.70
N GLU G 32 -14.48 20.63 -2.13
CA GLU G 32 -13.70 20.41 -3.35
C GLU G 32 -12.90 19.09 -3.31
N GLY G 33 -12.34 18.77 -2.15
CA GLY G 33 -11.63 17.51 -1.96
C GLY G 33 -12.52 16.29 -2.11
N ILE G 34 -13.77 16.42 -1.69
CA ILE G 34 -14.76 15.33 -1.70
C ILE G 34 -15.51 15.25 -3.04
N LEU G 35 -16.26 16.30 -3.38
CA LEU G 35 -17.18 16.28 -4.52
C LEU G 35 -16.58 16.78 -5.84
N LYS G 36 -15.34 17.26 -5.82
CA LYS G 36 -14.56 17.61 -7.02
C LYS G 36 -15.13 18.80 -7.82
N ARG G 37 -15.51 19.84 -7.10
CA ARG G 37 -16.00 21.09 -7.69
C ARG G 37 -15.31 22.27 -6.98
N PRO G 38 -14.80 23.25 -7.74
CA PRO G 38 -14.01 24.32 -7.10
C PRO G 38 -14.85 25.28 -6.26
N PRO G 39 -14.20 26.10 -5.39
CA PRO G 39 -14.90 27.07 -4.54
C PRO G 39 -15.87 28.01 -5.27
N ASP G 40 -15.46 28.53 -6.42
CA ASP G 40 -16.27 29.48 -7.18
C ASP G 40 -17.54 28.89 -7.80
N GLU G 41 -17.64 27.57 -7.89
CA GLU G 41 -18.86 26.88 -8.33
C GLU G 41 -19.68 26.29 -7.17
N GLN G 42 -19.55 26.88 -5.99
CA GLN G 42 -20.27 26.42 -4.79
C GLN G 42 -20.92 27.58 -4.05
N ARG G 43 -22.20 27.44 -3.72
CA ARG G 43 -22.87 28.34 -2.78
C ARG G 43 -23.18 27.57 -1.50
N LEU G 44 -22.70 28.09 -0.37
CA LEU G 44 -23.00 27.52 0.95
C LEU G 44 -23.99 28.42 1.70
N TYR G 45 -24.97 27.78 2.33
CA TYR G 45 -26.11 28.47 2.93
C TYR G 45 -26.27 28.09 4.40
N LYS G 46 -26.71 29.06 5.20
CA LYS G 46 -27.14 28.83 6.58
C LYS G 46 -28.64 29.09 6.60
N ASP G 47 -29.42 28.00 6.55
CA ASP G 47 -30.83 28.04 6.17
C ASP G 47 -30.96 28.72 4.79
N ASP G 48 -31.74 29.80 4.66
CA ASP G 48 -31.86 30.50 3.38
C ASP G 48 -30.77 31.56 3.13
N GLN G 49 -29.98 31.89 4.14
CA GLN G 49 -28.96 32.94 4.04
C GLN G 49 -27.70 32.42 3.36
N LEU G 50 -27.32 33.04 2.25
CA LEU G 50 -26.08 32.74 1.55
C LEU G 50 -24.89 33.19 2.39
N LEU G 51 -23.86 32.33 2.49
CA LEU G 51 -22.71 32.58 3.35
C LEU G 51 -21.58 33.25 2.57
N ASP G 52 -20.99 34.29 3.18
CA ASP G 52 -19.90 35.05 2.57
C ASP G 52 -18.57 34.33 2.84
N ASP G 53 -17.71 34.29 1.83
CA ASP G 53 -16.44 33.56 1.90
C ASP G 53 -15.50 34.04 3.02
N GLY G 54 -15.40 35.35 3.20
CA GLY G 54 -14.49 35.94 4.18
C GLY G 54 -14.89 35.85 5.64
N LYS G 55 -16.13 35.45 5.92
CA LYS G 55 -16.65 35.36 7.29
C LYS G 55 -16.36 34.01 7.95
N THR G 56 -16.15 34.03 9.26
CA THR G 56 -15.93 32.80 10.04
C THR G 56 -17.24 32.05 10.28
N LEU G 57 -17.13 30.76 10.56
CA LEU G 57 -18.29 29.93 10.88
C LEU G 57 -18.93 30.36 12.20
N GLY G 58 -18.11 30.80 13.15
CA GLY G 58 -18.57 31.33 14.43
C GLY G 58 -19.46 32.56 14.35
N GLU G 59 -19.07 33.54 13.53
CA GLU G 59 -19.88 34.75 13.37
C GLU G 59 -21.15 34.50 12.55
N CAS G 60 -21.15 33.46 11.72
CA CAS G 60 -22.35 33.00 11.02
CB CAS G 60 -21.99 32.23 9.75
C CAS G 60 -23.26 32.15 11.88
O CAS G 60 -24.20 31.53 11.37
SG CAS G 60 -21.20 33.22 8.54
AS CAS G 60 -22.75 34.78 8.13
CE1 CAS G 60 -22.43 36.29 9.38
CE2 CAS G 60 -22.66 35.56 6.30
N GLY G 61 -23.00 32.07 13.18
CA GLY G 61 -23.90 31.40 14.12
C GLY G 61 -23.66 29.92 14.35
N PHE G 62 -22.65 29.33 13.71
CA PHE G 62 -22.28 27.94 13.95
C PHE G 62 -21.35 27.92 15.17
N THR G 63 -21.90 27.59 16.33
CA THR G 63 -21.15 27.52 17.58
C THR G 63 -21.10 26.09 18.11
N SER G 64 -20.09 25.82 18.93
CA SER G 64 -19.80 24.47 19.41
C SER G 64 -20.93 23.82 20.21
N GLN G 65 -21.73 24.63 20.90
CA GLN G 65 -22.89 24.14 21.65
C GLN G 65 -24.16 23.95 20.81
N THR G 66 -24.16 24.39 19.56
CA THR G 66 -25.28 24.15 18.63
C THR G 66 -24.91 23.17 17.53
N ALA G 67 -23.71 23.30 16.99
CA ALA G 67 -23.18 22.34 16.01
C ALA G 67 -22.40 21.22 16.71
N ARG G 68 -23.14 20.31 17.36
CA ARG G 68 -22.56 19.28 18.23
C ARG G 68 -22.24 17.98 17.46
N PRO G 69 -21.28 17.18 17.95
CA PRO G 69 -20.96 15.90 17.29
C PRO G 69 -22.16 14.96 17.07
N GLN G 70 -22.98 14.80 18.11
CA GLN G 70 -24.17 13.95 18.08
C GLN G 70 -25.42 14.59 17.46
N ALA G 71 -25.36 15.89 17.18
CA ALA G 71 -26.45 16.62 16.52
C ALA G 71 -25.87 17.78 15.70
N PRO G 72 -25.22 17.48 14.56
CA PRO G 72 -24.49 18.49 13.80
C PRO G 72 -25.42 19.47 13.08
N ALA G 73 -24.93 20.69 12.85
CA ALA G 73 -25.71 21.73 12.20
C ALA G 73 -25.65 21.57 10.69
N THR G 74 -26.77 21.85 10.02
CA THR G 74 -26.88 21.71 8.57
C THR G 74 -26.29 22.97 7.89
N VAL G 75 -25.59 22.74 6.79
CA VAL G 75 -25.13 23.80 5.89
C VAL G 75 -25.55 23.42 4.47
N GLY G 76 -26.32 24.30 3.82
CA GLY G 76 -26.81 24.05 2.46
C GLY G 76 -25.71 24.16 1.41
N LEU G 77 -25.86 23.42 0.31
CA LEU G 77 -24.88 23.41 -0.78
C LEU G 77 -25.60 23.41 -2.12
N ALA G 78 -25.22 24.35 -3.00
CA ALA G 78 -25.71 24.41 -4.36
C ALA G 78 -24.53 24.59 -5.32
N PHE G 79 -24.61 23.95 -6.49
CA PHE G 79 -23.55 24.01 -7.51
C PHE G 79 -23.88 24.94 -8.68
N ARG G 80 -22.82 25.42 -9.32
CA ARG G 80 -22.93 26.16 -10.58
C ARG G 80 -22.79 25.17 -11.73
N ALA G 81 -23.91 24.82 -12.35
CA ALA G 81 -23.94 23.94 -13.51
C ALA G 81 -23.89 24.81 -14.77
N ASP G 82 -22.80 24.68 -15.51
CA ASP G 82 -22.54 25.49 -16.71
C ASP G 82 -22.52 27.00 -16.40
N ASP G 83 -23.53 27.75 -16.86
CA ASP G 83 -23.51 29.21 -16.78
C ASP G 83 -23.88 29.74 -15.39
N THR G 84 -24.98 29.25 -14.83
CA THR G 84 -25.58 29.78 -13.60
C THR G 84 -25.71 28.76 -12.47
N PHE G 85 -25.99 29.26 -11.27
CA PHE G 85 -26.18 28.42 -10.09
C PHE G 85 -27.57 27.78 -10.06
N GLU G 86 -27.63 26.55 -9.54
CA GLU G 86 -28.90 25.86 -9.30
C GLU G 86 -29.48 26.35 -7.98
N ALA G 87 -30.79 26.14 -7.82
CA ALA G 87 -31.46 26.50 -6.58
C ALA G 87 -31.13 25.48 -5.47
N LEU G 88 -31.11 25.96 -4.23
CA LEU G 88 -30.83 25.12 -3.07
C LEU G 88 -31.94 24.09 -2.88
N CAS G 89 -31.58 22.81 -3.01
CA CAS G 89 -32.51 21.70 -2.78
CB CAS G 89 -32.87 21.04 -4.12
C CAS G 89 -31.87 20.71 -1.85
O CAS G 89 -30.78 20.19 -2.14
SG CAS G 89 -33.58 19.42 -3.95
AS CAS G 89 -35.65 20.02 -3.38
CE1 CAS G 89 -36.70 20.50 -5.00
CE2 CAS G 89 -36.52 18.50 -2.43
N ILE G 90 -32.51 20.45 -0.72
CA ILE G 90 -32.09 19.39 0.20
C ILE G 90 -33.23 18.38 0.34
N GLU G 91 -33.04 17.16 -0.18
CA GLU G 91 -34.04 16.11 -0.05
C GLU G 91 -34.12 15.65 1.40
N PRO G 92 -35.32 15.63 1.98
CA PRO G 92 -35.43 15.16 3.36
C PRO G 92 -35.18 13.66 3.48
N PHE G 93 -34.69 13.24 4.64
CA PHE G 93 -34.54 11.82 4.93
C PHE G 93 -35.92 11.15 4.99
N SER G 94 -35.93 9.83 4.89
CA SER G 94 -37.18 9.07 4.89
C SER G 94 -37.95 9.29 6.20
N SER G 95 -39.26 9.12 6.14
CA SER G 95 -40.10 9.23 7.33
C SER G 95 -40.03 7.93 8.13
N PRO G 96 -39.86 8.02 9.46
CA PRO G 96 -40.04 6.80 10.26
C PRO G 96 -41.52 6.43 10.27
N PRO G 97 -41.83 5.13 10.45
CA PRO G 97 -43.23 4.74 10.51
C PRO G 97 -43.88 5.22 11.80
N GLU G 98 -45.20 5.08 11.88
CA GLU G 98 -45.93 5.39 13.11
C GLU G 98 -45.44 4.43 14.21
N LEU G 99 -45.31 4.95 15.42
CA LEU G 99 -44.94 4.12 16.57
C LEU G 99 -45.92 2.96 16.67
N PRO G 100 -45.41 1.73 16.86
CA PRO G 100 -46.30 0.61 17.18
C PRO G 100 -47.18 0.86 18.40
N ASP G 101 -48.34 0.19 18.46
CA ASP G 101 -49.31 0.37 19.55
C ASP G 101 -48.73 0.16 20.95
N VAL G 102 -47.71 -0.68 21.08
CA VAL G 102 -47.00 -0.89 22.35
C VAL G 102 -46.15 0.32 22.78
N MET G 103 -45.56 1.02 21.81
CA MET G 103 -44.77 2.23 22.08
C MET G 103 -45.65 3.47 22.05
N MET H 1 -7.50 14.33 4.43
CA MET H 1 -7.81 12.94 4.86
C MET H 1 -8.92 12.31 4.02
N MET H 2 -8.93 10.98 3.97
CA MET H 2 -9.79 10.24 3.06
C MET H 2 -11.23 10.11 3.58
N TYR H 3 -12.17 9.96 2.65
CA TYR H 3 -13.59 9.81 2.95
C TYR H 3 -14.14 8.53 2.29
N VAL H 4 -15.28 8.08 2.80
CA VAL H 4 -15.99 6.89 2.30
C VAL H 4 -17.46 7.23 2.13
N LYS H 5 -18.19 6.42 1.36
CA LYS H 5 -19.60 6.70 1.05
C LYS H 5 -20.51 5.58 1.55
N LEU H 6 -21.51 5.96 2.34
CA LEU H 6 -22.51 5.05 2.88
C LEU H 6 -23.88 5.41 2.30
N ILE H 7 -24.45 4.51 1.51
CA ILE H 7 -25.70 4.76 0.79
C ILE H 7 -26.87 4.05 1.45
N SER H 8 -27.92 4.80 1.78
CA SER H 8 -29.10 4.23 2.43
C SER H 8 -29.98 3.46 1.45
N SER H 9 -31.03 2.82 1.96
CA SER H 9 -31.94 2.03 1.13
C SER H 9 -32.75 2.90 0.17
N ASP H 10 -33.13 4.09 0.62
CA ASP H 10 -33.84 5.08 -0.20
C ASP H 10 -32.91 6.03 -0.97
N GLY H 11 -31.64 5.68 -1.10
CA GLY H 11 -30.72 6.37 -2.02
C GLY H 11 -29.93 7.56 -1.49
N HIS H 12 -30.00 7.83 -0.19
CA HIS H 12 -29.22 8.92 0.42
C HIS H 12 -27.75 8.54 0.53
N GLU H 13 -26.88 9.41 0.03
CA GLU H 13 -25.44 9.17 0.01
C GLU H 13 -24.77 9.96 1.13
N PHE H 14 -24.35 9.26 2.18
CA PHE H 14 -23.69 9.86 3.33
C PHE H 14 -22.17 9.71 3.22
N ILE H 15 -21.47 10.84 3.26
CA ILE H 15 -20.01 10.86 3.12
C ILE H 15 -19.41 11.26 4.47
N VAL H 16 -18.51 10.41 4.96
CA VAL H 16 -17.92 10.53 6.30
C VAL H 16 -16.42 10.30 6.22
N LYS H 17 -15.68 10.71 7.24
CA LYS H 17 -14.24 10.45 7.28
C LYS H 17 -13.98 8.96 7.46
N ARG H 18 -12.91 8.46 6.84
CA ARG H 18 -12.58 7.04 6.86
C ARG H 18 -12.35 6.52 8.29
N GLU H 19 -11.48 7.23 9.02
CA GLU H 19 -11.19 6.95 10.43
C GLU H 19 -12.47 6.82 11.27
N HIS H 20 -13.41 7.74 11.05
CA HIS H 20 -14.70 7.73 11.74
C HIS H 20 -15.54 6.51 11.34
N ALA H 21 -15.43 6.07 10.09
CA ALA H 21 -16.09 4.85 9.62
C ALA H 21 -15.45 3.57 10.16
N LEU H 22 -14.12 3.56 10.32
CA LEU H 22 -13.40 2.41 10.86
C LEU H 22 -13.72 2.10 12.33
N THR H 23 -14.36 3.05 13.02
CA THR H 23 -15.04 2.83 14.31
C THR H 23 -15.88 1.56 14.29
N SER H 24 -16.71 1.41 13.26
CA SER H 24 -17.43 0.17 13.00
C SER H 24 -16.44 -0.89 12.50
N GLY H 25 -16.38 -2.00 13.23
CA GLY H 25 -15.60 -3.16 12.80
C GLY H 25 -16.13 -3.76 11.51
N THR H 26 -17.45 -3.80 11.37
CA THR H 26 -18.08 -4.30 10.14
C THR H 26 -17.72 -3.44 8.95
N ILE H 27 -17.90 -2.12 9.06
CA ILE H 27 -17.54 -1.20 7.97
C ILE H 27 -16.05 -1.32 7.62
N LYS H 28 -15.19 -1.42 8.62
CA LYS H 28 -13.77 -1.63 8.40
C LYS H 28 -13.51 -2.88 7.56
N ALA H 29 -14.25 -3.94 7.84
CA ALA H 29 -14.20 -5.19 7.06
C ALA H 29 -14.91 -5.09 5.70
N MET H 30 -16.04 -4.38 5.64
CA MET H 30 -16.76 -4.15 4.38
C MET H 30 -15.92 -3.35 3.39
N LEU H 31 -15.19 -2.35 3.89
CA LEU H 31 -14.26 -1.56 3.10
C LEU H 31 -13.00 -2.33 2.71
N SER H 32 -12.56 -3.24 3.57
CA SER H 32 -11.41 -4.11 3.30
C SER H 32 -11.84 -5.50 2.82
N GLY H 33 -12.79 -5.54 1.88
CA GLY H 33 -13.34 -6.79 1.36
C GLY H 33 -12.39 -7.48 0.40
N THR H 42 -13.39 -0.66 -3.40
CA THR H 42 -13.87 0.71 -3.55
C THR H 42 -14.24 1.32 -2.20
N ASN H 43 -14.52 2.63 -2.22
CA ASN H 43 -14.85 3.39 -1.01
C ASN H 43 -16.36 3.60 -0.79
N GLU H 44 -17.19 2.73 -1.37
CA GLU H 44 -18.64 2.81 -1.24
C GLU H 44 -19.21 1.56 -0.58
N VAL H 45 -20.32 1.73 0.16
CA VAL H 45 -21.01 0.61 0.81
C VAL H 45 -22.52 0.82 0.70
N ASN H 46 -23.22 -0.13 0.08
CA ASN H 46 -24.68 -0.07 -0.05
C ASN H 46 -25.36 -0.78 1.10
N PHE H 47 -26.33 -0.10 1.73
CA PHE H 47 -27.14 -0.67 2.79
C PHE H 47 -28.59 -0.73 2.33
N ARG H 48 -28.90 -1.76 1.55
CA ARG H 48 -30.22 -1.95 0.93
C ARG H 48 -31.44 -2.04 1.87
N GLU H 49 -31.22 -2.27 3.16
CA GLU H 49 -32.31 -2.36 4.13
C GLU H 49 -32.22 -1.37 5.29
N ILE H 50 -31.33 -0.39 5.20
CA ILE H 50 -31.17 0.63 6.25
C ILE H 50 -31.55 1.99 5.66
N PRO H 51 -32.71 2.55 6.08
CA PRO H 51 -33.18 3.82 5.51
C PRO H 51 -32.41 5.03 6.04
N SER H 52 -32.51 6.15 5.30
CA SER H 52 -31.73 7.36 5.58
C SER H 52 -31.92 7.95 6.97
N HIS H 53 -33.14 7.89 7.51
CA HIS H 53 -33.40 8.35 8.88
C HIS H 53 -32.72 7.51 9.96
N VAL H 54 -32.40 6.26 9.63
CA VAL H 54 -31.59 5.40 10.48
C VAL H 54 -30.11 5.63 10.20
N LEU H 55 -29.73 5.65 8.92
CA LEU H 55 -28.31 5.70 8.54
C LEU H 55 -27.65 7.03 8.84
N SER H 56 -28.41 8.12 8.79
CA SER H 56 -27.90 9.44 9.17
C SER H 56 -27.45 9.45 10.64
N LYS H 57 -28.23 8.81 11.50
CA LYS H 57 -27.90 8.68 12.93
C LYS H 57 -26.67 7.82 13.21
N VAL H 58 -26.44 6.81 12.38
CA VAL H 58 -25.22 6.00 12.47
C VAL H 58 -23.98 6.87 12.26
N CYS H 59 -23.98 7.69 11.21
CA CYS H 59 -22.89 8.63 10.97
C CYS H 59 -22.68 9.61 12.11
N MET H 60 -23.78 10.09 12.69
CA MET H 60 -23.70 10.97 13.86
C MET H 60 -23.02 10.24 15.03
N TYR H 61 -23.36 8.98 15.24
CA TYR H 61 -22.73 8.19 16.29
C TYR H 61 -21.20 8.04 16.11
N PHE H 62 -20.74 7.92 14.87
CA PHE H 62 -19.29 7.88 14.60
C PHE H 62 -18.61 9.15 15.11
N THR H 63 -19.22 10.30 14.82
CA THR H 63 -18.67 11.60 15.20
C THR H 63 -18.58 11.73 16.71
N TYR H 64 -19.68 11.35 17.37
CA TYR H 64 -19.80 11.26 18.82
C TYR H 64 -18.73 10.37 19.45
N LYS H 65 -18.58 9.15 18.91
CA LYS H 65 -17.63 8.18 19.45
C LYS H 65 -16.17 8.64 19.35
N VAL H 66 -15.80 9.24 18.22
CA VAL H 66 -14.42 9.70 17.99
C VAL H 66 -14.11 10.92 18.85
N ARG H 67 -15.07 11.82 19.02
CA ARG H 67 -14.88 13.01 19.84
C ARG H 67 -14.71 12.68 21.32
N TYR H 68 -15.57 11.82 21.85
CA TYR H 68 -15.64 11.57 23.30
C TYR H 68 -14.91 10.33 23.84
N THR H 69 -14.47 9.42 22.97
CA THR H 69 -13.65 8.28 23.41
C THR H 69 -12.29 8.77 23.89
N ASN H 70 -11.97 8.48 25.16
CA ASN H 70 -10.75 8.95 25.82
C ASN H 70 -10.71 10.49 25.86
N SER H 71 -11.52 11.06 26.75
CA SER H 71 -11.69 12.51 26.83
C SER H 71 -12.00 12.96 28.26
N SER H 72 -11.30 13.99 28.72
CA SER H 72 -11.52 14.59 30.04
C SER H 72 -12.83 15.37 30.08
N THR H 73 -13.23 15.92 28.94
CA THR H 73 -14.51 16.63 28.78
C THR H 73 -15.69 15.77 29.24
N GLU H 74 -16.69 16.43 29.82
CA GLU H 74 -17.91 15.76 30.26
C GLU H 74 -18.69 15.24 29.03
N ILE H 75 -19.02 13.97 29.05
CA ILE H 75 -19.67 13.31 27.91
C ILE H 75 -21.19 13.56 27.98
N PRO H 76 -21.80 14.01 26.86
CA PRO H 76 -23.25 14.16 26.83
C PRO H 76 -23.95 12.90 26.33
N GLU H 77 -25.26 12.84 26.52
CA GLU H 77 -26.06 11.71 26.06
C GLU H 77 -26.14 11.69 24.54
N PHE H 78 -26.08 10.49 23.94
CA PHE H 78 -26.35 10.32 22.51
C PHE H 78 -27.86 10.14 22.31
N PRO H 79 -28.53 11.13 21.68
CA PRO H 79 -29.98 11.09 21.56
C PRO H 79 -30.49 10.14 20.48
N ILE H 80 -31.64 9.54 20.72
CA ILE H 80 -32.31 8.67 19.76
C ILE H 80 -33.82 8.92 19.90
N ALA H 81 -34.45 9.37 18.83
CA ALA H 81 -35.89 9.61 18.82
C ALA H 81 -36.63 8.28 18.95
N PRO H 82 -37.73 8.24 19.74
CA PRO H 82 -38.53 7.02 19.86
C PRO H 82 -39.02 6.43 18.54
N GLU H 83 -39.27 7.30 17.55
CA GLU H 83 -39.79 6.89 16.25
C GLU H 83 -38.79 6.03 15.46
N ILE H 84 -37.49 6.27 15.65
CA ILE H 84 -36.44 5.54 14.94
C ILE H 84 -35.72 4.49 15.79
N ALA H 85 -36.21 4.27 17.01
CA ALA H 85 -35.50 3.45 18.00
C ALA H 85 -35.36 1.99 17.58
N LEU H 86 -36.46 1.38 17.15
CA LEU H 86 -36.47 -0.01 16.73
C LEU H 86 -35.52 -0.26 15.57
N GLU H 87 -35.62 0.58 14.55
CA GLU H 87 -34.83 0.42 13.33
C GLU H 87 -33.33 0.67 13.53
N LEU H 88 -32.98 1.62 14.40
CA LEU H 88 -31.56 1.88 14.70
C LEU H 88 -30.93 0.73 15.49
N LEU H 89 -31.71 0.09 16.37
CA LEU H 89 -31.28 -1.13 17.07
C LEU H 89 -30.92 -2.25 16.11
N MET H 90 -31.74 -2.46 15.08
CA MET H 90 -31.49 -3.47 14.05
C MET H 90 -30.22 -3.18 13.26
N ALA H 91 -30.01 -1.92 12.90
CA ALA H 91 -28.84 -1.51 12.13
C ALA H 91 -27.55 -1.60 12.94
N ALA H 92 -27.62 -1.19 14.20
CA ALA H 92 -26.46 -1.19 15.09
C ALA H 92 -25.87 -2.58 15.35
N ASN H 93 -26.72 -3.61 15.26
CA ASN H 93 -26.27 -5.00 15.37
C ASN H 93 -25.31 -5.38 14.24
N PHE H 94 -25.70 -5.12 13.00
CA PHE H 94 -24.91 -5.46 11.82
C PHE H 94 -23.61 -4.68 11.65
N LEU H 95 -23.54 -3.47 12.19
CA LEU H 95 -22.39 -2.59 12.03
C LEU H 95 -21.24 -2.85 13.01
N ASP H 96 -21.51 -3.48 14.16
CA ASP H 96 -20.55 -3.62 15.25
C ASP H 96 -20.03 -2.25 15.74
N CYS H 97 -20.94 -1.27 15.79
CA CYS H 97 -20.63 0.07 16.30
C CYS H 97 -21.22 0.29 17.69
N VAL I 11 -14.55 -12.57 46.28
CA VAL I 11 -13.37 -11.90 45.67
C VAL I 11 -13.47 -10.36 45.75
N LEU I 12 -14.35 -9.77 44.94
CA LEU I 12 -14.59 -8.33 44.98
C LEU I 12 -15.45 -7.96 46.19
N ARG I 13 -14.80 -7.47 47.24
CA ARG I 13 -15.47 -6.96 48.44
C ARG I 13 -14.67 -5.84 49.07
N SER I 14 -15.25 -5.18 50.07
CA SER I 14 -14.60 -4.09 50.79
C SER I 14 -13.63 -4.63 51.84
N VAL I 15 -12.50 -3.95 51.99
CA VAL I 15 -11.52 -4.27 53.03
C VAL I 15 -11.99 -3.58 54.31
N ASN I 16 -12.12 -4.33 55.40
CA ASN I 16 -12.53 -3.74 56.68
C ASN I 16 -11.33 -3.07 57.37
N SER I 17 -10.95 -1.92 56.83
CA SER I 17 -9.78 -1.17 57.30
C SER I 17 -10.06 -0.36 58.57
N ARG I 18 -11.29 0.15 58.67
CA ARG I 18 -11.68 1.08 59.72
C ARG I 18 -10.84 2.37 59.72
N GLU I 19 -10.43 2.77 58.52
CA GLU I 19 -9.69 4.01 58.29
C GLU I 19 -10.63 4.94 57.52
N PRO I 20 -11.13 6.01 58.18
CA PRO I 20 -12.00 6.93 57.44
C PRO I 20 -11.34 7.52 56.19
N SER I 21 -12.15 7.70 55.15
CA SER I 21 -11.73 8.36 53.92
C SER I 21 -12.89 9.22 53.43
N GLN I 22 -12.67 10.53 53.37
CA GLN I 22 -13.67 11.46 52.88
C GLN I 22 -13.58 11.59 51.35
N VAL I 23 -14.74 11.53 50.71
CA VAL I 23 -14.87 11.44 49.26
C VAL I 23 -15.90 12.45 48.77
N ILE I 24 -15.68 13.02 47.58
CA ILE I 24 -16.71 13.79 46.88
C ILE I 24 -17.30 12.93 45.76
N PHE I 25 -18.58 12.54 45.89
CA PHE I 25 -19.32 11.91 44.79
C PHE I 25 -19.87 13.02 43.90
N CAS I 26 -19.25 13.20 42.73
CA CAS I 26 -19.59 14.30 41.82
CB CAS I 26 -18.29 15.04 41.51
C CAS I 26 -20.19 13.71 40.58
O CAS I 26 -19.52 13.01 39.83
SG CAS I 26 -18.52 16.29 40.29
AS CAS I 26 -19.83 17.74 41.34
CE1 CAS I 26 -21.29 18.29 40.09
CE2 CAS I 26 -18.75 19.31 41.88
N ASN I 27 -21.47 13.98 40.36
CA ASN I 27 -22.22 13.42 39.23
C ASN I 27 -22.12 14.31 37.99
N ARG I 28 -21.15 14.01 37.14
CA ARG I 28 -20.96 14.70 35.85
C ARG I 28 -21.58 13.88 34.73
N SER I 29 -22.82 13.44 34.92
CA SER I 29 -23.56 12.67 33.92
C SER I 29 -24.99 13.20 33.90
N PRO I 30 -25.76 12.85 32.85
CA PRO I 30 -27.16 13.29 32.79
C PRO I 30 -28.12 12.27 33.42
N ARG I 31 -27.60 11.27 34.11
CA ARG I 31 -28.41 10.26 34.79
C ARG I 31 -28.55 10.56 36.29
N VAL I 32 -29.69 10.14 36.86
CA VAL I 32 -29.84 10.07 38.30
C VAL I 32 -28.96 8.89 38.71
N VAL I 33 -27.91 9.15 39.48
CA VAL I 33 -26.91 8.13 39.81
C VAL I 33 -27.25 7.39 41.11
N LEU I 34 -27.03 6.08 41.11
CA LEU I 34 -27.18 5.23 42.29
C LEU I 34 -25.78 4.76 42.68
N PRO I 35 -25.26 5.25 43.82
CA PRO I 35 -24.01 4.69 44.34
C PRO I 35 -24.26 3.31 44.96
N VAL I 36 -23.34 2.39 44.71
CA VAL I 36 -23.47 1.01 45.18
C VAL I 36 -22.18 0.62 45.91
N TRP I 37 -22.31 0.36 47.21
CA TRP I 37 -21.17 -0.05 48.04
C TRP I 37 -21.14 -1.58 48.11
N LEU I 38 -19.99 -2.17 47.80
CA LEU I 38 -19.81 -3.61 47.99
C LEU I 38 -19.46 -3.84 49.45
N ASN I 39 -20.32 -4.56 50.16
CA ASN I 39 -20.16 -4.73 51.60
C ASN I 39 -19.15 -5.84 51.92
N PHE I 40 -19.00 -6.18 53.20
CA PHE I 40 -17.90 -7.04 53.64
C PHE I 40 -18.05 -8.50 53.21
N ASP I 41 -19.25 -8.91 52.86
CA ASP I 41 -19.51 -10.22 52.23
C ASP I 41 -19.62 -10.16 50.70
N GLY I 42 -19.15 -9.08 50.09
CA GLY I 42 -19.23 -8.88 48.65
C GLY I 42 -20.61 -8.52 48.08
N GLU I 43 -21.56 -8.23 48.97
CA GLU I 43 -22.95 -7.97 48.57
C GLU I 43 -23.14 -6.49 48.25
N PRO I 44 -23.73 -6.17 47.08
CA PRO I 44 -23.89 -4.76 46.72
C PRO I 44 -24.99 -4.07 47.53
N GLN I 45 -24.69 -2.87 48.03
CA GLN I 45 -25.59 -2.12 48.90
C GLN I 45 -25.93 -0.77 48.26
N PRO I 46 -27.22 -0.52 47.98
CA PRO I 46 -27.59 0.76 47.37
C PRO I 46 -27.59 1.93 48.35
N TYR I 47 -26.98 3.04 47.94
CA TYR I 47 -26.94 4.27 48.72
C TYR I 47 -27.86 5.31 48.07
N PRO I 48 -28.10 6.46 48.75
CA PRO I 48 -29.01 7.47 48.19
C PRO I 48 -28.60 8.00 46.81
N THR I 49 -29.59 8.31 45.98
CA THR I 49 -29.36 8.71 44.60
C THR I 49 -28.82 10.13 44.49
N LEU I 50 -28.00 10.38 43.46
CA LEU I 50 -27.51 11.72 43.11
C LEU I 50 -28.17 12.23 41.82
N PRO I 51 -28.94 13.33 41.91
CA PRO I 51 -29.44 13.95 40.67
C PRO I 51 -28.31 14.44 39.74
N PRO I 52 -28.59 14.53 38.42
CA PRO I 52 -27.59 14.98 37.47
C PRO I 52 -26.98 16.36 37.79
N GLY I 53 -25.67 16.47 37.64
CA GLY I 53 -24.96 17.73 37.89
C GLY I 53 -24.76 18.13 39.35
N THR I 54 -24.98 17.20 40.28
CA THR I 54 -24.86 17.48 41.71
C THR I 54 -23.73 16.70 42.35
N GLY I 55 -23.31 17.16 43.52
CA GLY I 55 -22.16 16.61 44.24
C GLY I 55 -22.45 16.50 45.73
N ARG I 56 -21.84 15.51 46.38
CA ARG I 56 -21.92 15.34 47.82
C ARG I 56 -20.59 14.90 48.41
N ARG I 57 -20.25 15.50 49.55
CA ARG I 57 -19.14 15.07 50.38
C ARG I 57 -19.70 13.97 51.27
N ILE I 58 -19.07 12.80 51.24
CA ILE I 58 -19.54 11.63 51.95
C ILE I 58 -18.41 10.92 52.70
N HIS I 59 -18.74 10.30 53.83
CA HIS I 59 -17.77 9.60 54.66
C HIS I 59 -17.71 8.13 54.26
N SER I 60 -16.57 7.70 53.72
CA SER I 60 -16.32 6.29 53.40
C SER I 60 -15.07 5.81 54.13
N TYR I 61 -14.51 4.68 53.71
CA TYR I 61 -13.31 4.13 54.35
C TYR I 61 -12.33 3.62 53.30
N ARG I 62 -11.05 3.62 53.65
CA ARG I 62 -10.03 3.22 52.70
C ARG I 62 -10.16 1.73 52.38
N GLY I 63 -9.96 1.38 51.12
CA GLY I 63 -10.11 0.00 50.66
C GLY I 63 -11.54 -0.49 50.42
N HIS I 64 -12.53 0.37 50.64
CA HIS I 64 -13.92 0.02 50.34
C HIS I 64 -14.16 0.09 48.82
N LEU I 65 -15.04 -0.77 48.31
CA LEU I 65 -15.33 -0.81 46.88
C LEU I 65 -16.66 -0.14 46.58
N TRP I 66 -16.67 0.69 45.54
CA TRP I 66 -17.87 1.37 45.07
C TRP I 66 -18.00 1.23 43.56
N LEU I 67 -19.24 1.12 43.09
CA LEU I 67 -19.56 1.33 41.67
C LEU I 67 -20.85 2.15 41.54
N PHE I 68 -21.11 2.64 40.33
CA PHE I 68 -22.18 3.61 40.11
C PHE I 68 -23.03 3.28 38.89
N ARG I 69 -24.34 3.43 39.03
CA ARG I 69 -25.32 3.03 38.02
C ARG I 69 -26.41 4.09 37.85
N ASP I 70 -27.12 4.00 36.73
CA ASP I 70 -28.38 4.72 36.55
C ASP I 70 -29.39 4.16 37.56
N ALA I 71 -29.97 5.01 38.38
CA ALA I 71 -30.90 4.59 39.43
C ALA I 71 -32.16 3.91 38.89
N GLY I 72 -32.64 4.37 37.75
CA GLY I 72 -33.85 3.84 37.14
C GLY I 72 -33.66 2.53 36.42
N THR I 73 -32.58 2.44 35.63
CA THR I 73 -32.36 1.34 34.69
C THR I 73 -31.16 0.43 34.97
N HIS I 74 -30.31 0.80 35.91
CA HIS I 74 -29.05 0.10 36.22
C HIS I 74 -28.02 0.07 35.10
N ASP I 75 -28.12 0.99 34.13
CA ASP I 75 -27.06 1.19 33.14
C ASP I 75 -25.76 1.52 33.86
N GLY I 76 -24.68 0.85 33.45
CA GLY I 76 -23.38 1.06 34.08
C GLY I 76 -22.79 2.41 33.75
N LEU I 77 -22.07 2.97 34.72
CA LEU I 77 -21.41 4.27 34.58
C LEU I 77 -19.94 4.13 34.96
N LEU I 78 -19.13 5.09 34.53
CA LEU I 78 -17.72 5.12 34.88
C LEU I 78 -17.53 5.99 36.10
N VAL I 79 -16.47 5.74 36.86
CA VAL I 79 -16.06 6.59 37.96
C VAL I 79 -14.54 6.73 37.88
N ASN I 80 -14.07 7.97 37.73
CA ASN I 80 -12.68 8.25 37.36
C ASN I 80 -12.16 7.42 36.18
N GLN I 81 -12.97 7.38 35.12
CA GLN I 81 -12.66 6.67 33.87
C GLN I 81 -12.62 5.13 33.95
N THR I 82 -13.11 4.55 35.04
CA THR I 82 -13.06 3.10 35.23
C THR I 82 -14.28 2.57 36.00
N GLU I 83 -14.34 1.26 36.18
CA GLU I 83 -15.50 0.57 36.75
C GLU I 83 -15.67 0.77 38.25
N LEU I 84 -14.63 0.45 39.01
CA LEU I 84 -14.66 0.48 40.47
C LEU I 84 -13.95 1.72 41.02
N PHE I 85 -14.50 2.28 42.11
CA PHE I 85 -13.83 3.33 42.88
C PHE I 85 -13.45 2.82 44.26
N VAL I 86 -12.17 2.98 44.62
CA VAL I 86 -11.65 2.64 45.95
C VAL I 86 -11.15 3.92 46.60
N PRO I 87 -11.78 4.36 47.71
CA PRO I 87 -11.24 5.54 48.38
C PRO I 87 -9.81 5.32 48.89
N SER I 88 -8.94 6.28 48.60
CA SER I 88 -7.57 6.27 49.06
C SER I 88 -7.44 7.13 50.32
N LEU I 89 -6.22 7.26 50.81
CA LEU I 89 -5.88 8.10 51.96
C LEU I 89 -6.01 9.59 51.64
N ASN I 90 -6.66 10.35 52.51
CA ASN I 90 -6.75 11.80 52.37
C ASN I 90 -5.46 12.51 52.77
N VAL I 91 -4.84 13.23 51.84
CA VAL I 91 -3.63 14.00 52.11
C VAL I 91 -3.97 15.44 52.49
N ASP I 92 -3.71 15.79 53.75
CA ASP I 92 -3.85 17.14 54.28
C ASP I 92 -5.27 17.72 54.11
N GLY I 93 -6.25 16.94 54.54
CA GLY I 93 -7.66 17.36 54.51
C GLY I 93 -8.31 17.50 53.15
N GLN I 94 -7.73 16.89 52.11
CA GLN I 94 -8.33 16.88 50.78
C GLN I 94 -9.21 15.64 50.63
N PRO I 95 -10.48 15.82 50.26
CA PRO I 95 -11.28 14.66 49.92
C PRO I 95 -10.91 14.12 48.54
N ILE I 96 -11.19 12.84 48.31
CA ILE I 96 -10.90 12.17 47.04
C ILE I 96 -12.09 12.44 46.13
N PHE I 97 -11.83 12.71 44.85
CA PHE I 97 -12.91 12.95 43.91
C PHE I 97 -13.30 11.67 43.17
N ALA I 98 -14.58 11.29 43.30
CA ALA I 98 -15.18 10.25 42.48
C ALA I 98 -15.99 10.92 41.36
N ASN I 99 -15.33 11.23 40.26
CA ASN I 99 -15.99 11.82 39.09
C ASN I 99 -16.81 10.77 38.35
N ILE I 100 -18.14 10.89 38.43
CA ILE I 100 -19.06 9.95 37.80
C ILE I 100 -19.51 10.50 36.44
N THR I 101 -19.33 9.71 35.38
CA THR I 101 -19.62 10.13 34.00
C THR I 101 -20.30 9.02 33.21
N LEU I 102 -20.90 9.41 32.09
CA LEU I 102 -21.35 8.44 31.08
C LEU I 102 -20.13 7.81 30.41
N PRO I 103 -20.17 6.50 30.18
CA PRO I 103 -19.20 5.90 29.27
C PRO I 103 -19.61 6.22 27.84
N VAL I 104 -18.76 5.87 26.88
CA VAL I 104 -19.15 5.90 25.48
C VAL I 104 -19.79 4.55 25.18
N TYR I 105 -21.11 4.48 25.34
CA TYR I 105 -21.85 3.27 25.02
C TYR I 105 -21.72 2.90 23.55
N THR I 106 -21.81 1.60 23.25
CA THR I 106 -22.01 1.16 21.87
C THR I 106 -23.39 1.64 21.43
N LEU I 107 -23.54 1.90 20.12
CA LEU I 107 -24.81 2.28 19.56
C LEU I 107 -25.87 1.22 19.85
N LYS I 108 -25.48 -0.05 19.74
CA LYS I 108 -26.37 -1.17 20.03
C LYS I 108 -26.95 -1.08 21.45
N GLU I 109 -26.07 -0.87 22.44
CA GLU I 109 -26.50 -0.81 23.83
C GLU I 109 -27.34 0.44 24.09
N ARG I 110 -26.93 1.58 23.52
CA ARG I 110 -27.75 2.78 23.61
C ARG I 110 -29.14 2.59 23.02
N CYS I 111 -29.23 1.93 21.87
CA CYS I 111 -30.52 1.61 21.27
C CYS I 111 -31.39 0.72 22.16
N LEU I 112 -30.77 -0.27 22.81
CA LEU I 112 -31.48 -1.15 23.74
C LEU I 112 -32.06 -0.37 24.92
N GLN I 113 -31.29 0.57 25.46
CA GLN I 113 -31.72 1.42 26.57
C GLN I 113 -33.02 2.17 26.23
N VAL I 114 -33.09 2.68 25.00
CA VAL I 114 -34.23 3.47 24.55
C VAL I 114 -35.47 2.60 24.35
N VAL I 115 -35.31 1.43 23.73
CA VAL I 115 -36.42 0.52 23.47
C VAL I 115 -36.98 -0.04 24.78
N ARG I 116 -36.09 -0.37 25.73
CA ARG I 116 -36.50 -0.77 27.07
C ARG I 116 -37.34 0.29 27.78
N SER I 117 -37.00 1.57 27.61
CA SER I 117 -37.74 2.67 28.22
C SER I 117 -39.12 2.89 27.59
N LEU I 118 -39.22 2.71 26.27
CA LEU I 118 -40.45 2.97 25.53
C LEU I 118 -41.47 1.82 25.59
N VAL I 119 -40.98 0.59 25.60
CA VAL I 119 -41.82 -0.61 25.62
C VAL I 119 -41.85 -1.19 27.04
N LYS I 120 -43.03 -1.61 27.48
CA LYS I 120 -43.18 -2.26 28.78
C LYS I 120 -42.64 -3.70 28.71
N PRO I 121 -42.09 -4.24 29.81
CA PRO I 121 -41.60 -5.63 29.83
C PRO I 121 -42.64 -6.69 29.40
N GLU I 122 -43.91 -6.39 29.61
CA GLU I 122 -45.02 -7.23 29.14
C GLU I 122 -44.93 -7.47 27.63
N ASN I 123 -44.92 -6.38 26.86
CA ASN I 123 -45.06 -6.41 25.41
C ASN I 123 -43.75 -6.33 24.62
N TYR I 124 -42.67 -6.88 25.16
CA TYR I 124 -41.41 -7.03 24.42
C TYR I 124 -41.58 -7.96 23.22
N ARG I 125 -42.33 -9.05 23.41
CA ARG I 125 -42.53 -10.06 22.37
C ARG I 125 -43.44 -9.62 21.24
N ARG I 126 -44.28 -8.60 21.48
CA ARG I 126 -45.14 -8.02 20.45
C ARG I 126 -44.40 -7.16 19.41
N LEU I 127 -43.14 -6.81 19.68
CA LEU I 127 -42.33 -6.03 18.75
C LEU I 127 -41.90 -6.86 17.53
N ASP I 128 -41.89 -6.23 16.36
CA ASP I 128 -41.51 -6.89 15.11
C ASP I 128 -40.01 -6.70 14.84
N ILE I 129 -39.21 -7.53 15.50
CA ILE I 129 -37.75 -7.58 15.33
C ILE I 129 -37.25 -9.00 15.52
N VAL I 130 -36.03 -9.27 15.06
CA VAL I 130 -35.41 -10.61 15.17
C VAL I 130 -35.26 -11.02 16.64
N ARG I 131 -35.45 -12.31 16.90
CA ARG I 131 -35.59 -12.80 18.28
C ARG I 131 -34.31 -12.95 19.11
N SER I 132 -33.15 -12.71 18.50
CA SER I 132 -31.91 -12.53 19.28
C SER I 132 -31.96 -11.21 20.05
N LEU I 133 -32.59 -10.19 19.46
CA LEU I 133 -32.79 -8.90 20.10
C LEU I 133 -33.84 -8.93 21.22
N TYR I 134 -34.78 -9.87 21.18
CA TYR I 134 -35.68 -10.12 22.32
C TYR I 134 -34.85 -10.46 23.56
N GLU I 135 -33.89 -11.37 23.39
CA GLU I 135 -33.00 -11.80 24.47
C GLU I 135 -32.14 -10.67 25.01
N ASP I 136 -31.72 -9.76 24.13
CA ASP I 136 -30.97 -8.58 24.53
C ASP I 136 -31.82 -7.61 25.34
N LEU I 137 -33.07 -7.40 24.94
CA LEU I 137 -34.00 -6.53 25.67
C LEU I 137 -34.32 -7.03 27.08
N GLU I 138 -34.53 -8.34 27.21
CA GLU I 138 -34.80 -8.94 28.52
C GLU I 138 -33.55 -9.02 29.41
N ASP I 139 -32.38 -9.18 28.81
CA ASP I 139 -31.10 -9.19 29.53
C ASP I 139 -30.74 -7.77 30.02
N HIS I 140 -31.39 -7.36 31.10
CA HIS I 140 -31.21 -6.02 31.65
C HIS I 140 -29.81 -5.86 32.25
N PRO I 141 -29.29 -4.62 32.28
CA PRO I 141 -28.07 -4.38 33.04
C PRO I 141 -28.28 -4.73 34.51
N ASN I 142 -27.32 -5.46 35.08
CA ASN I 142 -27.46 -6.09 36.39
C ASN I 142 -26.13 -6.03 37.12
N VAL I 143 -26.15 -5.55 38.36
CA VAL I 143 -24.94 -5.34 39.15
C VAL I 143 -24.26 -6.66 39.50
N GLN I 144 -25.04 -7.65 39.96
CA GLN I 144 -24.48 -8.97 40.27
C GLN I 144 -23.80 -9.61 39.06
N LYS I 145 -24.38 -9.41 37.87
CA LYS I 145 -23.81 -9.95 36.63
C LYS I 145 -22.48 -9.30 36.26
N ASP I 146 -22.38 -7.98 36.42
CA ASP I 146 -21.12 -7.25 36.17
C ASP I 146 -20.02 -7.63 37.16
N LEU I 147 -20.38 -7.89 38.40
CA LEU I 147 -19.41 -8.35 39.39
C LEU I 147 -18.84 -9.73 39.05
N GLU I 148 -19.67 -10.59 38.46
CA GLU I 148 -19.22 -11.89 37.94
C GLU I 148 -18.20 -11.73 36.81
N ARG I 149 -18.45 -10.78 35.91
CA ARG I 149 -17.55 -10.46 34.79
C ARG I 149 -16.20 -9.94 35.26
N LEU I 150 -16.21 -8.98 36.18
CA LEU I 150 -14.98 -8.36 36.68
C LEU I 150 -14.08 -9.37 37.39
N THR I 151 -14.68 -10.24 38.20
CA THR I 151 -13.96 -11.31 38.89
C THR I 151 -13.33 -12.30 37.90
N GLN I 152 -14.08 -12.70 36.87
CA GLN I 152 -13.61 -13.68 35.88
C GLN I 152 -12.45 -13.17 35.02
N GLU I 153 -12.53 -11.92 34.57
CA GLU I 153 -11.47 -11.30 33.77
C GLU I 153 -10.27 -10.94 34.65
N MET J 1 34.69 32.58 16.63
CA MET J 1 33.41 31.83 16.78
C MET J 1 33.09 31.09 15.48
N ASP J 2 32.60 29.85 15.61
CA ASP J 2 32.18 29.05 14.46
C ASP J 2 30.70 29.25 14.20
N VAL J 3 30.35 29.41 12.92
CA VAL J 3 28.95 29.32 12.48
C VAL J 3 28.82 28.12 11.57
N PHE J 4 27.68 27.46 11.63
CA PHE J 4 27.44 26.21 10.93
C PHE J 4 26.27 26.39 9.98
N LEU J 5 26.46 25.97 8.74
CA LEU J 5 25.61 26.41 7.63
C LEU J 5 25.14 25.27 6.75
N MET J 6 24.02 25.51 6.07
CA MET J 6 23.59 24.70 4.94
C MET J 6 23.54 25.64 3.73
N ILE J 7 24.42 25.42 2.76
CA ILE J 7 24.41 26.20 1.52
C ILE J 7 23.54 25.45 0.53
N ARG J 8 22.39 26.01 0.19
CA ARG J 8 21.35 25.28 -0.55
C ARG J 8 21.00 25.90 -1.91
N ARG J 9 21.02 25.06 -2.95
CA ARG J 9 20.53 25.40 -4.28
C ARG J 9 19.77 24.21 -4.84
N HIS J 10 18.54 24.44 -5.28
CA HIS J 10 17.74 23.42 -5.96
C HIS J 10 17.65 22.16 -5.09
N LYS J 11 18.32 21.07 -5.46
CA LYS J 11 18.32 19.83 -4.68
C LYS J 11 19.68 19.52 -4.05
N THR J 12 20.58 20.51 -4.08
CA THR J 12 21.90 20.42 -3.50
C THR J 12 21.89 21.14 -2.16
N THR J 13 22.50 20.51 -1.15
CA THR J 13 22.69 21.09 0.18
C THR J 13 24.11 20.80 0.66
N ILE J 14 24.93 21.84 0.78
CA ILE J 14 26.30 21.72 1.27
C ILE J 14 26.30 22.03 2.76
N PHE J 15 26.70 21.05 3.57
CA PHE J 15 26.96 21.29 5.00
C PHE J 15 28.38 21.80 5.15
N THR J 16 28.53 22.97 5.74
CA THR J 16 29.85 23.50 6.04
C THR J 16 29.80 24.46 7.21
N ASP J 17 30.97 24.74 7.76
CA ASP J 17 31.15 25.75 8.78
C ASP J 17 32.19 26.78 8.35
N ALA J 18 32.10 27.96 8.94
CA ALA J 18 33.06 29.03 8.73
C ALA J 18 33.15 29.86 10.00
N LYS J 19 34.08 30.81 10.04
CA LYS J 19 34.16 31.73 11.17
C LYS J 19 33.10 32.82 11.02
N GLU J 20 32.62 33.32 12.15
CA GLU J 20 31.71 34.46 12.19
C GLU J 20 32.35 35.70 11.55
N SER J 21 33.66 35.84 11.73
CA SER J 21 34.43 36.93 11.13
C SER J 21 34.75 36.75 9.65
N SER J 22 34.58 35.53 9.12
CA SER J 22 34.88 35.23 7.72
C SER J 22 33.88 35.93 6.79
N THR J 23 34.26 36.09 5.52
CA THR J 23 33.49 36.88 4.57
C THR J 23 32.61 36.02 3.66
N VAL J 24 31.64 36.68 3.04
CA VAL J 24 30.74 36.05 2.06
C VAL J 24 31.52 35.49 0.87
N PHE J 25 32.55 36.21 0.41
CA PHE J 25 33.41 35.73 -0.68
C PHE J 25 34.11 34.42 -0.33
N GLU J 26 34.64 34.32 0.89
CA GLU J 26 35.33 33.12 1.34
C GLU J 26 34.40 31.90 1.35
N LEU J 27 33.12 32.14 1.63
CA LEU J 27 32.07 31.13 1.51
C LEU J 27 31.86 30.69 0.05
N LYS J 28 31.96 31.63 -0.89
CA LYS J 28 31.93 31.31 -2.32
C LYS J 28 33.11 30.45 -2.76
N ARG J 29 34.28 30.68 -2.19
CA ARG J 29 35.47 29.85 -2.47
C ARG J 29 35.27 28.40 -2.04
N ILE J 30 34.55 28.18 -0.95
CA ILE J 30 34.17 26.83 -0.50
C ILE J 30 33.23 26.19 -1.52
N VAL J 31 32.26 26.96 -2.01
CA VAL J 31 31.30 26.48 -3.01
C VAL J 31 32.03 26.11 -4.31
N GLU J 32 33.03 26.92 -4.68
CA GLU J 32 33.84 26.69 -5.89
C GLU J 32 34.51 25.32 -5.86
N GLY J 33 35.19 25.02 -4.75
CA GLY J 33 35.85 23.73 -4.57
C GLY J 33 34.94 22.54 -4.74
N ILE J 34 33.67 22.69 -4.34
CA ILE J 34 32.70 21.60 -4.38
C ILE J 34 31.95 21.55 -5.70
N LEU J 35 31.29 22.64 -6.07
CA LEU J 35 30.40 22.67 -7.26
C LEU J 35 31.05 23.17 -8.55
N LYS J 36 32.33 23.53 -8.49
CA LYS J 36 33.15 23.85 -9.67
C LYS J 36 32.67 25.08 -10.45
N ARG J 37 32.28 26.12 -9.72
CA ARG J 37 31.85 27.38 -10.30
C ARG J 37 32.52 28.52 -9.54
N PRO J 38 33.16 29.46 -10.26
CA PRO J 38 33.89 30.51 -9.55
C PRO J 38 32.96 31.50 -8.84
N PRO J 39 33.50 32.24 -7.84
CA PRO J 39 32.70 33.21 -7.07
C PRO J 39 31.85 34.18 -7.90
N ASP J 40 32.42 34.75 -8.95
CA ASP J 40 31.69 35.71 -9.79
C ASP J 40 30.44 35.12 -10.48
N GLU J 41 30.41 33.80 -10.66
CA GLU J 41 29.24 33.10 -11.19
C GLU J 41 28.23 32.65 -10.14
N GLN J 42 28.39 33.08 -8.88
CA GLN J 42 27.49 32.72 -7.77
C GLN J 42 26.79 33.94 -7.17
N ARG J 43 25.57 33.74 -6.70
CA ARG J 43 24.94 34.67 -5.77
C ARG J 43 24.52 33.92 -4.50
N LEU J 44 24.97 34.42 -3.35
CA LEU J 44 24.56 33.88 -2.05
C LEU J 44 23.49 34.78 -1.42
N TYR J 45 22.58 34.15 -0.67
CA TYR J 45 21.41 34.82 -0.12
C TYR J 45 21.17 34.47 1.34
N LYS J 46 20.68 35.43 2.11
CA LYS J 46 20.14 35.19 3.45
C LYS J 46 18.65 35.51 3.36
N ASP J 47 17.84 34.45 3.37
CA ASP J 47 16.44 34.49 2.93
C ASP J 47 16.41 35.01 1.48
N ASP J 48 15.71 36.10 1.20
CA ASP J 48 15.69 36.69 -0.15
C ASP J 48 16.76 37.79 -0.34
N GLN J 49 17.50 38.13 0.71
CA GLN J 49 18.47 39.21 0.65
C GLN J 49 19.81 38.74 0.09
N LEU J 50 20.22 39.35 -1.02
CA LEU J 50 21.51 39.12 -1.65
C LEU J 50 22.65 39.57 -0.74
N LEU J 51 23.70 38.75 -0.66
CA LEU J 51 24.84 39.02 0.22
C LEU J 51 26.01 39.64 -0.54
N ASP J 52 26.63 40.68 0.02
CA ASP J 52 27.82 41.31 -0.58
C ASP J 52 29.10 40.57 -0.18
N ASP J 53 29.97 40.34 -1.16
CA ASP J 53 31.26 39.67 -0.96
C ASP J 53 32.07 40.17 0.23
N GLY J 54 32.18 41.49 0.35
CA GLY J 54 33.02 42.12 1.38
C GLY J 54 32.51 42.02 2.81
N LYS J 55 31.23 41.70 2.99
CA LYS J 55 30.64 41.66 4.34
C LYS J 55 30.96 40.36 5.07
N THR J 56 30.99 40.43 6.40
CA THR J 56 31.24 39.26 7.24
C THR J 56 29.93 38.49 7.48
N LEU J 57 30.06 37.23 7.86
CA LEU J 57 28.89 36.40 8.15
C LEU J 57 28.13 36.92 9.37
N GLY J 58 28.86 37.37 10.39
CA GLY J 58 28.25 38.02 11.56
C GLY J 58 27.47 39.28 11.24
N GLU J 59 27.99 40.10 10.32
CA GLU J 59 27.26 41.28 9.82
C GLU J 59 25.97 40.91 9.10
N CAS J 60 25.99 39.79 8.37
CA CAS J 60 24.81 39.27 7.68
CB CAS J 60 25.22 38.47 6.43
C CAS J 60 23.92 38.43 8.56
O CAS J 60 22.99 37.79 8.07
SG CAS J 60 25.94 39.50 5.20
AS CAS J 60 24.47 41.18 4.90
CE1 CAS J 60 25.39 42.88 5.40
CE2 CAS J 60 23.83 41.39 3.03
N GLY J 61 24.17 38.42 9.87
CA GLY J 61 23.26 37.81 10.84
C GLY J 61 23.48 36.34 11.15
N PHE J 62 24.52 35.72 10.58
CA PHE J 62 24.88 34.35 10.91
C PHE J 62 25.80 34.40 12.12
N THR J 63 25.21 34.22 13.30
CA THR J 63 25.95 34.22 14.57
C THR J 63 26.06 32.79 15.12
N SER J 64 27.04 32.56 15.98
CA SER J 64 27.32 31.23 16.49
C SER J 64 26.14 30.62 17.27
N GLN J 65 25.35 31.47 17.93
CA GLN J 65 24.20 31.00 18.71
C GLN J 65 22.92 30.79 17.90
N THR J 66 22.90 31.17 16.62
CA THR J 66 21.78 30.88 15.72
C THR J 66 22.13 29.79 14.73
N ALA J 67 23.29 29.91 14.09
CA ALA J 67 23.80 28.91 13.16
C ALA J 67 24.54 27.80 13.92
N ARG J 68 23.79 26.90 14.55
CA ARG J 68 24.35 25.89 15.46
C ARG J 68 24.69 24.58 14.74
N PRO J 69 25.68 23.81 15.22
CA PRO J 69 26.00 22.51 14.61
C PRO J 69 24.76 21.63 14.38
N GLN J 70 23.91 21.52 15.40
CA GLN J 70 22.70 20.70 15.36
C GLN J 70 21.47 21.38 14.75
N ALA J 71 21.59 22.66 14.37
CA ALA J 71 20.51 23.42 13.74
C ALA J 71 21.12 24.52 12.88
N PRO J 72 21.80 24.13 11.78
CA PRO J 72 22.56 25.08 10.98
C PRO J 72 21.68 26.08 10.23
N ALA J 73 22.15 27.32 10.11
CA ALA J 73 21.43 28.37 9.37
C ALA J 73 21.60 28.13 7.87
N THR J 74 20.61 28.56 7.09
CA THR J 74 20.58 28.33 5.64
C THR J 74 21.09 29.52 4.85
N VAL J 75 21.91 29.24 3.83
CA VAL J 75 22.40 30.23 2.87
C VAL J 75 21.95 29.80 1.48
N GLY J 76 21.19 30.65 0.80
CA GLY J 76 20.73 30.37 -0.55
C GLY J 76 21.84 30.54 -1.57
N LEU J 77 21.79 29.77 -2.65
CA LEU J 77 22.77 29.82 -3.73
C LEU J 77 22.07 29.84 -5.08
N ALA J 78 22.56 30.69 -5.98
CA ALA J 78 22.05 30.79 -7.34
C ALA J 78 23.24 30.97 -8.27
N PHE J 79 23.28 30.20 -9.35
CA PHE J 79 24.35 30.27 -10.35
C PHE J 79 24.01 31.18 -11.53
N ARG J 80 25.06 31.59 -12.24
CA ARG J 80 24.93 32.25 -13.54
C ARG J 80 24.81 31.17 -14.61
N ALA J 81 23.93 31.41 -15.59
CA ALA J 81 23.72 30.48 -16.69
C ALA J 81 23.47 31.26 -17.99
N ASP J 82 24.53 31.42 -18.79
CA ASP J 82 24.49 32.16 -20.05
C ASP J 82 24.08 33.62 -19.89
N ASP J 83 25.04 34.46 -19.48
CA ASP J 83 24.84 35.90 -19.31
C ASP J 83 24.14 36.26 -18.00
N THR J 84 22.87 35.87 -17.85
CA THR J 84 22.06 36.23 -16.69
C THR J 84 22.10 35.17 -15.59
N PHE J 85 21.66 35.56 -14.39
CA PHE J 85 21.56 34.66 -13.24
C PHE J 85 20.17 34.03 -13.16
N GLU J 86 20.12 32.76 -12.78
CA GLU J 86 18.86 32.07 -12.47
C GLU J 86 18.26 32.64 -11.19
N ALA J 87 16.96 32.44 -11.02
CA ALA J 87 16.29 32.84 -9.78
C ALA J 87 16.69 31.90 -8.63
N LEU J 88 16.66 32.42 -7.41
CA LEU J 88 16.91 31.62 -6.21
C LEU J 88 15.82 30.57 -6.06
N CAS J 89 16.21 29.29 -6.02
CA CAS J 89 15.28 28.19 -5.88
CB CAS J 89 15.03 27.61 -7.27
C CAS J 89 15.86 27.16 -4.93
O CAS J 89 16.94 26.62 -5.20
SG CAS J 89 14.31 26.01 -7.25
AS CAS J 89 12.17 26.51 -6.81
CE1 CAS J 89 11.06 25.90 -8.34
CE2 CAS J 89 11.58 25.56 -5.17
N ILE J 90 15.17 26.89 -3.83
CA ILE J 90 15.55 25.85 -2.88
C ILE J 90 14.39 24.86 -2.75
N GLU J 91 14.59 23.65 -3.25
CA GLU J 91 13.56 22.60 -3.14
C GLU J 91 13.43 22.21 -1.67
N PRO J 92 12.19 22.13 -1.15
CA PRO J 92 12.03 21.72 0.24
C PRO J 92 12.35 20.24 0.42
N PHE J 93 12.78 19.86 1.62
CA PHE J 93 12.95 18.44 1.96
C PHE J 93 11.58 17.79 1.99
N SER J 94 11.56 16.47 1.98
CA SER J 94 10.29 15.72 1.99
C SER J 94 9.51 15.95 3.28
N SER J 95 8.22 15.68 3.22
CA SER J 95 7.35 15.77 4.39
C SER J 95 7.43 14.46 5.17
N PRO J 96 7.53 14.54 6.50
CA PRO J 96 7.31 13.33 7.30
C PRO J 96 5.87 12.86 7.17
N PRO J 97 5.62 11.55 7.38
CA PRO J 97 4.25 11.05 7.40
C PRO J 97 3.57 11.43 8.72
N GLU J 98 2.25 11.28 8.78
CA GLU J 98 1.50 11.57 10.00
C GLU J 98 1.95 10.64 11.14
N LEU J 99 1.99 11.18 12.36
CA LEU J 99 2.32 10.39 13.55
C LEU J 99 1.34 9.22 13.64
N PRO J 100 1.85 7.98 13.80
CA PRO J 100 0.97 6.81 13.94
C PRO J 100 -0.03 6.89 15.10
N ASP J 101 -0.86 5.84 15.21
CA ASP J 101 -1.88 5.75 16.25
C ASP J 101 -1.33 5.95 17.66
N VAL J 102 -0.14 5.41 17.94
CA VAL J 102 0.45 5.43 19.28
C VAL J 102 1.05 6.79 19.70
N MET J 103 1.76 7.46 18.79
CA MET J 103 2.51 8.66 19.13
C MET J 103 1.64 9.91 19.20
N MET K 1 40.24 20.71 1.47
CA MET K 1 39.18 20.04 2.28
C MET K 1 38.44 19.04 1.40
N MET K 2 38.33 17.80 1.87
CA MET K 2 37.71 16.73 1.09
C MET K 2 36.24 16.58 1.52
N TYR K 3 35.36 16.43 0.54
CA TYR K 3 33.91 16.28 0.76
C TYR K 3 33.41 14.98 0.15
N VAL K 4 32.20 14.58 0.54
CA VAL K 4 31.50 13.41 -0.01
C VAL K 4 30.02 13.71 -0.22
N LYS K 5 29.37 12.96 -1.10
CA LYS K 5 27.96 13.16 -1.43
C LYS K 5 27.06 12.03 -0.93
N LEU K 6 26.03 12.39 -0.17
CA LEU K 6 25.02 11.45 0.32
C LEU K 6 23.69 11.82 -0.32
N ILE K 7 23.08 10.87 -1.04
CA ILE K 7 21.89 11.15 -1.84
C ILE K 7 20.67 10.46 -1.26
N SER K 8 19.64 11.25 -0.92
CA SER K 8 18.42 10.72 -0.32
C SER K 8 17.55 10.01 -1.35
N SER K 9 16.58 9.23 -0.86
CA SER K 9 15.64 8.49 -1.72
C SER K 9 14.87 9.39 -2.68
N ASP K 10 14.49 10.57 -2.19
CA ASP K 10 13.80 11.59 -2.99
C ASP K 10 14.75 12.52 -3.79
N GLY K 11 16.02 12.12 -3.95
CA GLY K 11 16.95 12.78 -4.84
C GLY K 11 17.70 14.00 -4.35
N HIS K 12 17.59 14.32 -3.06
CA HIS K 12 18.37 15.43 -2.48
C HIS K 12 19.83 15.03 -2.29
N GLU K 13 20.74 15.85 -2.80
CA GLU K 13 22.16 15.59 -2.73
C GLU K 13 22.77 16.41 -1.60
N PHE K 14 23.20 15.71 -0.55
CA PHE K 14 23.82 16.32 0.63
C PHE K 14 25.32 16.15 0.54
N ILE K 15 26.06 17.25 0.68
CA ILE K 15 27.51 17.24 0.54
C ILE K 15 28.12 17.63 1.88
N VAL K 16 28.88 16.72 2.48
CA VAL K 16 29.47 16.90 3.82
C VAL K 16 30.97 16.62 3.78
N LYS K 17 31.72 17.19 4.73
CA LYS K 17 33.14 16.89 4.86
C LYS K 17 33.36 15.39 5.07
N ARG K 18 34.39 14.84 4.44
CA ARG K 18 34.72 13.41 4.57
C ARG K 18 34.88 13.03 6.04
N GLU K 19 35.76 13.76 6.73
CA GLU K 19 35.99 13.61 8.17
C GLU K 19 34.68 13.42 8.95
N HIS K 20 33.70 14.27 8.66
CA HIS K 20 32.40 14.25 9.35
C HIS K 20 31.58 13.00 9.02
N ALA K 21 31.60 12.59 7.75
CA ALA K 21 30.90 11.38 7.31
C ALA K 21 31.45 10.10 7.91
N LEU K 22 32.76 10.06 8.18
CA LEU K 22 33.41 8.89 8.76
C LEU K 22 33.01 8.58 10.20
N THR K 23 32.31 9.52 10.85
CA THR K 23 31.51 9.25 12.06
C THR K 23 30.65 7.99 11.94
N SER K 24 30.05 7.79 10.77
CA SER K 24 29.38 6.55 10.41
C SER K 24 30.43 5.53 9.99
N GLY K 25 30.54 4.45 10.75
CA GLY K 25 31.39 3.32 10.38
C GLY K 25 30.91 2.65 9.10
N THR K 26 29.60 2.65 8.90
CA THR K 26 28.99 2.10 7.68
C THR K 26 29.45 2.87 6.44
N ILE K 27 29.36 4.19 6.49
CA ILE K 27 29.85 5.05 5.40
C ILE K 27 31.36 4.89 5.20
N LYS K 28 32.12 4.75 6.29
CA LYS K 28 33.58 4.59 6.18
C LYS K 28 33.94 3.39 5.30
N ALA K 29 33.28 2.26 5.53
CA ALA K 29 33.48 1.05 4.73
C ALA K 29 32.91 1.21 3.32
N MET K 30 31.78 1.89 3.21
CA MET K 30 31.12 2.19 1.94
C MET K 30 32.01 2.95 0.95
N LEU K 31 32.81 3.88 1.47
CA LEU K 31 33.76 4.64 0.67
C LEU K 31 35.08 3.88 0.54
N SER K 32 35.62 3.43 1.68
CA SER K 32 36.87 2.65 1.70
C SER K 32 36.62 1.21 1.24
N THR K 42 34.90 5.18 -4.40
CA THR K 42 33.78 6.04 -4.72
C THR K 42 33.62 7.15 -3.68
N ASN K 43 33.19 8.34 -4.13
CA ASN K 43 32.90 9.49 -3.25
C ASN K 43 31.41 9.84 -3.16
N GLU K 44 30.54 9.04 -3.79
CA GLU K 44 29.09 9.20 -3.67
C GLU K 44 28.46 7.97 -3.04
N VAL K 45 27.36 8.19 -2.30
CA VAL K 45 26.63 7.12 -1.64
C VAL K 45 25.13 7.36 -1.77
N ASN K 46 24.41 6.40 -2.33
CA ASN K 46 22.96 6.53 -2.56
C ASN K 46 22.18 5.74 -1.54
N PHE K 47 21.22 6.40 -0.87
CA PHE K 47 20.37 5.77 0.14
C PHE K 47 18.92 5.73 -0.31
N ARG K 48 18.55 4.70 -1.06
CA ARG K 48 17.20 4.58 -1.61
C ARG K 48 16.03 4.50 -0.61
N GLU K 49 16.31 4.32 0.67
CA GLU K 49 15.27 4.27 1.71
C GLU K 49 15.21 5.47 2.65
N ILE K 50 16.24 6.31 2.67
CA ILE K 50 16.33 7.40 3.63
C ILE K 50 15.87 8.67 2.93
N PRO K 51 14.65 9.16 3.24
CA PRO K 51 14.21 10.42 2.62
C PRO K 51 15.01 11.62 3.13
N SER K 52 14.82 12.78 2.49
CA SER K 52 15.66 13.95 2.74
C SER K 52 15.47 14.56 4.12
N HIS K 53 14.23 14.52 4.63
CA HIS K 53 13.95 15.02 5.99
C HIS K 53 14.62 14.20 7.09
N VAL K 54 14.95 12.94 6.78
CA VAL K 54 15.75 12.09 7.66
C VAL K 54 17.23 12.37 7.42
N LEU K 55 17.68 12.24 6.17
CA LEU K 55 19.11 12.33 5.87
C LEU K 55 19.72 13.71 6.16
N SER K 56 18.90 14.77 6.11
CA SER K 56 19.37 16.10 6.48
C SER K 56 19.78 16.11 7.95
N LYS K 57 18.92 15.54 8.79
CA LYS K 57 19.21 15.42 10.22
C LYS K 57 20.41 14.53 10.55
N VAL K 58 20.64 13.48 9.78
CA VAL K 58 21.84 12.66 9.92
C VAL K 58 23.09 13.50 9.72
N CYS K 59 23.10 14.30 8.66
CA CYS K 59 24.19 15.24 8.39
C CYS K 59 24.37 16.24 9.53
N MET K 60 23.28 16.73 10.08
CA MET K 60 23.35 17.61 11.26
C MET K 60 24.03 16.89 12.43
N TYR K 61 23.65 15.64 12.68
CA TYR K 61 24.29 14.83 13.73
C TYR K 61 25.79 14.73 13.56
N PHE K 62 26.28 14.49 12.34
CA PHE K 62 27.72 14.45 12.08
C PHE K 62 28.40 15.71 12.61
N THR K 63 27.88 16.87 12.20
CA THR K 63 28.39 18.17 12.63
C THR K 63 28.42 18.28 14.16
N TYR K 64 27.30 17.93 14.77
CA TYR K 64 27.13 17.92 16.23
C TYR K 64 28.16 17.02 16.92
N LYS K 65 28.27 15.80 16.43
CA LYS K 65 29.20 14.83 17.00
C LYS K 65 30.65 15.32 16.96
N VAL K 66 31.09 15.85 15.82
CA VAL K 66 32.47 16.29 15.63
C VAL K 66 32.78 17.51 16.49
N ARG K 67 31.85 18.46 16.54
CA ARG K 67 32.01 19.67 17.35
C ARG K 67 32.14 19.36 18.85
N TYR K 68 31.26 18.49 19.36
CA TYR K 68 31.14 18.25 20.79
C TYR K 68 31.87 17.04 21.36
N THR K 69 32.44 16.18 20.51
CA THR K 69 33.26 15.08 20.98
C THR K 69 34.61 15.61 21.49
N ASN K 70 35.03 15.11 22.65
CA ASN K 70 36.13 15.65 23.46
C ASN K 70 36.30 17.17 23.38
N SER K 71 35.31 17.88 23.95
CA SER K 71 35.25 19.33 23.93
C SER K 71 35.04 19.90 25.33
N SER K 72 35.51 21.14 25.52
CA SER K 72 35.44 21.83 26.80
C SER K 72 34.04 22.36 27.08
N THR K 73 33.46 23.07 26.10
CA THR K 73 32.18 23.76 26.27
C THR K 73 31.02 22.81 26.48
N GLU K 74 30.01 23.30 27.19
CA GLU K 74 28.86 22.50 27.60
C GLU K 74 28.09 21.94 26.40
N ILE K 75 27.72 20.68 26.49
CA ILE K 75 27.12 19.95 25.38
C ILE K 75 25.61 20.19 25.43
N PRO K 76 25.01 20.69 24.34
CA PRO K 76 23.56 20.80 24.30
C PRO K 76 22.91 19.51 23.80
N GLU K 77 21.59 19.45 23.92
CA GLU K 77 20.83 18.29 23.47
C GLU K 77 20.79 18.26 21.95
N PHE K 78 20.84 17.06 21.38
CA PHE K 78 20.54 16.89 19.95
C PHE K 78 19.02 16.77 19.79
N PRO K 79 18.39 17.77 19.13
CA PRO K 79 16.94 17.77 19.02
C PRO K 79 16.45 16.84 17.91
N ILE K 80 15.34 16.15 18.18
CA ILE K 80 14.69 15.29 17.21
C ILE K 80 13.20 15.50 17.37
N ALA K 81 12.54 16.01 16.33
CA ALA K 81 11.10 16.24 16.36
C ALA K 81 10.40 14.89 16.30
N PRO K 82 9.25 14.76 16.99
CA PRO K 82 8.56 13.46 17.05
C PRO K 82 8.23 12.82 15.68
N GLU K 83 8.03 13.64 14.65
CA GLU K 83 7.57 13.17 13.35
C GLU K 83 8.62 12.41 12.56
N ILE K 84 9.90 12.63 12.87
CA ILE K 84 10.99 11.96 12.16
C ILE K 84 11.70 10.90 13.00
N ALA K 85 11.25 10.70 14.25
CA ALA K 85 11.96 9.85 15.20
C ALA K 85 12.05 8.39 14.75
N LEU K 86 10.93 7.82 14.31
CA LEU K 86 10.89 6.45 13.80
C LEU K 86 11.86 6.23 12.64
N GLU K 87 11.75 7.06 11.62
CA GLU K 87 12.58 6.92 10.42
C GLU K 87 14.05 7.18 10.70
N LEU K 88 14.34 8.15 11.57
CA LEU K 88 15.73 8.46 11.92
C LEU K 88 16.38 7.33 12.74
N LEU K 89 15.60 6.62 13.54
CA LEU K 89 16.07 5.43 14.26
C LEU K 89 16.52 4.34 13.28
N MET K 90 15.74 4.13 12.22
CA MET K 90 16.08 3.18 11.15
C MET K 90 17.39 3.55 10.44
N ALA K 91 17.51 4.82 10.05
CA ALA K 91 18.70 5.30 9.37
C ALA K 91 19.95 5.17 10.23
N ALA K 92 19.83 5.53 11.50
CA ALA K 92 20.95 5.49 12.45
C ALA K 92 21.43 4.07 12.74
N ASN K 93 20.50 3.11 12.76
CA ASN K 93 20.87 1.70 12.88
C ASN K 93 21.77 1.27 11.73
N PHE K 94 21.31 1.50 10.51
CA PHE K 94 22.04 1.15 9.30
C PHE K 94 23.42 1.80 9.23
N LEU K 95 23.47 3.10 9.52
CA LEU K 95 24.71 3.88 9.36
C LEU K 95 25.76 3.70 10.47
N ASP K 96 25.41 3.04 11.58
CA ASP K 96 26.31 2.84 12.72
C ASP K 96 26.88 4.15 13.27
N CYS K 97 26.00 5.15 13.40
CA CYS K 97 26.37 6.45 13.96
C CYS K 97 25.60 6.71 15.25
N VAL L 11 32.03 -5.94 44.11
CA VAL L 11 33.28 -5.18 43.82
C VAL L 11 33.03 -3.67 43.85
N LEU L 12 32.14 -3.18 42.99
CA LEU L 12 31.80 -1.76 42.96
C LEU L 12 30.91 -1.36 44.14
N ARG L 13 31.53 -0.79 45.15
CA ARG L 13 30.83 -0.26 46.32
C ARG L 13 31.65 0.84 46.97
N SER L 14 31.02 1.59 47.86
CA SER L 14 31.68 2.66 48.60
C SER L 14 32.59 2.06 49.68
N VAL L 15 33.78 2.64 49.82
CA VAL L 15 34.71 2.26 50.88
C VAL L 15 34.33 3.03 52.14
N ASN L 16 34.20 2.34 53.27
CA ASN L 16 33.78 2.97 54.52
C ASN L 16 34.98 3.62 55.20
N SER L 17 35.36 4.80 54.70
CA SER L 17 36.50 5.55 55.19
C SER L 17 36.15 6.41 56.40
N ARG L 18 34.93 6.95 56.41
CA ARG L 18 34.45 7.88 57.43
C ARG L 18 35.23 9.20 57.45
N GLU L 19 35.89 9.51 56.35
CA GLU L 19 36.67 10.74 56.22
C GLU L 19 35.88 11.69 55.32
N PRO L 20 35.31 12.77 55.88
CA PRO L 20 34.46 13.66 55.08
C PRO L 20 35.16 14.26 53.85
N SER L 21 34.37 14.43 52.79
CA SER L 21 34.80 15.12 51.58
C SER L 21 33.62 15.97 51.13
N GLN L 22 33.85 17.28 51.03
CA GLN L 22 32.83 18.23 50.62
C GLN L 22 32.89 18.41 49.11
N VAL L 23 31.73 18.32 48.46
CA VAL L 23 31.63 18.24 47.00
C VAL L 23 30.58 19.22 46.48
N ILE L 24 30.81 19.76 45.29
CA ILE L 24 29.78 20.48 44.52
C ILE L 24 29.26 19.56 43.41
N PHE L 25 28.01 19.14 43.50
CA PHE L 25 27.30 18.52 42.38
C PHE L 25 26.81 19.68 41.50
N CAS L 26 27.32 19.76 40.27
CA CAS L 26 27.02 20.86 39.36
CB CAS L 26 28.33 21.60 39.10
C CAS L 26 26.44 20.31 38.08
O CAS L 26 27.14 19.71 37.26
SG CAS L 26 28.16 22.82 37.83
AS CAS L 26 26.78 24.26 38.81
CE1 CAS L 26 27.85 25.69 39.72
CE2 CAS L 26 25.62 25.12 37.44
N ASN L 27 25.13 20.52 37.89
CA ASN L 27 24.41 20.01 36.72
C ASN L 27 24.58 20.93 35.51
N ARG L 28 25.54 20.60 34.64
CA ARG L 28 25.74 21.31 33.38
C ARG L 28 25.10 20.55 32.22
N SER L 29 23.84 20.15 32.40
CA SER L 29 23.11 19.40 31.39
C SER L 29 21.68 19.94 31.34
N PRO L 30 20.94 19.65 30.25
CA PRO L 30 19.54 20.05 30.20
C PRO L 30 18.59 19.05 30.88
N ARG L 31 19.12 17.96 31.43
CA ARG L 31 18.31 16.94 32.09
C ARG L 31 18.17 17.22 33.58
N VAL L 32 17.03 16.83 34.15
CA VAL L 32 16.87 16.77 35.60
C VAL L 32 17.72 15.58 36.05
N VAL L 33 18.67 15.81 36.95
CA VAL L 33 19.68 14.82 37.30
C VAL L 33 19.36 14.10 38.62
N LEU L 34 19.43 12.78 38.58
CA LEU L 34 19.32 11.91 39.75
C LEU L 34 20.72 11.46 40.13
N PRO L 35 21.26 11.97 41.26
CA PRO L 35 22.50 11.40 41.78
C PRO L 35 22.24 10.03 42.41
N VAL L 36 23.15 9.09 42.18
CA VAL L 36 23.03 7.74 42.73
C VAL L 36 24.28 7.35 43.51
N TRP L 37 24.13 7.10 44.80
CA TRP L 37 25.23 6.68 45.66
C TRP L 37 25.25 5.16 45.75
N LEU L 38 26.40 4.56 45.45
CA LEU L 38 26.60 3.12 45.66
C LEU L 38 26.93 2.89 47.13
N ASN L 39 26.03 2.24 47.84
CA ASN L 39 26.17 2.04 49.29
C ASN L 39 27.20 0.96 49.62
N PHE L 40 27.42 0.71 50.91
CA PHE L 40 28.50 -0.18 51.35
C PHE L 40 28.36 -1.63 50.88
N ASP L 41 27.16 -2.01 50.43
CA ASP L 41 26.90 -3.30 49.81
C ASP L 41 26.87 -3.33 48.28
N GLY L 42 27.05 -2.19 47.63
CA GLY L 42 26.99 -2.09 46.16
C GLY L 42 25.64 -1.68 45.60
N GLU L 43 24.68 -1.42 46.49
CA GLU L 43 23.31 -1.12 46.11
C GLU L 43 23.16 0.37 45.78
N PRO L 44 22.56 0.70 44.62
CA PRO L 44 22.40 2.11 44.25
C PRO L 44 21.31 2.78 45.10
N GLN L 45 21.66 3.92 45.71
CA GLN L 45 20.75 4.70 46.54
C GLN L 45 20.47 6.03 45.86
N PRO L 46 19.18 6.30 45.54
CA PRO L 46 18.86 7.58 44.91
C PRO L 46 18.88 8.74 45.92
N TYR L 47 19.38 9.89 45.48
CA TYR L 47 19.44 11.12 46.27
C TYR L 47 18.59 12.18 45.59
N PRO L 48 18.28 13.31 46.27
CA PRO L 48 17.42 14.34 45.69
C PRO L 48 17.89 14.85 44.34
N THR L 49 16.96 15.24 43.48
CA THR L 49 17.27 15.59 42.10
C THR L 49 17.80 17.03 41.94
N LEU L 50 18.68 17.22 40.96
CA LEU L 50 19.16 18.55 40.58
C LEU L 50 18.49 18.98 39.27
N PRO L 51 17.70 20.06 39.30
CA PRO L 51 17.20 20.62 38.03
C PRO L 51 18.31 21.10 37.08
N PRO L 52 18.02 21.22 35.78
CA PRO L 52 19.01 21.70 34.80
C PRO L 52 19.67 23.02 35.20
N GLY L 53 20.98 23.10 35.10
CA GLY L 53 21.73 24.31 35.40
C GLY L 53 21.93 24.69 36.87
N THR L 54 21.63 23.77 37.78
CA THR L 54 21.72 24.04 39.22
C THR L 54 22.91 23.34 39.85
N GLY L 55 23.33 23.85 41.00
CA GLY L 55 24.46 23.33 41.74
C GLY L 55 24.11 23.20 43.20
N ARG L 56 24.66 22.18 43.86
CA ARG L 56 24.49 21.99 45.30
C ARG L 56 25.78 21.55 45.97
N ARG L 57 26.08 22.18 47.10
CA ARG L 57 27.19 21.78 47.95
C ARG L 57 26.68 20.66 48.84
N ILE L 58 27.36 19.52 48.84
CA ILE L 58 26.90 18.33 49.55
C ILE L 58 28.01 17.66 50.36
N HIS L 59 27.60 16.98 51.43
CA HIS L 59 28.55 16.29 52.32
C HIS L 59 28.64 14.83 51.91
N SER L 60 29.84 14.38 51.55
CA SER L 60 30.09 12.97 51.23
C SER L 60 31.36 12.51 51.96
N TYR L 61 31.99 11.44 51.49
CA TYR L 61 33.16 10.86 52.16
C TYR L 61 34.17 10.36 51.15
N ARG L 62 35.43 10.30 51.56
CA ARG L 62 36.50 9.83 50.68
C ARG L 62 36.26 8.36 50.31
N GLY L 63 36.45 8.03 49.04
CA GLY L 63 36.27 6.67 48.55
C GLY L 63 34.83 6.22 48.32
N HIS L 64 33.87 7.11 48.49
CA HIS L 64 32.47 6.80 48.17
C HIS L 64 32.26 6.87 46.67
N LEU L 65 31.39 6.02 46.13
CA LEU L 65 31.16 5.95 44.69
C LEU L 65 29.82 6.60 44.35
N TRP L 66 29.83 7.40 43.27
CA TRP L 66 28.64 8.07 42.78
C TRP L 66 28.52 7.92 41.27
N LEU L 67 27.29 7.92 40.79
CA LEU L 67 27.00 8.06 39.37
C LEU L 67 25.72 8.88 39.22
N PHE L 68 25.46 9.34 38.00
CA PHE L 68 24.42 10.34 37.74
C PHE L 68 23.61 9.97 36.50
N ARG L 69 22.28 10.12 36.62
CA ARG L 69 21.33 9.69 35.60
C ARG L 69 20.24 10.74 35.41
N ASP L 70 19.52 10.63 34.30
CA ASP L 70 18.30 11.39 34.08
C ASP L 70 17.24 10.83 35.04
N ALA L 71 16.65 11.72 35.85
CA ALA L 71 15.70 11.31 36.87
C ALA L 71 14.39 10.74 36.29
N GLY L 72 14.04 11.12 35.07
CA GLY L 72 12.82 10.65 34.43
C GLY L 72 12.97 9.36 33.63
N THR L 73 14.11 9.21 32.95
CA THR L 73 14.34 8.10 32.02
C THR L 73 15.50 7.16 32.37
N HIS L 74 16.35 7.55 33.33
CA HIS L 74 17.56 6.82 33.69
C HIS L 74 18.64 6.75 32.61
N ASP L 75 18.58 7.62 31.59
CA ASP L 75 19.66 7.75 30.62
C ASP L 75 20.94 8.05 31.38
N GLY L 76 22.03 7.40 30.97
CA GLY L 76 23.33 7.62 31.59
C GLY L 76 23.86 9.02 31.29
N LEU L 77 24.55 9.59 32.28
CA LEU L 77 25.18 10.90 32.15
C LEU L 77 26.63 10.78 32.60
N LEU L 78 27.44 11.78 32.25
CA LEU L 78 28.85 11.81 32.60
C LEU L 78 29.09 12.74 33.76
N VAL L 79 30.16 12.46 34.52
CA VAL L 79 30.58 13.27 35.66
C VAL L 79 32.11 13.38 35.54
N ASN L 80 32.61 14.60 35.46
CA ASN L 80 34.00 14.86 35.10
C ASN L 80 34.50 13.97 33.95
N GLN L 81 33.69 13.90 32.89
CA GLN L 81 34.01 13.20 31.64
C GLN L 81 34.05 11.67 31.72
N THR L 82 33.51 11.10 32.80
CA THR L 82 33.50 9.65 32.97
C THR L 82 32.28 9.16 33.73
N GLU L 83 32.23 7.85 34.00
CA GLU L 83 31.05 7.19 34.51
C GLU L 83 30.85 7.44 36.00
N LEU L 84 31.92 7.24 36.77
CA LEU L 84 31.84 7.21 38.22
C LEU L 84 32.61 8.37 38.82
N PHE L 85 32.08 8.91 39.91
CA PHE L 85 32.73 9.98 40.67
C PHE L 85 33.11 9.47 42.05
N VAL L 86 34.35 9.75 42.47
CA VAL L 86 34.89 9.34 43.78
C VAL L 86 35.45 10.57 44.50
N PRO L 87 34.82 11.01 45.61
CA PRO L 87 35.35 12.17 46.33
C PRO L 87 36.77 11.94 46.86
N SER L 88 37.63 12.93 46.62
CA SER L 88 39.02 12.91 47.10
C SER L 88 39.15 13.76 48.37
N LEU L 89 40.37 13.82 48.91
CA LEU L 89 40.71 14.72 50.01
C LEU L 89 40.61 16.18 49.56
N ASN L 90 40.06 17.04 50.41
CA ASN L 90 39.93 18.47 50.13
C ASN L 90 41.28 19.18 50.30
N VAL L 91 41.70 19.93 49.27
CA VAL L 91 43.06 20.48 49.23
C VAL L 91 43.30 21.63 50.22
N ASP L 92 42.41 22.62 50.25
CA ASP L 92 42.62 23.83 51.05
C ASP L 92 41.30 24.55 51.35
N GLY L 93 40.40 23.84 52.03
CA GLY L 93 39.02 24.31 52.25
C GLY L 93 38.26 24.49 50.95
N GLN L 94 38.61 23.67 49.95
CA GLN L 94 38.14 23.82 48.58
C GLN L 94 37.37 22.56 48.23
N PRO L 95 36.08 22.69 47.85
CA PRO L 95 35.30 21.50 47.56
C PRO L 95 35.69 20.89 46.22
N ILE L 96 35.44 19.59 46.08
CA ILE L 96 35.72 18.88 44.84
C ILE L 96 34.54 19.16 43.91
N PHE L 97 34.82 19.46 42.65
CA PHE L 97 33.76 19.69 41.68
C PHE L 97 33.41 18.40 40.94
N ALA L 98 32.12 18.09 40.90
CA ALA L 98 31.58 17.00 40.12
C ALA L 98 30.71 17.61 39.02
N ASN L 99 31.32 17.83 37.86
CA ASN L 99 30.65 18.46 36.73
C ASN L 99 29.87 17.42 35.95
N ILE L 100 28.55 17.49 36.04
CA ILE L 100 27.65 16.53 35.40
C ILE L 100 27.21 17.07 34.04
N THR L 101 27.45 16.28 32.99
CA THR L 101 27.20 16.71 31.61
C THR L 101 26.50 15.63 30.79
N LEU L 102 25.84 16.05 29.72
CA LEU L 102 25.38 15.12 28.69
C LEU L 102 26.59 14.52 27.99
N PRO L 103 26.53 13.20 27.72
CA PRO L 103 27.49 12.66 26.76
C PRO L 103 27.02 12.96 25.34
N VAL L 104 27.93 12.73 24.39
CA VAL L 104 27.56 12.74 22.99
C VAL L 104 26.99 11.36 22.71
N TYR L 105 25.68 11.21 22.91
CA TYR L 105 25.02 9.95 22.58
C TYR L 105 25.19 9.61 21.09
N THR L 106 25.13 8.32 20.78
CA THR L 106 25.03 7.89 19.40
C THR L 106 23.70 8.40 18.87
N LEU L 107 23.62 8.67 17.56
CA LEU L 107 22.35 9.01 16.93
C LEU L 107 21.32 7.93 17.22
N LYS L 108 21.72 6.66 17.13
CA LYS L 108 20.84 5.54 17.46
C LYS L 108 20.27 5.63 18.89
N GLU L 109 21.13 5.87 19.88
CA GLU L 109 20.68 5.94 21.27
C GLU L 109 19.77 7.13 21.52
N ARG L 110 20.12 8.28 20.95
CA ARG L 110 19.26 9.48 21.05
C ARG L 110 17.90 9.25 20.40
N CYS L 111 17.89 8.64 19.23
CA CYS L 111 16.63 8.23 18.58
C CYS L 111 15.82 7.27 19.46
N LEU L 112 16.47 6.31 20.10
CA LEU L 112 15.78 5.38 20.99
C LEU L 112 15.16 6.13 22.18
N GLN L 113 15.88 7.12 22.72
CA GLN L 113 15.37 7.94 23.83
C GLN L 113 14.08 8.64 23.44
N VAL L 114 14.11 9.31 22.29
CA VAL L 114 12.96 10.09 21.82
C VAL L 114 11.75 9.21 21.53
N VAL L 115 11.98 8.06 20.89
CA VAL L 115 10.90 7.12 20.60
C VAL L 115 10.32 6.54 21.89
N ARG L 116 11.17 6.21 22.86
CA ARG L 116 10.71 5.70 24.17
C ARG L 116 9.80 6.70 24.91
N SER L 117 10.03 7.99 24.74
CA SER L 117 9.22 9.02 25.38
C SER L 117 7.85 9.22 24.72
N LEU L 118 7.69 8.78 23.48
CA LEU L 118 6.46 8.96 22.71
C LEU L 118 5.57 7.71 22.63
N VAL L 119 6.19 6.54 22.61
CA VAL L 119 5.48 5.26 22.49
C VAL L 119 5.51 4.52 23.83
N LYS L 120 4.41 3.83 24.15
CA LYS L 120 4.31 3.08 25.41
C LYS L 120 5.17 1.83 25.37
N PRO L 121 5.54 1.28 26.54
CA PRO L 121 6.29 0.01 26.61
C PRO L 121 5.62 -1.19 25.94
N GLU L 122 4.29 -1.27 26.05
CA GLU L 122 3.53 -2.35 25.42
C GLU L 122 3.47 -2.25 23.89
N ASN L 123 3.65 -1.04 23.35
CA ASN L 123 3.47 -0.75 21.92
C ASN L 123 4.72 -0.79 21.04
N TYR L 124 5.90 -1.02 21.60
CA TYR L 124 7.15 -1.03 20.81
C TYR L 124 7.14 -2.08 19.70
N ARG L 125 6.57 -3.24 19.97
CA ARG L 125 6.50 -4.34 19.00
C ARG L 125 5.48 -4.09 17.87
N ARG L 126 4.52 -3.18 18.11
CA ARG L 126 3.61 -2.71 17.07
C ARG L 126 4.26 -1.82 16.00
N LEU L 127 5.43 -1.27 16.31
CA LEU L 127 6.15 -0.36 15.39
C LEU L 127 6.70 -1.12 14.19
N ASP L 128 6.63 -0.50 13.01
CA ASP L 128 7.09 -1.15 11.79
C ASP L 128 8.57 -0.86 11.57
N ILE L 129 9.42 -1.65 12.25
CA ILE L 129 10.87 -1.57 12.11
C ILE L 129 11.51 -2.95 12.16
N VAL L 130 12.82 -2.99 11.87
CA VAL L 130 13.64 -4.20 11.95
C VAL L 130 13.60 -4.76 13.38
N ARG L 131 13.54 -6.08 13.49
CA ARG L 131 13.24 -6.74 14.76
C ARG L 131 14.29 -6.58 15.87
N SER L 132 15.55 -6.35 15.50
CA SER L 132 16.61 -6.08 16.46
C SER L 132 16.44 -4.74 17.21
N LEU L 133 15.81 -3.76 16.56
CA LEU L 133 15.46 -2.50 17.21
C LEU L 133 14.38 -2.62 18.28
N TYR L 134 13.56 -3.67 18.22
CA TYR L 134 12.59 -3.96 19.30
C TYR L 134 13.35 -4.26 20.59
N GLU L 135 14.34 -5.15 20.51
CA GLU L 135 15.22 -5.46 21.64
C GLU L 135 15.91 -4.21 22.19
N ASP L 136 16.36 -3.34 21.30
CA ASP L 136 17.03 -2.10 21.68
C ASP L 136 16.10 -1.15 22.45
N LEU L 137 14.88 -0.95 21.94
CA LEU L 137 13.86 -0.12 22.59
C LEU L 137 13.43 -0.63 23.97
N GLU L 138 13.25 -1.94 24.08
CA GLU L 138 12.72 -2.56 25.29
C GLU L 138 13.80 -2.63 26.37
N ASP L 139 15.07 -2.63 25.96
CA ASP L 139 16.22 -2.59 26.86
C ASP L 139 16.41 -1.16 27.39
N HIS L 140 15.54 -0.78 28.33
CA HIS L 140 15.60 0.54 28.97
C HIS L 140 16.93 0.72 29.70
N PRO L 141 17.49 1.94 29.68
CA PRO L 141 18.66 2.21 30.51
C PRO L 141 18.41 1.87 31.97
N ASN L 142 19.27 1.03 32.53
CA ASN L 142 19.09 0.47 33.87
C ASN L 142 20.41 0.59 34.62
N VAL L 143 20.36 1.21 35.80
CA VAL L 143 21.54 1.40 36.64
C VAL L 143 22.22 0.07 36.96
N GLN L 144 21.42 -0.93 37.35
CA GLN L 144 21.95 -2.24 37.74
C GLN L 144 22.70 -2.91 36.59
N LYS L 145 22.12 -2.90 35.39
CA LYS L 145 22.78 -3.45 34.20
C LYS L 145 24.09 -2.74 33.84
N ASP L 146 24.12 -1.41 34.01
CA ASP L 146 25.35 -0.64 33.84
C ASP L 146 26.40 -0.99 34.90
N LEU L 147 25.97 -1.21 36.13
CA LEU L 147 26.86 -1.67 37.19
C LEU L 147 27.39 -3.08 36.90
N GLU L 148 26.57 -3.96 36.33
CA GLU L 148 27.03 -5.27 35.88
C GLU L 148 28.11 -5.12 34.79
N ARG L 149 27.88 -4.19 33.87
CA ARG L 149 28.83 -3.89 32.79
C ARG L 149 30.14 -3.26 33.29
N LEU L 150 30.03 -2.28 34.18
CA LEU L 150 31.20 -1.64 34.77
C LEU L 150 32.02 -2.60 35.63
N THR L 151 31.35 -3.53 36.32
CA THR L 151 32.01 -4.56 37.12
C THR L 151 32.79 -5.54 36.25
N GLN L 152 32.23 -5.91 35.09
CA GLN L 152 32.94 -6.71 34.10
C GLN L 152 33.94 -5.86 33.31
N GLU L 153 34.98 -5.39 33.99
CA GLU L 153 35.93 -4.43 33.42
C GLU L 153 37.10 -4.19 34.37
CAA DV5 M . 24.08 -18.78 18.00
CAT DV5 M . 23.91 -18.30 16.56
OAD DV5 M . 24.89 -18.00 15.87
NAR DV5 M . 22.64 -18.23 16.13
CBB DV5 M . 22.31 -17.78 14.77
CAC DV5 M . 20.84 -18.15 14.49
CAV DV5 M . 22.44 -16.25 14.59
SAG DV5 M . 22.10 -15.30 15.91
N DV5 M . 22.75 -15.72 13.39
CD2 DV5 M . 23.09 -16.50 12.18
CG DV5 M . 23.82 -15.55 11.25
OD1 DV5 M . 25.21 -15.49 11.60
CB DV5 M . 23.20 -14.21 11.56
CA DV5 M . 22.84 -14.24 13.04
C DV5 M . 21.63 -13.57 13.19
O DV5 M . 20.57 -14.20 13.09
NAQ DV5 M . 21.66 -12.24 13.42
CAM DV5 M . 20.43 -11.46 13.56
CAX DV5 M . 20.04 -10.94 12.30
CAI DV5 M . 18.72 -10.51 12.15
CAK DV5 M . 18.25 -9.99 10.94
CAH DV5 M . 20.88 -10.83 11.19
CAJ DV5 M . 20.41 -10.31 9.98
CAY DV5 M . 19.10 -9.87 9.84
CAZ DV5 M . 18.69 -9.36 8.66
SAS DV5 M . 19.08 -10.01 7.16
CAL DV5 M . 18.24 -8.87 6.27
NAP DV5 M . 17.69 -8.02 7.13
CAW DV5 M . 17.93 -8.27 8.43
CAB DV5 M . 17.33 -7.34 9.48
CAA DV5 N . -21.77 -25.19 20.39
CAT DV5 N . -22.05 -24.82 18.93
OAD DV5 N . -21.13 -24.61 18.15
NAR DV5 N . -23.36 -24.72 18.63
CBB DV5 N . -23.79 -24.36 17.27
CAC DV5 N . -25.24 -24.81 17.06
CAV DV5 N . -23.71 -22.83 17.06
SAG DV5 N . -24.06 -21.85 18.37
N DV5 N . -23.44 -22.33 15.84
CD2 DV5 N . -23.11 -23.13 14.62
CG DV5 N . -22.51 -22.16 13.61
OD1 DV5 N . -21.07 -22.17 13.69
CB DV5 N . -23.05 -20.80 14.00
CA DV5 N . -23.39 -20.85 15.48
C DV5 N . -24.64 -20.23 15.65
O DV5 N . -25.67 -20.88 15.55
NAQ DV5 N . -24.62 -18.90 15.89
CAM DV5 N . -25.89 -18.15 16.04
CAX DV5 N . -26.29 -17.61 14.80
CAI DV5 N . -27.63 -17.23 14.66
CAK DV5 N . -28.11 -16.70 13.46
CAH DV5 N . -25.44 -17.44 13.70
CAJ DV5 N . -25.93 -16.92 12.50
CAY DV5 N . -27.26 -16.52 12.36
CAZ DV5 N . -27.70 -16.01 11.21
SAS DV5 N . -27.42 -16.70 9.67
CAL DV5 N . -28.27 -15.52 8.84
NAP DV5 N . -28.74 -14.64 9.73
CAW DV5 N . -28.43 -14.90 11.01
CAB DV5 N . -28.92 -13.94 12.10
CAA DV5 O . -18.48 -0.03 59.89
CAT DV5 O . -18.69 0.34 58.43
OAD DV5 O . -17.72 0.48 57.67
NAR DV5 O . -19.96 0.50 58.05
CBB DV5 O . -20.34 0.87 56.68
CAC DV5 O . -21.79 0.42 56.46
CAV DV5 O . -20.28 2.40 56.44
SAG DV5 O . -20.60 3.39 57.72
N DV5 O . -20.04 2.87 55.19
CD2 DV5 O . -19.76 2.06 53.98
CG DV5 O . -19.16 3.00 52.95
OD1 DV5 O . -17.74 3.07 53.11
CB DV5 O . -19.76 4.35 53.30
CA DV5 O . -20.02 4.33 54.80
C DV5 O . -21.25 4.97 55.02
O DV5 O . -22.29 4.31 55.06
NAQ DV5 O . -21.22 6.31 55.14
CAM DV5 O . -22.44 7.09 55.33
CAX DV5 O . -22.90 7.57 54.09
CAI DV5 O . -24.25 7.93 53.97
CAK DV5 O . -24.78 8.41 52.77
CAH DV5 O . -22.09 7.74 52.95
CAJ DV5 O . -22.62 8.22 51.75
CAY DV5 O . -23.96 8.57 51.65
CAZ DV5 O . -24.45 9.03 50.48
SAS DV5 O . -24.13 8.34 48.98
CAL DV5 O . -25.04 9.46 48.11
NAP DV5 O . -25.55 10.33 48.98
CAW DV5 O . -25.23 10.11 50.27
CAB DV5 O . -25.76 11.06 51.34
CAA DV5 P . 27.76 6.64 57.51
CAT DV5 P . 27.57 7.07 56.05
OAD DV5 P . 28.55 7.29 55.33
NAR DV5 P . 26.29 7.19 55.67
CBB DV5 P . 25.94 7.60 54.30
CAC DV5 P . 24.49 7.17 54.03
CAV DV5 P . 26.04 9.13 54.08
SAG DV5 P . 25.79 10.09 55.38
N DV5 P . 26.24 9.62 52.84
CD2 DV5 P . 26.49 8.81 51.61
CG DV5 P . 27.16 9.74 50.63
OD1 DV5 P . 28.57 9.76 50.87
CB DV5 P . 26.57 11.10 50.96
CA DV5 P . 26.31 11.08 52.46
C DV5 P . 25.09 11.75 52.68
O DV5 P . 24.04 11.12 52.66
NAQ DV5 P . 25.14 13.08 52.83
CAM DV5 P . 23.90 13.87 53.00
CAX DV5 P . 23.47 14.34 51.74
CAI DV5 P . 22.15 14.75 51.60
CAK DV5 P . 21.65 15.23 50.39
CAH DV5 P . 24.29 14.43 50.61
CAJ DV5 P . 23.80 14.91 49.39
CAY DV5 P . 22.47 15.32 49.25
CAZ DV5 P . 22.04 15.78 48.07
SAS DV5 P . 22.37 15.08 46.57
CAL DV5 P . 21.52 16.20 45.67
NAP DV5 P . 21.01 17.09 46.54
CAW DV5 P . 21.29 16.87 47.83
CAB DV5 P . 20.74 17.84 48.88
#